data_3ISA
#
_entry.id   3ISA
#
_cell.length_a   203.837
_cell.length_b   120.825
_cell.length_c   78.577
_cell.angle_alpha   90.00
_cell.angle_beta   110.37
_cell.angle_gamma   90.00
#
_symmetry.space_group_name_H-M   'C 1 2 1'
#
loop_
_entity.id
_entity.type
_entity.pdbx_description
1 polymer 'Putative enoyl-CoA hydratase/isomerase'
2 non-polymer 'CHLORIDE ION'
3 non-polymer GLYCEROL
4 water water
#
_entity_poly.entity_id   1
_entity_poly.type   'polypeptide(L)'
_entity_poly.pdbx_seq_one_letter_code
;MSLSASLPLAIERRPAAWTFTLSRPEKRNALSAELVEALIDGVDAAHREQVPLLVFAGAGRNFSAGFDFTDYETQSEGDL
LLRMVRIEMLLQRVAGSPSLTLALAHGRNFGAGVDLFAACKWRYCTPEAGFRMPGLKFGLVLGTRRFRDIVGADQALSIL
GSARAFDADEARRIGFVRDCAAQAQWPALIDAAAEAATALDPATRATLHRVLRDDHDDADLAALARSAAQPGFKARIRDY
LAQPAAEGHHHHHH
;
_entity_poly.pdbx_strand_id   A,B,C,D,E,F
#
loop_
_chem_comp.id
_chem_comp.type
_chem_comp.name
_chem_comp.formula
CL non-polymer 'CHLORIDE ION' 'Cl -1'
GOL non-polymer GLYCEROL 'C3 H8 O3'
#
# COMPACT_ATOMS: atom_id res chain seq x y z
N SER A 4 -5.13 -36.11 26.79
CA SER A 4 -6.41 -36.89 26.84
C SER A 4 -6.52 -37.97 25.75
N ALA A 5 -7.62 -38.73 25.79
CA ALA A 5 -7.75 -39.99 25.04
C ALA A 5 -8.78 -39.94 23.90
N SER A 6 -9.52 -38.84 23.83
CA SER A 6 -10.44 -38.61 22.73
CA SER A 6 -10.43 -38.62 22.72
C SER A 6 -9.62 -38.27 21.49
N LEU A 7 -10.25 -38.36 20.33
CA LEU A 7 -9.59 -37.95 19.11
C LEU A 7 -10.59 -36.99 18.44
N PRO A 8 -10.59 -35.70 18.88
CA PRO A 8 -11.49 -34.70 18.27
C PRO A 8 -11.13 -34.37 16.82
N LEU A 9 -9.89 -34.67 16.44
CA LEU A 9 -9.40 -34.53 15.08
C LEU A 9 -8.65 -35.76 14.63
N ALA A 10 -9.16 -36.41 13.58
CA ALA A 10 -8.49 -37.53 12.98
C ALA A 10 -7.69 -37.03 11.77
N ILE A 11 -6.45 -37.49 11.66
CA ILE A 11 -5.61 -37.13 10.52
C ILE A 11 -5.16 -38.39 9.78
N GLU A 12 -5.53 -38.52 8.51
CA GLU A 12 -5.01 -39.58 7.66
C GLU A 12 -3.86 -39.01 6.84
N ARG A 13 -2.71 -39.68 6.86
CA ARG A 13 -1.53 -39.21 6.14
C ARG A 13 -1.16 -40.14 4.97
N ARG A 14 -1.02 -39.52 3.80
CA ARG A 14 -0.59 -40.18 2.55
C ARG A 14 0.42 -39.26 1.90
N PRO A 15 1.27 -39.79 1.01
CA PRO A 15 2.29 -38.91 0.38
C PRO A 15 1.74 -37.66 -0.32
N ALA A 16 0.60 -37.76 -1.00
CA ALA A 16 0.06 -36.62 -1.77
C ALA A 16 -0.92 -35.76 -0.95
N ALA A 17 -1.47 -36.33 0.12
CA ALA A 17 -2.60 -35.72 0.82
C ALA A 17 -2.70 -36.12 2.29
N TRP A 18 -3.03 -35.14 3.14
CA TRP A 18 -3.46 -35.39 4.49
C TRP A 18 -4.92 -35.01 4.57
N THR A 19 -5.70 -35.88 5.18
CA THR A 19 -7.12 -35.63 5.37
C THR A 19 -7.36 -35.40 6.85
N PHE A 20 -7.87 -34.21 7.15
CA PHE A 20 -8.20 -33.76 8.49
C PHE A 20 -9.70 -33.95 8.64
N THR A 21 -10.12 -34.92 9.46
CA THR A 21 -11.55 -35.10 9.70
C THR A 21 -11.88 -34.55 11.09
N LEU A 22 -12.67 -33.47 11.11
CA LEU A 22 -13.24 -32.97 12.37
C LEU A 22 -14.14 -34.04 12.92
N SER A 23 -13.91 -34.41 14.18
CA SER A 23 -14.49 -35.64 14.72
C SER A 23 -15.12 -35.41 16.08
N ARG A 24 -16.04 -34.46 16.13
CA ARG A 24 -16.92 -34.29 17.27
C ARG A 24 -18.36 -34.38 16.79
N PRO A 25 -18.77 -35.55 16.24
CA PRO A 25 -20.06 -35.63 15.55
C PRO A 25 -21.28 -35.49 16.48
N GLU A 26 -21.08 -35.67 17.79
CA GLU A 26 -22.16 -35.46 18.76
C GLU A 26 -22.27 -34.00 19.17
N LYS A 27 -21.24 -33.20 18.87
CA LYS A 27 -21.24 -31.76 19.16
CA LYS A 27 -21.27 -31.76 19.16
C LYS A 27 -21.26 -30.92 17.87
N ARG A 28 -21.80 -31.48 16.79
CA ARG A 28 -21.88 -30.82 15.47
C ARG A 28 -20.51 -30.31 14.99
N ASN A 29 -19.46 -31.03 15.35
CA ASN A 29 -18.07 -30.66 15.05
C ASN A 29 -17.71 -29.22 15.45
N ALA A 30 -18.26 -28.79 16.57
CA ALA A 30 -18.02 -27.44 17.05
C ALA A 30 -16.57 -27.30 17.50
N LEU A 31 -16.05 -26.08 17.35
CA LEU A 31 -14.66 -25.81 17.62
C LEU A 31 -14.42 -25.46 19.10
N SER A 32 -14.09 -26.49 19.88
CA SER A 32 -13.57 -26.30 21.24
C SER A 32 -12.14 -25.79 21.11
N ALA A 33 -11.60 -25.25 22.20
CA ALA A 33 -10.21 -24.82 22.22
C ALA A 33 -9.27 -25.98 21.83
N GLU A 34 -9.55 -27.18 22.33
CA GLU A 34 -8.76 -28.38 22.02
C GLU A 34 -8.77 -28.74 20.53
N LEU A 35 -9.95 -28.73 19.88
CA LEU A 35 -10.00 -29.02 18.44
C LEU A 35 -9.22 -27.97 17.62
N VAL A 36 -9.37 -26.69 17.96
CA VAL A 36 -8.62 -25.62 17.27
C VAL A 36 -7.11 -25.85 17.41
N GLU A 37 -6.65 -26.19 18.62
CA GLU A 37 -5.21 -26.44 18.81
C GLU A 37 -4.73 -27.67 18.04
N ALA A 38 -5.56 -28.72 18.02
CA ALA A 38 -5.26 -29.92 17.23
C ALA A 38 -5.10 -29.58 15.72
N LEU A 39 -6.04 -28.78 15.21
CA LEU A 39 -5.98 -28.30 13.82
C LEU A 39 -4.75 -27.45 13.53
N ILE A 40 -4.40 -26.52 14.43
CA ILE A 40 -3.18 -25.71 14.27
C ILE A 40 -1.93 -26.60 14.24
N ASP A 41 -1.82 -27.52 15.18
CA ASP A 41 -0.71 -28.47 15.23
C ASP A 41 -0.61 -29.29 13.93
N GLY A 42 -1.75 -29.76 13.43
CA GLY A 42 -1.75 -30.62 12.24
C GLY A 42 -1.37 -29.87 10.97
N VAL A 43 -1.89 -28.65 10.85
CA VAL A 43 -1.65 -27.81 9.67
C VAL A 43 -0.18 -27.35 9.70
N ASP A 44 0.35 -27.07 10.89
CA ASP A 44 1.79 -26.71 11.02
C ASP A 44 2.72 -27.85 10.64
N ALA A 45 2.37 -29.06 11.08
CA ALA A 45 3.10 -30.28 10.75
C ALA A 45 3.08 -30.52 9.23
N ALA A 46 1.91 -30.38 8.60
CA ALA A 46 1.79 -30.52 7.15
C ALA A 46 2.66 -29.51 6.38
N HIS A 47 2.73 -28.28 6.88
CA HIS A 47 3.56 -27.21 6.29
CA HIS A 47 3.53 -27.25 6.24
C HIS A 47 5.02 -27.63 6.33
N ARG A 48 5.46 -28.05 7.51
CA ARG A 48 6.85 -28.51 7.68
C ARG A 48 7.15 -29.68 6.75
N GLU A 49 6.16 -30.54 6.54
CA GLU A 49 6.37 -31.79 5.77
C GLU A 49 6.05 -31.61 4.27
N GLN A 50 5.73 -30.39 3.87
CA GLN A 50 5.41 -30.02 2.48
C GLN A 50 4.36 -30.91 1.82
N VAL A 51 3.31 -31.22 2.57
CA VAL A 51 2.22 -32.05 2.05
C VAL A 51 1.52 -31.29 0.87
N PRO A 52 1.44 -31.92 -0.33
CA PRO A 52 0.81 -31.25 -1.49
C PRO A 52 -0.65 -30.78 -1.28
N LEU A 53 -1.48 -31.64 -0.68
CA LEU A 53 -2.92 -31.39 -0.53
C LEU A 53 -3.41 -31.62 0.89
N LEU A 54 -4.16 -30.65 1.43
CA LEU A 54 -4.85 -30.81 2.70
C LEU A 54 -6.34 -30.91 2.41
N VAL A 55 -6.95 -31.98 2.89
CA VAL A 55 -8.39 -32.20 2.76
C VAL A 55 -9.04 -31.98 4.12
N PHE A 56 -10.13 -31.21 4.14
CA PHE A 56 -10.91 -30.99 5.37
C PHE A 56 -12.32 -31.52 5.21
N ALA A 57 -12.75 -32.33 6.17
CA ALA A 57 -14.10 -32.88 6.19
C ALA A 57 -14.57 -33.03 7.63
N GLY A 58 -15.88 -33.25 7.83
CA GLY A 58 -16.41 -33.45 9.18
C GLY A 58 -17.08 -34.81 9.27
N ALA A 59 -16.85 -35.52 10.38
CA ALA A 59 -17.59 -36.76 10.70
C ALA A 59 -19.05 -36.46 11.07
N GLY A 60 -19.93 -37.45 10.91
CA GLY A 60 -21.31 -37.26 11.35
C GLY A 60 -22.11 -36.46 10.34
N ARG A 61 -22.97 -35.59 10.84
CA ARG A 61 -23.98 -34.93 10.03
C ARG A 61 -23.56 -33.61 9.36
N ASN A 62 -22.42 -33.03 9.75
CA ASN A 62 -22.01 -31.74 9.16
C ASN A 62 -20.50 -31.54 8.99
N PHE A 63 -20.12 -30.36 8.51
CA PHE A 63 -18.71 -29.99 8.44
C PHE A 63 -18.29 -29.44 9.79
N SER A 64 -18.85 -28.29 10.18
CA SER A 64 -18.64 -27.72 11.51
C SER A 64 -19.66 -26.62 11.85
N ALA A 65 -20.08 -26.63 13.11
CA ALA A 65 -20.94 -25.58 13.68
C ALA A 65 -20.16 -24.38 14.23
N GLY A 66 -18.86 -24.32 13.99
CA GLY A 66 -18.06 -23.15 14.42
C GLY A 66 -17.81 -23.17 15.92
N PHE A 67 -17.58 -21.99 16.50
CA PHE A 67 -17.22 -21.87 17.93
C PHE A 67 -18.11 -22.70 18.85
N ASP A 68 -17.50 -23.50 19.71
CA ASP A 68 -18.26 -24.29 20.69
C ASP A 68 -18.69 -23.40 21.86
N PHE A 69 -19.99 -23.14 21.94
CA PHE A 69 -20.55 -22.29 23.01
C PHE A 69 -20.93 -23.05 24.30
N THR A 70 -20.74 -24.37 24.31
CA THR A 70 -20.95 -25.19 25.53
C THR A 70 -20.10 -24.62 26.67
N ASP A 71 -20.76 -24.27 27.78
CA ASP A 71 -20.05 -23.73 28.94
C ASP A 71 -19.26 -22.45 28.65
N TYR A 72 -19.79 -21.60 27.75
CA TYR A 72 -19.20 -20.27 27.55
C TYR A 72 -19.45 -19.39 28.77
N GLU A 73 -20.53 -19.67 29.50
CA GLU A 73 -20.86 -18.94 30.73
C GLU A 73 -19.77 -19.05 31.80
N THR A 74 -19.04 -20.17 31.80
CA THR A 74 -18.02 -20.39 32.81
C THR A 74 -16.64 -19.92 32.35
N GLN A 75 -16.57 -19.40 31.14
CA GLN A 75 -15.32 -18.85 30.62
CA GLN A 75 -15.32 -18.84 30.63
C GLN A 75 -15.35 -17.32 30.67
N SER A 76 -14.21 -16.72 30.97
CA SER A 76 -14.14 -15.25 31.07
C SER A 76 -14.19 -14.59 29.68
N GLU A 77 -14.41 -13.30 29.64
CA GLU A 77 -14.36 -12.57 28.38
CA GLU A 77 -14.30 -12.53 28.43
C GLU A 77 -12.96 -12.76 27.71
N GLY A 78 -11.92 -12.75 28.48
CA GLY A 78 -10.58 -13.05 28.01
C GLY A 78 -10.42 -14.45 27.42
N ASP A 79 -10.99 -15.46 28.08
CA ASP A 79 -10.90 -16.85 27.60
C ASP A 79 -11.54 -16.92 26.23
N LEU A 80 -12.68 -16.25 26.07
CA LEU A 80 -13.39 -16.23 24.80
C LEU A 80 -12.60 -15.50 23.71
N LEU A 81 -11.97 -14.38 24.05
CA LEU A 81 -11.14 -13.62 23.09
C LEU A 81 -9.98 -14.49 22.62
N LEU A 82 -9.28 -15.12 23.56
CA LEU A 82 -8.20 -16.05 23.22
C LEU A 82 -8.62 -17.13 22.24
N ARG A 83 -9.75 -17.79 22.52
CA ARG A 83 -10.23 -18.84 21.62
C ARG A 83 -10.55 -18.30 20.21
N MET A 84 -11.11 -17.10 20.13
CA MET A 84 -11.41 -16.49 18.83
C MET A 84 -10.12 -16.12 18.08
N VAL A 85 -9.14 -15.60 18.81
CA VAL A 85 -7.86 -15.23 18.23
C VAL A 85 -7.16 -16.46 17.67
N ARG A 86 -7.18 -17.57 18.43
CA ARG A 86 -6.62 -18.85 17.96
C ARG A 86 -7.34 -19.37 16.71
N ILE A 87 -8.66 -19.20 16.64
CA ILE A 87 -9.43 -19.60 15.45
C ILE A 87 -8.99 -18.78 14.23
N GLU A 88 -8.89 -17.46 14.37
CA GLU A 88 -8.40 -16.61 13.28
C GLU A 88 -6.96 -16.99 12.86
N MET A 89 -6.09 -17.27 13.82
CA MET A 89 -4.74 -17.72 13.50
C MET A 89 -4.76 -19.03 12.71
N LEU A 90 -5.65 -19.96 13.10
CA LEU A 90 -5.83 -21.21 12.36
C LEU A 90 -6.28 -20.91 10.93
N LEU A 91 -7.31 -20.08 10.79
CA LEU A 91 -7.87 -19.73 9.50
C LEU A 91 -6.83 -19.11 8.56
N GLN A 92 -5.96 -18.27 9.12
CA GLN A 92 -4.90 -17.64 8.35
C GLN A 92 -3.86 -18.64 7.89
N ARG A 93 -3.52 -19.62 8.73
CA ARG A 93 -2.60 -20.71 8.38
C ARG A 93 -3.14 -21.57 7.24
N VAL A 94 -4.43 -21.90 7.30
CA VAL A 94 -5.08 -22.64 6.22
C VAL A 94 -5.15 -21.79 4.94
N ALA A 95 -5.68 -20.56 5.06
CA ALA A 95 -5.80 -19.65 3.89
C ALA A 95 -4.48 -19.38 3.17
N GLY A 96 -3.38 -19.20 3.91
CA GLY A 96 -2.07 -18.97 3.36
C GLY A 96 -1.19 -20.19 3.15
N SER A 97 -1.79 -21.38 3.11
CA SER A 97 -1.04 -22.63 3.04
C SER A 97 -0.31 -22.77 1.70
N PRO A 98 0.96 -23.22 1.74
CA PRO A 98 1.65 -23.65 0.53
C PRO A 98 1.01 -24.92 -0.09
N SER A 99 0.26 -25.69 0.69
CA SER A 99 -0.47 -26.86 0.17
C SER A 99 -1.69 -26.35 -0.60
N LEU A 100 -2.12 -27.09 -1.62
CA LEU A 100 -3.49 -26.93 -2.10
C LEU A 100 -4.42 -27.38 -0.97
N THR A 101 -5.55 -26.71 -0.82
CA THR A 101 -6.50 -27.05 0.23
C THR A 101 -7.87 -27.32 -0.36
N LEU A 102 -8.51 -28.36 0.16
CA LEU A 102 -9.79 -28.84 -0.33
C LEU A 102 -10.72 -29.06 0.86
N ALA A 103 -11.93 -28.51 0.76
CA ALA A 103 -12.93 -28.68 1.84
C ALA A 103 -14.20 -29.29 1.29
N LEU A 104 -14.76 -30.25 2.01
CA LEU A 104 -15.96 -30.96 1.59
C LEU A 104 -17.02 -30.85 2.68
N ALA A 105 -18.10 -30.11 2.42
CA ALA A 105 -19.09 -29.83 3.46
C ALA A 105 -20.39 -30.54 3.21
N HIS A 106 -21.08 -30.81 4.31
CA HIS A 106 -22.46 -31.33 4.28
C HIS A 106 -23.20 -30.80 5.50
N GLY A 107 -24.51 -31.02 5.56
CA GLY A 107 -25.33 -30.59 6.70
C GLY A 107 -25.33 -29.09 6.89
N ARG A 108 -25.66 -28.68 8.12
CA ARG A 108 -25.79 -27.26 8.45
CA ARG A 108 -25.80 -27.26 8.47
C ARG A 108 -24.51 -26.74 9.12
N ASN A 109 -23.92 -25.71 8.53
CA ASN A 109 -22.64 -25.18 9.00
C ASN A 109 -22.70 -23.72 9.43
N PHE A 110 -21.93 -23.37 10.47
CA PHE A 110 -22.08 -22.08 11.13
C PHE A 110 -20.74 -21.45 11.45
N GLY A 111 -20.70 -20.11 11.35
CA GLY A 111 -19.64 -19.29 11.95
C GLY A 111 -18.25 -19.66 11.46
N ALA A 112 -17.35 -19.93 12.41
CA ALA A 112 -15.97 -20.29 12.11
C ALA A 112 -15.86 -21.57 11.29
N GLY A 113 -16.90 -22.41 11.35
CA GLY A 113 -16.96 -23.60 10.52
C GLY A 113 -17.07 -23.27 9.04
N VAL A 114 -17.95 -22.30 8.72
CA VAL A 114 -18.08 -21.75 7.37
C VAL A 114 -16.77 -21.04 6.99
N ASP A 115 -16.14 -20.37 7.95
CA ASP A 115 -14.86 -19.67 7.66
C ASP A 115 -13.71 -20.64 7.34
N LEU A 116 -13.67 -21.74 8.09
CA LEU A 116 -12.70 -22.79 7.81
C LEU A 116 -12.89 -23.36 6.39
N PHE A 117 -14.15 -23.61 6.04
CA PHE A 117 -14.52 -24.02 4.70
C PHE A 117 -14.00 -22.98 3.68
N ALA A 118 -14.27 -21.69 3.96
CA ALA A 118 -13.90 -20.59 3.07
C ALA A 118 -12.40 -20.43 2.92
N ALA A 119 -11.65 -20.81 3.97
CA ALA A 119 -10.19 -20.69 3.92
C ALA A 119 -9.52 -21.66 2.94
N CYS A 120 -10.23 -22.74 2.62
CA CYS A 120 -9.78 -23.73 1.62
C CYS A 120 -10.03 -23.25 0.20
N LYS A 121 -9.11 -23.56 -0.71
CA LYS A 121 -9.14 -23.04 -2.08
C LYS A 121 -10.18 -23.74 -2.96
N TRP A 122 -10.23 -25.06 -2.87
CA TRP A 122 -11.25 -25.83 -3.60
C TRP A 122 -12.31 -26.24 -2.60
N ARG A 123 -13.57 -25.93 -2.90
CA ARG A 123 -14.64 -26.12 -1.94
CA ARG A 123 -14.67 -26.06 -1.95
C ARG A 123 -15.84 -26.74 -2.62
N TYR A 124 -16.36 -27.80 -2.01
CA TYR A 124 -17.57 -28.46 -2.53
C TYR A 124 -18.53 -28.72 -1.38
N CYS A 125 -19.82 -28.78 -1.69
CA CYS A 125 -20.78 -29.19 -0.67
C CYS A 125 -21.86 -30.08 -1.26
N THR A 126 -22.56 -30.81 -0.40
CA THR A 126 -23.73 -31.60 -0.80
C THR A 126 -24.86 -30.66 -1.25
N PRO A 127 -25.73 -31.11 -2.18
CA PRO A 127 -26.90 -30.30 -2.58
C PRO A 127 -27.78 -29.80 -1.43
N GLU A 128 -27.76 -30.51 -0.31
CA GLU A 128 -28.58 -30.21 0.85
C GLU A 128 -27.84 -29.41 1.95
N ALA A 129 -26.58 -29.04 1.71
CA ALA A 129 -25.78 -28.27 2.68
C ALA A 129 -26.30 -26.83 2.90
N GLY A 130 -26.05 -26.30 4.10
CA GLY A 130 -26.42 -24.94 4.44
C GLY A 130 -25.29 -24.25 5.17
N PHE A 131 -25.24 -22.92 5.03
CA PHE A 131 -24.19 -22.11 5.67
C PHE A 131 -24.81 -20.88 6.31
N ARG A 132 -24.21 -20.42 7.40
CA ARG A 132 -24.58 -19.13 8.00
C ARG A 132 -23.41 -18.61 8.82
N MET A 133 -23.07 -17.34 8.63
CA MET A 133 -22.10 -16.67 9.49
C MET A 133 -22.88 -15.59 10.28
N PRO A 134 -23.37 -15.95 11.48
CA PRO A 134 -24.24 -15.03 12.23
C PRO A 134 -23.50 -14.12 13.23
N GLY A 135 -22.19 -14.26 13.36
CA GLY A 135 -21.41 -13.60 14.43
C GLY A 135 -21.53 -12.09 14.54
N LEU A 136 -21.81 -11.43 13.41
CA LEU A 136 -22.04 -9.98 13.40
C LEU A 136 -23.25 -9.57 14.26
N LYS A 137 -24.23 -10.47 14.41
CA LYS A 137 -25.33 -10.30 15.41
C LYS A 137 -24.84 -10.00 16.83
N PHE A 138 -23.69 -10.56 17.21
CA PHE A 138 -23.11 -10.20 18.49
C PHE A 138 -21.80 -9.41 18.37
N GLY A 139 -21.61 -8.77 17.20
CA GLY A 139 -20.48 -7.86 17.00
C GLY A 139 -19.15 -8.48 16.55
N LEU A 140 -19.13 -9.79 16.34
CA LEU A 140 -17.91 -10.50 15.92
C LEU A 140 -17.54 -10.22 14.46
N VAL A 141 -16.28 -9.87 14.21
CA VAL A 141 -15.85 -9.61 12.84
C VAL A 141 -14.81 -10.66 12.47
N LEU A 142 -15.29 -11.78 11.93
CA LEU A 142 -14.46 -12.95 11.67
C LEU A 142 -14.67 -13.47 10.25
N GLY A 143 -13.58 -13.54 9.48
CA GLY A 143 -13.63 -14.12 8.14
C GLY A 143 -14.21 -13.19 7.09
N THR A 144 -14.55 -11.96 7.50
CA THR A 144 -15.22 -10.98 6.64
C THR A 144 -14.53 -10.69 5.30
N ARG A 145 -13.26 -10.26 5.33
CA ARG A 145 -12.55 -9.91 4.11
C ARG A 145 -12.33 -11.13 3.25
N ARG A 146 -12.04 -12.28 3.86
CA ARG A 146 -11.84 -13.51 3.08
C ARG A 146 -13.10 -13.94 2.32
N PHE A 147 -14.25 -13.83 2.97
CA PHE A 147 -15.52 -14.11 2.29
C PHE A 147 -15.79 -13.16 1.14
N ARG A 148 -15.61 -11.86 1.38
CA ARG A 148 -15.71 -10.84 0.35
C ARG A 148 -14.82 -11.14 -0.86
N ASP A 149 -13.56 -11.51 -0.63
CA ASP A 149 -12.63 -11.79 -1.72
C ASP A 149 -13.13 -12.92 -2.62
N ILE A 150 -13.84 -13.88 -2.02
CA ILE A 150 -14.41 -15.00 -2.76
C ILE A 150 -15.63 -14.59 -3.58
N VAL A 151 -16.65 -14.06 -2.90
CA VAL A 151 -17.96 -13.85 -3.51
C VAL A 151 -18.21 -12.41 -4.06
N GLY A 152 -17.32 -11.48 -3.73
CA GLY A 152 -17.47 -10.06 -4.13
C GLY A 152 -18.15 -9.25 -3.04
N ALA A 153 -17.86 -7.94 -2.97
CA ALA A 153 -18.43 -7.06 -1.93
C ALA A 153 -19.96 -7.02 -1.94
N ASP A 154 -20.54 -7.03 -3.14
CA ASP A 154 -21.98 -6.98 -3.27
CA ASP A 154 -21.99 -7.01 -3.33
C ASP A 154 -22.63 -8.20 -2.63
N GLN A 155 -22.23 -9.41 -3.03
CA GLN A 155 -22.80 -10.61 -2.41
C GLN A 155 -22.45 -10.80 -0.92
N ALA A 156 -21.23 -10.40 -0.54
CA ALA A 156 -20.80 -10.45 0.86
C ALA A 156 -21.71 -9.58 1.73
N LEU A 157 -21.99 -8.37 1.25
CA LEU A 157 -22.93 -7.48 1.96
C LEU A 157 -24.34 -8.06 2.03
N SER A 158 -24.84 -8.62 0.92
CA SER A 158 -26.16 -9.26 0.90
CA SER A 158 -26.16 -9.23 0.91
C SER A 158 -26.29 -10.33 1.99
N ILE A 159 -25.25 -11.14 2.16
CA ILE A 159 -25.25 -12.20 3.17
C ILE A 159 -24.83 -11.72 4.57
N LEU A 160 -23.69 -11.02 4.68
CA LEU A 160 -23.16 -10.66 6.00
C LEU A 160 -23.97 -9.52 6.64
N GLY A 161 -24.42 -8.58 5.81
CA GLY A 161 -25.18 -7.41 6.27
C GLY A 161 -26.44 -7.72 7.05
N SER A 162 -27.05 -8.88 6.76
CA SER A 162 -28.16 -9.32 7.60
C SER A 162 -27.83 -10.61 8.36
N ALA A 163 -26.53 -10.97 8.40
CA ALA A 163 -26.04 -12.19 9.05
C ALA A 163 -26.94 -13.39 8.76
N ARG A 164 -27.25 -13.59 7.48
CA ARG A 164 -28.27 -14.54 7.08
C ARG A 164 -27.70 -15.87 6.55
N ALA A 165 -28.56 -16.88 6.52
CA ALA A 165 -28.24 -18.17 5.94
C ALA A 165 -28.18 -18.12 4.42
N PHE A 166 -27.41 -19.04 3.84
CA PHE A 166 -27.46 -19.30 2.39
C PHE A 166 -27.30 -20.78 2.11
N ASP A 167 -28.10 -21.30 1.16
CA ASP A 167 -28.06 -22.72 0.86
C ASP A 167 -27.04 -23.08 -0.22
N ALA A 168 -27.03 -24.35 -0.61
CA ALA A 168 -26.03 -24.86 -1.54
C ALA A 168 -26.19 -24.27 -2.94
N ASP A 169 -27.44 -24.07 -3.37
CA ASP A 169 -27.73 -23.44 -4.66
C ASP A 169 -27.15 -22.02 -4.72
N GLU A 170 -27.40 -21.24 -3.68
CA GLU A 170 -26.83 -19.89 -3.58
C GLU A 170 -25.31 -19.93 -3.55
N ALA A 171 -24.76 -20.85 -2.75
CA ALA A 171 -23.31 -21.01 -2.63
C ALA A 171 -22.65 -21.22 -4.00
N ARG A 172 -23.26 -22.06 -4.84
CA ARG A 172 -22.73 -22.32 -6.17
C ARG A 172 -22.87 -21.07 -7.06
N ARG A 173 -24.05 -20.45 -7.03
CA ARG A 173 -24.32 -19.23 -7.82
CA ARG A 173 -24.32 -19.24 -7.83
C ARG A 173 -23.30 -18.11 -7.57
N ILE A 174 -22.98 -17.87 -6.30
CA ILE A 174 -22.05 -16.79 -5.92
C ILE A 174 -20.56 -17.17 -5.98
N GLY A 175 -20.29 -18.41 -6.36
CA GLY A 175 -18.92 -18.88 -6.55
C GLY A 175 -18.25 -19.36 -5.25
N PHE A 176 -19.06 -19.60 -4.21
CA PHE A 176 -18.55 -20.04 -2.93
C PHE A 176 -18.15 -21.53 -2.96
N VAL A 177 -18.82 -22.32 -3.79
CA VAL A 177 -18.41 -23.70 -4.04
C VAL A 177 -18.20 -23.95 -5.53
N ARG A 178 -17.27 -24.84 -5.85
CA ARG A 178 -17.01 -25.29 -7.23
C ARG A 178 -18.18 -26.04 -7.83
N ASP A 179 -18.86 -26.81 -6.98
CA ASP A 179 -20.01 -27.60 -7.38
C ASP A 179 -20.71 -28.07 -6.14
N CYS A 180 -21.97 -28.41 -6.34
CA CYS A 180 -22.74 -29.16 -5.37
C CYS A 180 -22.55 -30.62 -5.75
N ALA A 181 -21.92 -31.37 -4.86
CA ALA A 181 -21.57 -32.77 -5.12
C ALA A 181 -21.89 -33.65 -3.92
N ALA A 182 -22.68 -34.69 -4.16
CA ALA A 182 -23.00 -35.72 -3.16
C ALA A 182 -21.73 -36.45 -2.74
N GLN A 183 -21.73 -37.02 -1.54
CA GLN A 183 -20.53 -37.69 -0.99
C GLN A 183 -19.99 -38.84 -1.83
N ALA A 184 -20.85 -39.45 -2.66
CA ALA A 184 -20.43 -40.47 -3.64
C ALA A 184 -19.39 -39.96 -4.64
N GLN A 185 -19.45 -38.66 -4.96
CA GLN A 185 -18.50 -38.01 -5.85
C GLN A 185 -17.17 -37.67 -5.18
N TRP A 186 -17.15 -37.65 -3.85
CA TRP A 186 -16.02 -37.06 -3.10
C TRP A 186 -14.66 -37.75 -3.34
N PRO A 187 -14.61 -39.12 -3.33
CA PRO A 187 -13.34 -39.77 -3.71
C PRO A 187 -12.75 -39.30 -5.03
N ALA A 188 -13.56 -39.16 -6.07
CA ALA A 188 -13.06 -38.70 -7.36
C ALA A 188 -12.53 -37.27 -7.30
N LEU A 189 -13.22 -36.41 -6.54
CA LEU A 189 -12.82 -35.01 -6.35
C LEU A 189 -11.50 -34.89 -5.60
N ILE A 190 -11.30 -35.72 -4.59
CA ILE A 190 -10.04 -35.74 -3.83
C ILE A 190 -8.89 -36.18 -4.75
N ASP A 191 -9.15 -37.23 -5.53
CA ASP A 191 -8.20 -37.68 -6.58
C ASP A 191 -7.76 -36.57 -7.53
N ALA A 192 -8.74 -35.78 -8.02
CA ALA A 192 -8.48 -34.70 -8.94
C ALA A 192 -7.64 -33.62 -8.22
N ALA A 193 -8.01 -33.31 -6.99
CA ALA A 193 -7.29 -32.31 -6.19
C ALA A 193 -5.85 -32.74 -5.93
N ALA A 194 -5.65 -34.02 -5.59
CA ALA A 194 -4.28 -34.56 -5.37
C ALA A 194 -3.40 -34.49 -6.64
N GLU A 195 -4.01 -34.77 -7.80
CA GLU A 195 -3.34 -34.60 -9.11
C GLU A 195 -2.94 -33.14 -9.37
N ALA A 196 -3.87 -32.22 -9.13
CA ALA A 196 -3.59 -30.79 -9.30
C ALA A 196 -2.48 -30.32 -8.33
N ALA A 197 -2.59 -30.75 -7.07
CA ALA A 197 -1.63 -30.34 -6.04
C ALA A 197 -0.20 -30.74 -6.39
N THR A 198 -0.03 -31.96 -6.93
CA THR A 198 1.31 -32.48 -7.25
C THR A 198 1.83 -32.13 -8.66
N ALA A 199 1.09 -31.27 -9.39
CA ALA A 199 1.52 -30.87 -10.74
C ALA A 199 2.78 -30.00 -10.69
N LEU A 200 3.00 -29.33 -9.55
CA LEU A 200 4.15 -28.46 -9.37
C LEU A 200 5.01 -28.92 -8.21
N ASP A 201 6.28 -28.56 -8.23
CA ASP A 201 7.16 -28.89 -7.10
C ASP A 201 6.82 -27.99 -5.90
N PRO A 202 7.14 -28.43 -4.65
CA PRO A 202 6.75 -27.69 -3.45
C PRO A 202 7.09 -26.20 -3.42
N ALA A 203 8.30 -25.83 -3.83
CA ALA A 203 8.73 -24.43 -3.80
C ALA A 203 7.91 -23.55 -4.77
N THR A 204 7.68 -24.09 -5.96
CA THR A 204 6.91 -23.40 -7.00
C THR A 204 5.43 -23.30 -6.61
N ARG A 205 4.86 -24.39 -6.08
CA ARG A 205 3.49 -24.35 -5.57
C ARG A 205 3.32 -23.28 -4.48
N ALA A 206 4.27 -23.21 -3.54
CA ALA A 206 4.24 -22.21 -2.46
C ALA A 206 4.29 -20.79 -3.06
N THR A 207 5.20 -20.57 -4.00
CA THR A 207 5.33 -19.26 -4.66
C THR A 207 4.04 -18.85 -5.39
N LEU A 208 3.47 -19.76 -6.18
CA LEU A 208 2.19 -19.50 -6.87
C LEU A 208 1.09 -19.06 -5.90
N HIS A 209 0.94 -19.82 -4.81
CA HIS A 209 -0.06 -19.53 -3.78
C HIS A 209 0.14 -18.13 -3.16
N ARG A 210 1.39 -17.79 -2.86
CA ARG A 210 1.72 -16.48 -2.31
CA ARG A 210 1.78 -16.49 -2.33
C ARG A 210 1.37 -15.38 -3.30
N VAL A 211 1.77 -15.56 -4.56
CA VAL A 211 1.53 -14.59 -5.62
C VAL A 211 0.02 -14.39 -5.89
N LEU A 212 -0.77 -15.46 -5.82
CA LEU A 212 -2.19 -15.37 -6.11
C LEU A 212 -3.05 -14.78 -4.98
N ARG A 213 -2.66 -15.01 -3.73
CA ARG A 213 -3.43 -14.60 -2.54
CA ARG A 213 -3.46 -14.60 -2.55
C ARG A 213 -3.44 -13.09 -2.31
N ASP A 214 -4.60 -12.55 -1.89
CA ASP A 214 -4.71 -11.16 -1.44
C ASP A 214 -4.45 -11.21 0.07
N ASP A 215 -3.25 -10.85 0.50
CA ASP A 215 -2.88 -10.94 1.92
C ASP A 215 -3.32 -9.71 2.71
N HIS A 216 -4.36 -9.87 3.50
CA HIS A 216 -4.75 -8.85 4.51
C HIS A 216 -4.84 -9.46 5.91
N ASP A 217 -3.88 -10.34 6.22
CA ASP A 217 -3.88 -11.09 7.48
C ASP A 217 -3.89 -10.17 8.72
N ASP A 218 -3.03 -9.17 8.71
CA ASP A 218 -2.92 -8.26 9.87
C ASP A 218 -4.22 -7.46 10.09
N ALA A 219 -4.81 -6.94 9.01
CA ALA A 219 -6.08 -6.21 9.11
C ALA A 219 -7.17 -7.14 9.62
N ASP A 220 -7.17 -8.39 9.15
CA ASP A 220 -8.17 -9.37 9.57
C ASP A 220 -8.04 -9.70 11.07
N LEU A 221 -6.82 -9.97 11.52
CA LEU A 221 -6.62 -10.29 12.93
C LEU A 221 -6.95 -9.08 13.84
N ALA A 222 -6.52 -7.87 13.43
CA ALA A 222 -6.84 -6.65 14.18
C ALA A 222 -8.36 -6.47 14.31
N ALA A 223 -9.08 -6.64 13.19
CA ALA A 223 -10.54 -6.45 13.19
C ALA A 223 -11.20 -7.50 14.09
N LEU A 224 -10.72 -8.74 14.02
CA LEU A 224 -11.22 -9.78 14.91
CA LEU A 224 -11.22 -9.79 14.93
C LEU A 224 -10.98 -9.44 16.39
N ALA A 225 -9.73 -9.14 16.73
CA ALA A 225 -9.31 -8.79 18.09
C ALA A 225 -10.14 -7.62 18.65
N ARG A 226 -10.30 -6.55 17.87
CA ARG A 226 -11.08 -5.39 18.33
C ARG A 226 -12.51 -5.79 18.62
N SER A 227 -13.10 -6.55 17.70
CA SER A 227 -14.52 -6.94 17.80
C SER A 227 -14.79 -7.76 19.05
N ALA A 228 -13.91 -8.72 19.33
CA ALA A 228 -14.10 -9.63 20.46
C ALA A 228 -13.60 -9.06 21.79
N ALA A 229 -12.80 -7.99 21.74
CA ALA A 229 -12.32 -7.34 22.98
C ALA A 229 -13.22 -6.20 23.45
N GLN A 230 -14.27 -5.89 22.70
CA GLN A 230 -15.20 -4.84 23.10
C GLN A 230 -15.87 -5.28 24.41
N PRO A 231 -15.82 -4.41 25.46
CA PRO A 231 -16.50 -4.72 26.72
C PRO A 231 -17.95 -5.14 26.49
N GLY A 232 -18.40 -6.20 27.17
CA GLY A 232 -19.78 -6.67 26.97
C GLY A 232 -19.95 -7.78 25.95
N PHE A 233 -18.84 -8.42 25.59
CA PHE A 233 -18.80 -9.46 24.53
C PHE A 233 -19.66 -10.66 24.87
N LYS A 234 -19.47 -11.17 26.09
CA LYS A 234 -20.18 -12.32 26.62
C LYS A 234 -21.70 -12.06 26.68
N ALA A 235 -22.06 -10.85 27.11
CA ALA A 235 -23.47 -10.42 27.12
C ALA A 235 -24.11 -10.38 25.73
N ARG A 236 -23.34 -9.91 24.74
CA ARG A 236 -23.84 -9.88 23.36
C ARG A 236 -24.08 -11.30 22.84
N ILE A 237 -23.16 -12.21 23.20
CA ILE A 237 -23.27 -13.63 22.85
C ILE A 237 -24.55 -14.20 23.49
N ARG A 238 -24.73 -13.91 24.78
CA ARG A 238 -25.93 -14.32 25.53
C ARG A 238 -27.22 -13.90 24.84
N ASP A 239 -27.31 -12.62 24.48
CA ASP A 239 -28.46 -12.08 23.74
C ASP A 239 -28.74 -12.83 22.44
N TYR A 240 -27.69 -13.06 21.66
CA TYR A 240 -27.82 -13.74 20.38
C TYR A 240 -28.33 -15.18 20.58
N LEU A 241 -27.74 -15.89 21.55
CA LEU A 241 -28.09 -17.28 21.80
C LEU A 241 -29.54 -17.45 22.29
N ALA A 242 -30.04 -16.45 23.01
CA ALA A 242 -31.43 -16.39 23.47
C ALA A 242 -32.48 -16.21 22.36
N GLN A 243 -32.10 -15.53 21.27
CA GLN A 243 -33.00 -15.21 20.15
C GLN A 243 -33.65 -16.42 19.48
N ALA B 5 3.97 47.15 -18.59
CA ALA B 5 3.79 46.12 -17.51
C ALA B 5 4.62 44.89 -17.83
N SER B 6 5.62 44.62 -16.99
CA SER B 6 6.51 43.47 -17.19
C SER B 6 5.83 42.14 -16.84
N LEU B 7 6.43 41.05 -17.30
CA LEU B 7 5.93 39.70 -17.05
C LEU B 7 6.21 39.29 -15.59
N PRO B 8 5.35 38.46 -14.98
CA PRO B 8 5.59 38.06 -13.59
C PRO B 8 6.72 37.04 -13.42
N LEU B 9 7.14 36.42 -14.52
CA LEU B 9 8.20 35.40 -14.51
C LEU B 9 9.26 35.70 -15.55
N ALA B 10 10.52 35.58 -15.16
CA ALA B 10 11.64 35.62 -16.09
C ALA B 10 12.20 34.22 -16.15
N ILE B 11 12.44 33.70 -17.36
CA ILE B 11 13.13 32.44 -17.52
C ILE B 11 14.45 32.67 -18.27
N GLU B 12 15.54 32.17 -17.71
CA GLU B 12 16.84 32.20 -18.36
C GLU B 12 17.27 30.78 -18.73
N ARG B 13 17.66 30.58 -19.99
CA ARG B 13 18.00 29.25 -20.51
C ARG B 13 19.47 29.08 -20.87
N ARG B 14 20.14 28.20 -20.12
CA ARG B 14 21.50 27.80 -20.45
CA ARG B 14 21.53 27.76 -20.33
C ARG B 14 21.45 26.34 -20.89
N PRO B 15 22.58 25.79 -21.44
CA PRO B 15 22.52 24.35 -21.81
C PRO B 15 22.19 23.40 -20.65
N ALA B 16 22.82 23.58 -19.50
CA ALA B 16 22.63 22.64 -18.38
C ALA B 16 21.56 23.05 -17.38
N ALA B 17 21.02 24.28 -17.51
CA ALA B 17 20.15 24.85 -16.48
C ALA B 17 19.15 25.85 -17.02
N TRP B 18 17.93 25.83 -16.47
CA TRP B 18 16.98 26.93 -16.67
C TRP B 18 16.71 27.59 -15.31
N THR B 19 16.76 28.92 -15.26
CA THR B 19 16.48 29.67 -14.03
C THR B 19 15.15 30.39 -14.14
N PHE B 20 14.26 30.07 -13.20
CA PHE B 20 12.93 30.63 -13.11
C PHE B 20 12.95 31.69 -12.02
N THR B 21 12.82 32.95 -12.42
CA THR B 21 12.89 34.06 -11.49
C THR B 21 11.55 34.70 -11.33
N LEU B 22 11.01 34.59 -10.12
CA LEU B 22 9.75 35.20 -9.77
C LEU B 22 9.97 36.71 -9.66
N SER B 23 9.15 37.46 -10.38
CA SER B 23 9.38 38.89 -10.59
C SER B 23 8.11 39.70 -10.37
N ARG B 24 7.61 39.72 -9.14
CA ARG B 24 6.46 40.59 -8.80
C ARG B 24 6.81 41.42 -7.57
N PRO B 25 7.60 42.50 -7.78
CA PRO B 25 8.20 43.26 -6.67
C PRO B 25 7.22 44.10 -5.88
N GLU B 26 6.09 44.45 -6.47
CA GLU B 26 5.07 45.19 -5.75
C GLU B 26 4.14 44.27 -4.97
N LYS B 27 4.31 42.96 -5.15
CA LYS B 27 3.41 41.99 -4.55
C LYS B 27 4.16 40.92 -3.76
N ARG B 28 5.40 41.23 -3.36
CA ARG B 28 6.29 40.29 -2.63
C ARG B 28 6.40 38.91 -3.31
N ASN B 29 6.48 38.95 -4.65
CA ASN B 29 6.55 37.77 -5.50
C ASN B 29 5.40 36.77 -5.23
N ALA B 30 4.23 37.31 -4.91
CA ALA B 30 3.09 36.48 -4.57
C ALA B 30 2.55 35.75 -5.81
N LEU B 31 1.95 34.60 -5.58
CA LEU B 31 1.51 33.74 -6.67
C LEU B 31 0.11 34.12 -7.12
N SER B 32 0.08 34.94 -8.18
CA SER B 32 -1.14 35.18 -8.94
C SER B 32 -1.43 33.95 -9.79
N ALA B 33 -2.66 33.84 -10.31
CA ALA B 33 -2.96 32.76 -11.25
C ALA B 33 -2.02 32.77 -12.46
N GLU B 34 -1.75 33.98 -12.97
CA GLU B 34 -0.86 34.16 -14.12
C GLU B 34 0.54 33.63 -13.84
N LEU B 35 1.12 34.00 -12.69
CA LEU B 35 2.45 33.52 -12.33
C LEU B 35 2.52 31.99 -12.20
N VAL B 36 1.52 31.39 -11.56
CA VAL B 36 1.44 29.93 -11.41
C VAL B 36 1.36 29.25 -12.77
N GLU B 37 0.51 29.77 -13.66
CA GLU B 37 0.42 29.22 -15.02
C GLU B 37 1.71 29.35 -15.81
N ALA B 38 2.39 30.49 -15.66
CA ALA B 38 3.71 30.72 -16.29
C ALA B 38 4.76 29.72 -15.80
N LEU B 39 4.77 29.48 -14.49
CA LEU B 39 5.65 28.48 -13.88
C LEU B 39 5.34 27.05 -14.34
N ILE B 40 4.06 26.69 -14.40
CA ILE B 40 3.65 25.36 -14.91
C ILE B 40 4.12 25.20 -16.38
N ASP B 41 3.83 26.20 -17.20
CA ASP B 41 4.23 26.22 -18.61
C ASP B 41 5.75 26.08 -18.74
N GLY B 42 6.48 26.85 -17.92
CA GLY B 42 7.95 26.84 -17.96
C GLY B 42 8.60 25.54 -17.53
N VAL B 43 8.11 24.97 -16.43
CA VAL B 43 8.55 23.68 -15.94
C VAL B 43 8.20 22.53 -16.90
N ASP B 44 7.01 22.59 -17.50
CA ASP B 44 6.62 21.59 -18.50
C ASP B 44 7.53 21.60 -19.72
N ALA B 45 7.84 22.79 -20.22
CA ALA B 45 8.78 23.00 -21.34
C ALA B 45 10.17 22.45 -21.00
N ALA B 46 10.70 22.86 -19.84
CA ALA B 46 11.95 22.30 -19.33
C ALA B 46 11.97 20.77 -19.26
N HIS B 47 10.87 20.17 -18.81
CA HIS B 47 10.80 18.72 -18.73
CA HIS B 47 10.72 18.70 -18.72
C HIS B 47 10.82 18.04 -20.10
N ARG B 48 10.15 18.64 -21.08
CA ARG B 48 10.20 18.13 -22.46
C ARG B 48 11.62 18.16 -23.02
N GLU B 49 12.35 19.22 -22.71
CA GLU B 49 13.73 19.39 -23.16
CA GLU B 49 13.73 19.42 -23.14
C GLU B 49 14.73 18.60 -22.32
N GLN B 50 14.29 18.01 -21.21
CA GLN B 50 15.14 17.28 -20.25
C GLN B 50 16.34 18.11 -19.74
N VAL B 51 16.04 19.37 -19.42
CA VAL B 51 17.00 20.29 -18.80
C VAL B 51 17.52 19.66 -17.51
N PRO B 52 18.85 19.46 -17.40
CA PRO B 52 19.46 18.82 -16.22
C PRO B 52 19.09 19.46 -14.88
N LEU B 53 19.08 20.81 -14.85
CA LEU B 53 18.88 21.58 -13.62
C LEU B 53 17.84 22.68 -13.75
N LEU B 54 16.87 22.70 -12.84
CA LEU B 54 15.95 23.82 -12.73
C LEU B 54 16.31 24.62 -11.45
N VAL B 55 16.48 25.93 -11.62
CA VAL B 55 16.76 26.84 -10.48
C VAL B 55 15.54 27.75 -10.25
N PHE B 56 15.17 27.94 -8.98
CA PHE B 56 14.06 28.82 -8.64
C PHE B 56 14.56 29.90 -7.68
N ALA B 57 14.24 31.15 -8.01
CA ALA B 57 14.66 32.29 -7.19
C ALA B 57 13.64 33.41 -7.30
N GLY B 58 13.73 34.37 -6.38
CA GLY B 58 12.85 35.53 -6.42
C GLY B 58 13.67 36.79 -6.65
N ALA B 59 13.17 37.67 -7.51
CA ALA B 59 13.75 39.01 -7.69
C ALA B 59 13.36 39.89 -6.50
N GLY B 60 14.13 40.94 -6.25
CA GLY B 60 13.76 41.85 -5.18
C GLY B 60 14.06 41.29 -3.81
N ARG B 61 13.10 41.44 -2.90
CA ARG B 61 13.36 41.28 -1.46
C ARG B 61 13.13 39.88 -0.88
N ASN B 62 12.50 38.97 -1.63
CA ASN B 62 12.28 37.59 -1.15
C ASN B 62 12.21 36.55 -2.26
N PHE B 63 12.03 35.29 -1.86
CA PHE B 63 11.70 34.20 -2.77
C PHE B 63 10.22 34.35 -3.19
N SER B 64 9.29 34.14 -2.24
CA SER B 64 7.83 34.33 -2.49
C SER B 64 6.96 34.41 -1.24
N ALA B 65 5.96 35.30 -1.27
CA ALA B 65 4.95 35.37 -0.23
C ALA B 65 3.76 34.41 -0.44
N GLY B 66 3.87 33.47 -1.38
CA GLY B 66 2.80 32.48 -1.55
C GLY B 66 1.58 33.07 -2.23
N PHE B 67 0.41 32.50 -1.96
CA PHE B 67 -0.83 32.86 -2.68
C PHE B 67 -1.07 34.39 -2.66
N ASP B 68 -1.35 34.96 -3.83
CA ASP B 68 -1.66 36.39 -3.92
C ASP B 68 -3.09 36.63 -3.49
N PHE B 69 -3.22 37.24 -2.31
CA PHE B 69 -4.53 37.55 -1.74
C PHE B 69 -5.15 38.88 -2.22
N THR B 70 -4.42 39.62 -3.07
CA THR B 70 -4.92 40.87 -3.68
C THR B 70 -6.26 40.62 -4.35
N ASP B 71 -7.27 41.36 -3.91
CA ASP B 71 -8.64 41.24 -4.48
C ASP B 71 -9.25 39.83 -4.38
N TYR B 72 -8.87 39.03 -3.37
CA TYR B 72 -9.48 37.70 -3.19
C TYR B 72 -10.99 37.85 -2.93
N GLU B 73 -11.40 39.03 -2.45
CA GLU B 73 -12.81 39.29 -2.12
C GLU B 73 -13.66 39.37 -3.38
N THR B 74 -13.03 39.67 -4.51
CA THR B 74 -13.73 39.76 -5.78
C THR B 74 -13.69 38.45 -6.57
N GLN B 75 -13.03 37.43 -6.02
CA GLN B 75 -12.99 36.11 -6.65
C GLN B 75 -13.96 35.18 -5.94
N SER B 76 -14.52 34.22 -6.66
CA SER B 76 -15.46 33.28 -6.06
C SER B 76 -14.69 32.24 -5.26
N GLU B 77 -15.41 31.50 -4.43
CA GLU B 77 -14.84 30.37 -3.69
C GLU B 77 -14.21 29.37 -4.66
N GLY B 78 -14.88 29.13 -5.78
CA GLY B 78 -14.35 28.25 -6.83
C GLY B 78 -13.09 28.75 -7.50
N ASP B 79 -13.04 30.06 -7.79
CA ASP B 79 -11.82 30.69 -8.33
C ASP B 79 -10.63 30.42 -7.43
N LEU B 80 -10.85 30.58 -6.12
CA LEU B 80 -9.76 30.40 -5.15
C LEU B 80 -9.35 28.94 -5.03
N LEU B 81 -10.32 28.03 -5.04
CA LEU B 81 -10.04 26.59 -5.09
C LEU B 81 -9.18 26.23 -6.30
N LEU B 82 -9.57 26.68 -7.49
CA LEU B 82 -8.84 26.37 -8.72
C LEU B 82 -7.39 26.85 -8.64
N ARG B 83 -7.17 28.07 -8.18
CA ARG B 83 -5.81 28.59 -8.03
C ARG B 83 -4.98 27.74 -7.05
N MET B 84 -5.61 27.29 -5.96
CA MET B 84 -4.94 26.43 -4.99
C MET B 84 -4.61 25.06 -5.60
N VAL B 85 -5.58 24.47 -6.33
CA VAL B 85 -5.31 23.21 -7.05
C VAL B 85 -4.15 23.35 -8.05
N ARG B 86 -4.13 24.46 -8.78
CA ARG B 86 -3.08 24.70 -9.78
C ARG B 86 -1.71 24.86 -9.10
N ILE B 87 -1.68 25.50 -7.91
CA ILE B 87 -0.44 25.60 -7.14
C ILE B 87 0.06 24.18 -6.75
N GLU B 88 -0.86 23.35 -6.28
CA GLU B 88 -0.45 22.01 -5.88
C GLU B 88 0.01 21.17 -7.07
N MET B 89 -0.65 21.35 -8.22
CA MET B 89 -0.23 20.66 -9.44
C MET B 89 1.20 21.11 -9.84
N LEU B 90 1.48 22.41 -9.70
CA LEU B 90 2.83 22.94 -9.89
C LEU B 90 3.84 22.32 -8.90
N LEU B 91 3.50 22.35 -7.62
CA LEU B 91 4.37 21.78 -6.58
C LEU B 91 4.73 20.31 -6.87
N GLN B 92 3.73 19.53 -7.26
CA GLN B 92 3.93 18.12 -7.57
C GLN B 92 4.83 17.89 -8.79
N ARG B 93 4.70 18.77 -9.80
CA ARG B 93 5.55 18.73 -10.99
C ARG B 93 7.01 18.98 -10.61
N VAL B 94 7.24 19.96 -9.73
CA VAL B 94 8.60 20.32 -9.31
C VAL B 94 9.15 19.22 -8.38
N ALA B 95 8.34 18.80 -7.41
CA ALA B 95 8.75 17.75 -6.45
C ALA B 95 9.15 16.45 -7.16
N GLY B 96 8.37 16.06 -8.17
CA GLY B 96 8.64 14.83 -8.93
C GLY B 96 9.50 14.98 -10.16
N SER B 97 10.16 16.14 -10.31
CA SER B 97 11.00 16.44 -11.48
C SER B 97 12.12 15.42 -11.74
N PRO B 98 12.25 14.97 -12.99
CA PRO B 98 13.44 14.20 -13.40
C PRO B 98 14.72 15.05 -13.39
N SER B 99 14.57 16.37 -13.51
CA SER B 99 15.70 17.29 -13.36
C SER B 99 16.10 17.42 -11.90
N LEU B 100 17.36 17.78 -11.68
CA LEU B 100 17.76 18.26 -10.37
C LEU B 100 17.12 19.63 -10.19
N THR B 101 16.70 19.93 -8.97
CA THR B 101 16.06 21.21 -8.68
C THR B 101 16.76 21.91 -7.53
N LEU B 102 16.92 23.22 -7.69
CA LEU B 102 17.60 24.09 -6.74
C LEU B 102 16.75 25.32 -6.43
N ALA B 103 16.54 25.61 -5.14
CA ALA B 103 15.79 26.80 -4.76
C ALA B 103 16.68 27.64 -3.85
N LEU B 104 16.60 28.94 -4.06
CA LEU B 104 17.46 29.91 -3.37
C LEU B 104 16.55 30.98 -2.75
N ALA B 105 16.48 30.99 -1.42
CA ALA B 105 15.54 31.87 -0.70
C ALA B 105 16.23 33.00 0.06
N HIS B 106 15.56 34.14 0.10
CA HIS B 106 16.00 35.26 0.93
C HIS B 106 14.75 35.98 1.41
N GLY B 107 14.94 36.97 2.30
CA GLY B 107 13.82 37.70 2.86
C GLY B 107 12.80 36.81 3.56
N ARG B 108 11.56 37.29 3.61
CA ARG B 108 10.48 36.64 4.35
C ARG B 108 9.52 35.92 3.40
N ASN B 109 9.38 34.62 3.61
CA ASN B 109 8.64 33.78 2.67
C ASN B 109 7.45 33.09 3.32
N PHE B 110 6.36 32.92 2.56
CA PHE B 110 5.11 32.48 3.17
C PHE B 110 4.36 31.44 2.34
N GLY B 111 3.68 30.51 3.03
CA GLY B 111 2.70 29.61 2.41
C GLY B 111 3.21 28.86 1.21
N ALA B 112 2.50 28.96 0.09
CA ALA B 112 2.85 28.28 -1.14
C ALA B 112 4.25 28.63 -1.63
N GLY B 113 4.74 29.82 -1.24
CA GLY B 113 6.13 30.25 -1.54
C GLY B 113 7.14 29.34 -0.85
N VAL B 114 6.92 29.09 0.43
CA VAL B 114 7.70 28.14 1.20
C VAL B 114 7.54 26.72 0.62
N ASP B 115 6.33 26.36 0.19
CA ASP B 115 6.11 25.02 -0.39
C ASP B 115 6.85 24.80 -1.72
N LEU B 116 6.91 25.85 -2.55
CA LEU B 116 7.66 25.80 -3.81
C LEU B 116 9.14 25.54 -3.55
N PHE B 117 9.70 26.30 -2.60
CA PHE B 117 11.05 26.10 -2.09
C PHE B 117 11.27 24.63 -1.61
N ALA B 118 10.35 24.14 -0.77
CA ALA B 118 10.37 22.78 -0.22
C ALA B 118 10.37 21.69 -1.30
N ALA B 119 9.70 21.99 -2.41
CA ALA B 119 9.57 21.04 -3.52
C ALA B 119 10.90 20.76 -4.23
N CYS B 120 11.88 21.65 -4.03
CA CYS B 120 13.19 21.49 -4.64
C CYS B 120 14.13 20.61 -3.80
N LYS B 121 15.03 19.90 -4.46
CA LYS B 121 15.95 18.96 -3.80
C LYS B 121 17.13 19.65 -3.11
N TRP B 122 17.74 20.63 -3.78
CA TRP B 122 18.80 21.44 -3.17
C TRP B 122 18.15 22.72 -2.72
N ARG B 123 18.26 23.02 -1.42
CA ARG B 123 17.58 24.17 -0.82
CA ARG B 123 17.59 24.16 -0.80
C ARG B 123 18.56 24.98 0.01
N TYR B 124 18.73 26.26 -0.38
CA TYR B 124 19.64 27.14 0.32
C TYR B 124 18.94 28.45 0.60
N CYS B 125 19.30 29.09 1.70
CA CYS B 125 18.73 30.40 1.94
C CYS B 125 19.79 31.32 2.56
N THR B 126 19.56 32.63 2.50
CA THR B 126 20.42 33.58 3.21
C THR B 126 20.32 33.33 4.71
N PRO B 127 21.38 33.67 5.48
CA PRO B 127 21.30 33.55 6.94
C PRO B 127 20.17 34.37 7.59
N GLU B 128 19.67 35.40 6.90
CA GLU B 128 18.61 36.28 7.41
C GLU B 128 17.20 35.87 6.93
N ALA B 129 17.12 34.80 6.12
CA ALA B 129 15.82 34.37 5.55
C ALA B 129 14.85 33.86 6.63
N GLY B 130 13.56 34.04 6.39
CA GLY B 130 12.52 33.48 7.24
C GLY B 130 11.45 32.75 6.44
N PHE B 131 10.75 31.83 7.11
CA PHE B 131 9.72 31.01 6.47
C PHE B 131 8.51 30.90 7.38
N ARG B 132 7.30 30.83 6.79
CA ARG B 132 6.11 30.51 7.57
C ARG B 132 5.08 29.88 6.65
N MET B 133 4.47 28.81 7.12
CA MET B 133 3.36 28.19 6.40
C MET B 133 2.13 28.34 7.34
N PRO B 134 1.39 29.46 7.18
CA PRO B 134 0.29 29.84 8.09
C PRO B 134 -1.09 29.33 7.66
N GLY B 135 -1.15 28.66 6.50
CA GLY B 135 -2.39 28.26 5.85
C GLY B 135 -3.36 27.45 6.70
N LEU B 136 -2.84 26.62 7.60
CA LEU B 136 -3.69 25.84 8.52
C LEU B 136 -4.59 26.74 9.39
N LYS B 137 -4.16 27.98 9.62
CA LYS B 137 -4.97 28.99 10.32
C LYS B 137 -6.29 29.28 9.62
N PHE B 138 -6.34 29.07 8.31
CA PHE B 138 -7.61 29.14 7.60
C PHE B 138 -8.05 27.81 7.00
N GLY B 139 -7.56 26.72 7.59
CA GLY B 139 -7.98 25.36 7.23
C GLY B 139 -7.30 24.75 6.02
N LEU B 140 -6.32 25.47 5.45
CA LEU B 140 -5.67 25.03 4.21
C LEU B 140 -4.65 23.93 4.50
N VAL B 141 -4.76 22.82 3.77
CA VAL B 141 -3.82 21.71 3.90
C VAL B 141 -2.95 21.60 2.64
N LEU B 142 -1.82 22.31 2.65
CA LEU B 142 -0.98 22.46 1.46
C LEU B 142 0.47 22.20 1.80
N GLY B 143 1.11 21.23 1.13
CA GLY B 143 2.53 20.93 1.33
C GLY B 143 2.88 20.16 2.62
N THR B 144 1.84 19.78 3.35
CA THR B 144 1.97 19.18 4.69
C THR B 144 2.85 17.92 4.73
N ARG B 145 2.52 16.91 3.89
CA ARG B 145 3.29 15.67 3.88
C ARG B 145 4.70 15.87 3.31
N ARG B 146 4.83 16.73 2.30
CA ARG B 146 6.17 16.98 1.74
C ARG B 146 7.08 17.64 2.80
N PHE B 147 6.51 18.55 3.58
CA PHE B 147 7.27 19.16 4.68
C PHE B 147 7.66 18.12 5.76
N ARG B 148 6.69 17.30 6.17
CA ARG B 148 6.91 16.16 7.06
C ARG B 148 8.06 15.26 6.60
N ASP B 149 8.07 14.89 5.32
CA ASP B 149 9.12 14.04 4.76
C ASP B 149 10.52 14.68 4.87
N ILE B 150 10.59 16.00 4.82
CA ILE B 150 11.86 16.72 4.91
C ILE B 150 12.33 16.77 6.37
N VAL B 151 11.47 17.25 7.26
CA VAL B 151 11.88 17.58 8.64
C VAL B 151 11.54 16.52 9.70
N GLY B 152 10.69 15.56 9.33
CA GLY B 152 10.21 14.53 10.26
C GLY B 152 8.89 14.94 10.88
N ALA B 153 8.08 13.95 11.29
CA ALA B 153 6.76 14.21 11.84
C ALA B 153 6.78 15.09 13.10
N ASP B 154 7.84 14.96 13.91
CA ASP B 154 7.98 15.70 15.17
C ASP B 154 8.18 17.20 14.91
N GLN B 155 9.18 17.53 14.09
CA GLN B 155 9.43 18.93 13.73
C GLN B 155 8.28 19.52 12.96
N ALA B 156 7.67 18.73 12.08
CA ALA B 156 6.51 19.20 11.31
C ALA B 156 5.34 19.55 12.21
N LEU B 157 5.06 18.73 13.21
CA LEU B 157 4.01 19.06 14.19
C LEU B 157 4.35 20.33 14.98
N SER B 158 5.62 20.45 15.41
CA SER B 158 6.08 21.64 16.13
CA SER B 158 6.05 21.65 16.14
C SER B 158 5.77 22.92 15.33
N ILE B 159 6.14 22.90 14.05
CA ILE B 159 6.02 24.09 13.19
C ILE B 159 4.61 24.31 12.65
N LEU B 160 4.03 23.28 12.03
CA LEU B 160 2.72 23.42 11.40
C LEU B 160 1.57 23.49 12.42
N GLY B 161 1.72 22.74 13.53
CA GLY B 161 0.73 22.70 14.60
C GLY B 161 0.37 24.05 15.21
N SER B 162 1.34 24.98 15.21
CA SER B 162 1.09 26.33 15.67
CA SER B 162 1.17 26.34 15.69
C SER B 162 1.14 27.30 14.51
N ALA B 163 1.30 26.75 13.29
CA ALA B 163 1.38 27.50 12.04
C ALA B 163 2.35 28.68 12.18
N ARG B 164 3.52 28.38 12.74
CA ARG B 164 4.46 29.40 13.20
C ARG B 164 5.63 29.60 12.24
N ALA B 165 6.31 30.74 12.42
CA ALA B 165 7.49 31.07 11.63
C ALA B 165 8.70 30.28 12.11
N PHE B 166 9.67 30.11 11.22
CA PHE B 166 11.00 29.61 11.57
C PHE B 166 12.05 30.31 10.73
N ASP B 167 13.24 30.53 11.30
CA ASP B 167 14.26 31.32 10.63
C ASP B 167 15.26 30.41 9.94
N ALA B 168 16.30 31.00 9.36
CA ALA B 168 17.30 30.23 8.61
C ALA B 168 18.07 29.25 9.49
N ASP B 169 18.36 29.63 10.74
CA ASP B 169 19.09 28.75 11.63
C ASP B 169 18.30 27.48 11.99
N GLU B 170 17.01 27.63 12.28
CA GLU B 170 16.14 26.49 12.58
C GLU B 170 15.95 25.63 11.33
N ALA B 171 15.78 26.29 10.19
CA ALA B 171 15.64 25.62 8.89
C ALA B 171 16.84 24.70 8.64
N ARG B 172 18.05 25.22 8.88
CA ARG B 172 19.28 24.44 8.75
C ARG B 172 19.31 23.26 9.74
N ARG B 173 18.99 23.54 11.00
CA ARG B 173 19.00 22.54 12.08
CA ARG B 173 19.05 22.52 12.05
C ARG B 173 18.11 21.35 11.75
N ILE B 174 16.94 21.64 11.18
CA ILE B 174 15.91 20.62 10.93
C ILE B 174 16.02 19.94 9.55
N GLY B 175 16.98 20.39 8.75
CA GLY B 175 17.23 19.79 7.42
C GLY B 175 16.42 20.44 6.31
N PHE B 176 15.71 21.50 6.64
CA PHE B 176 14.90 22.21 5.64
C PHE B 176 15.76 22.95 4.62
N VAL B 177 16.93 23.45 5.05
CA VAL B 177 17.93 23.91 4.08
C VAL B 177 19.21 23.14 4.30
N ARG B 178 19.94 22.86 3.22
CA ARG B 178 21.23 22.18 3.29
C ARG B 178 22.22 23.05 4.04
N ASP B 179 22.17 24.34 3.74
CA ASP B 179 23.03 25.32 4.38
C ASP B 179 22.57 26.72 4.03
N CYS B 180 23.16 27.70 4.71
CA CYS B 180 22.92 29.10 4.40
C CYS B 180 23.99 29.61 3.44
N ALA B 181 23.63 30.61 2.64
CA ALA B 181 24.50 31.20 1.62
C ALA B 181 23.99 32.58 1.27
N ALA B 182 24.88 33.56 1.35
CA ALA B 182 24.60 34.94 0.92
C ALA B 182 24.34 34.97 -0.58
N GLN B 183 23.51 35.93 -1.01
CA GLN B 183 23.11 36.09 -2.41
C GLN B 183 24.29 36.18 -3.38
N ALA B 184 25.39 36.79 -2.92
CA ALA B 184 26.60 36.92 -3.75
C ALA B 184 27.20 35.55 -4.10
N GLN B 185 26.99 34.56 -3.23
CA GLN B 185 27.48 33.19 -3.43
C GLN B 185 26.55 32.30 -4.27
N TRP B 186 25.39 32.81 -4.64
CA TRP B 186 24.41 32.03 -5.42
C TRP B 186 24.84 31.62 -6.83
N PRO B 187 25.42 32.56 -7.64
CA PRO B 187 25.90 32.10 -8.95
C PRO B 187 26.87 30.91 -8.90
N ALA B 188 27.70 30.83 -7.85
CA ALA B 188 28.58 29.68 -7.64
C ALA B 188 27.86 28.39 -7.25
N LEU B 189 26.79 28.51 -6.45
CA LEU B 189 25.95 27.37 -6.07
C LEU B 189 25.26 26.76 -7.29
N ILE B 190 24.77 27.65 -8.16
CA ILE B 190 24.13 27.27 -9.41
C ILE B 190 25.08 26.42 -10.27
N ASP B 191 26.34 26.85 -10.38
CA ASP B 191 27.37 26.10 -11.09
C ASP B 191 27.66 24.74 -10.49
N ALA B 192 27.75 24.66 -9.16
CA ALA B 192 27.91 23.37 -8.47
C ALA B 192 26.71 22.45 -8.70
N ALA B 193 25.52 23.04 -8.71
CA ALA B 193 24.30 22.30 -8.97
C ALA B 193 24.24 21.77 -10.42
N ALA B 194 24.66 22.58 -11.39
CA ALA B 194 24.66 22.18 -12.81
C ALA B 194 25.62 21.02 -13.07
N GLU B 195 26.76 21.04 -12.39
CA GLU B 195 27.73 19.95 -12.41
C GLU B 195 27.18 18.67 -11.80
N ALA B 196 26.47 18.80 -10.69
CA ALA B 196 25.82 17.66 -10.02
C ALA B 196 24.77 17.07 -10.95
N ALA B 197 24.00 17.94 -11.59
CA ALA B 197 22.86 17.52 -12.42
C ALA B 197 23.30 16.74 -13.65
N THR B 198 24.51 17.02 -14.15
CA THR B 198 25.02 16.38 -15.37
C THR B 198 26.02 15.24 -15.07
N ALA B 199 26.18 14.89 -13.79
CA ALA B 199 27.08 13.80 -13.39
C ALA B 199 26.58 12.42 -13.81
N LEU B 200 25.26 12.30 -14.06
CA LEU B 200 24.67 11.05 -14.52
C LEU B 200 23.96 11.30 -15.83
N ASP B 201 23.84 10.27 -16.66
CA ASP B 201 23.07 10.39 -17.90
C ASP B 201 21.59 10.69 -17.58
N PRO B 202 20.89 11.39 -18.48
CA PRO B 202 19.52 11.85 -18.20
C PRO B 202 18.50 10.77 -17.79
N ALA B 203 18.54 9.60 -18.41
CA ALA B 203 17.62 8.53 -18.02
C ALA B 203 17.94 7.98 -16.63
N THR B 204 19.23 7.87 -16.31
CA THR B 204 19.68 7.41 -14.99
C THR B 204 19.35 8.42 -13.88
N ARG B 205 19.55 9.70 -14.16
CA ARG B 205 19.15 10.77 -13.25
C ARG B 205 17.64 10.67 -12.96
N ALA B 206 16.84 10.57 -14.02
CA ALA B 206 15.39 10.38 -13.91
C ALA B 206 15.06 9.19 -13.01
N THR B 207 15.67 8.03 -13.29
CA THR B 207 15.43 6.82 -12.50
C THR B 207 15.79 7.00 -11.02
N LEU B 208 16.96 7.57 -10.75
CA LEU B 208 17.38 7.84 -9.38
C LEU B 208 16.36 8.68 -8.58
N HIS B 209 15.90 9.78 -9.17
CA HIS B 209 14.91 10.63 -8.50
C HIS B 209 13.61 9.87 -8.22
N ARG B 210 13.15 9.08 -9.19
CA ARG B 210 11.93 8.29 -9.04
CA ARG B 210 11.94 8.28 -9.05
C ARG B 210 12.07 7.24 -7.92
N VAL B 211 13.22 6.54 -7.92
CA VAL B 211 13.52 5.49 -6.95
C VAL B 211 13.61 6.05 -5.52
N LEU B 212 14.24 7.21 -5.37
CA LEU B 212 14.35 7.86 -4.06
C LEU B 212 13.07 8.49 -3.48
N ARG B 213 12.15 8.95 -4.34
CA ARG B 213 11.00 9.75 -3.90
CA ARG B 213 11.01 9.75 -3.89
C ARG B 213 9.91 8.92 -3.21
N ASP B 214 9.34 9.49 -2.14
CA ASP B 214 8.17 8.96 -1.47
C ASP B 214 6.97 9.64 -2.13
N ASP B 215 6.31 8.93 -3.04
CA ASP B 215 5.23 9.54 -3.82
C ASP B 215 3.88 9.40 -3.12
N HIS B 216 3.37 10.50 -2.58
CA HIS B 216 1.99 10.55 -2.05
C HIS B 216 1.19 11.70 -2.74
N ASP B 217 1.41 11.87 -4.04
CA ASP B 217 0.79 12.97 -4.83
C ASP B 217 -0.74 12.96 -4.74
N ASP B 218 -1.35 11.79 -4.87
CA ASP B 218 -2.81 11.70 -4.79
C ASP B 218 -3.39 12.08 -3.43
N ALA B 219 -2.78 11.54 -2.37
CA ALA B 219 -3.19 11.88 -1.00
C ALA B 219 -3.01 13.41 -0.76
N ASP B 220 -1.88 13.95 -1.23
CA ASP B 220 -1.64 15.41 -1.14
C ASP B 220 -2.66 16.29 -1.89
N LEU B 221 -2.94 15.96 -3.14
CA LEU B 221 -3.92 16.72 -3.89
C LEU B 221 -5.34 16.56 -3.31
N ALA B 222 -5.72 15.34 -2.91
CA ALA B 222 -7.04 15.11 -2.28
C ALA B 222 -7.20 15.96 -1.00
N ALA B 223 -6.19 15.95 -0.14
CA ALA B 223 -6.25 16.73 1.12
C ALA B 223 -6.32 18.23 0.82
N LEU B 224 -5.54 18.69 -0.16
CA LEU B 224 -5.60 20.09 -0.59
CA LEU B 224 -5.60 20.09 -0.56
C LEU B 224 -7.01 20.47 -1.00
N ALA B 225 -7.57 19.69 -1.91
CA ALA B 225 -8.88 19.95 -2.51
C ALA B 225 -9.99 19.98 -1.45
N ARG B 226 -10.01 18.98 -0.58
CA ARG B 226 -11.00 18.92 0.52
C ARG B 226 -10.92 20.17 1.40
N SER B 227 -9.69 20.55 1.74
CA SER B 227 -9.44 21.67 2.65
C SER B 227 -9.91 23.01 2.09
N ALA B 228 -9.63 23.24 0.82
CA ALA B 228 -10.01 24.49 0.14
C ALA B 228 -11.46 24.51 -0.35
N ALA B 229 -12.07 23.33 -0.49
CA ALA B 229 -13.47 23.25 -0.96
C ALA B 229 -14.53 23.28 0.15
N GLN B 230 -14.11 23.29 1.41
CA GLN B 230 -15.07 23.36 2.53
C GLN B 230 -15.77 24.71 2.42
N PRO B 231 -17.12 24.73 2.48
CA PRO B 231 -17.84 26.02 2.45
C PRO B 231 -17.30 27.03 3.47
N GLY B 232 -17.28 28.30 3.08
CA GLY B 232 -16.77 29.35 3.95
C GLY B 232 -15.28 29.61 3.85
N PHE B 233 -14.66 29.11 2.77
CA PHE B 233 -13.21 29.31 2.51
C PHE B 233 -12.77 30.78 2.56
N LYS B 234 -13.45 31.63 1.80
CA LYS B 234 -13.15 33.09 1.79
C LYS B 234 -13.24 33.73 3.16
N ALA B 235 -14.25 33.32 3.93
CA ALA B 235 -14.48 33.83 5.26
C ALA B 235 -13.34 33.42 6.20
N ARG B 236 -12.83 32.19 6.06
CA ARG B 236 -11.68 31.76 6.85
C ARG B 236 -10.41 32.56 6.51
N ILE B 237 -10.21 32.81 5.21
CA ILE B 237 -9.13 33.68 4.72
C ILE B 237 -9.24 35.08 5.33
N ARG B 238 -10.44 35.65 5.23
CA ARG B 238 -10.76 36.95 5.83
CA ARG B 238 -10.77 36.95 5.83
C ARG B 238 -10.34 37.05 7.30
N ASP B 239 -10.74 36.06 8.10
CA ASP B 239 -10.42 36.04 9.53
C ASP B 239 -8.93 35.94 9.80
N TYR B 240 -8.23 35.11 9.02
CA TYR B 240 -6.78 35.00 9.12
C TYR B 240 -6.11 36.33 8.77
N LEU B 241 -6.57 36.96 7.69
CA LEU B 241 -5.95 38.19 7.20
C LEU B 241 -6.12 39.37 8.16
N ALA B 242 -7.15 39.30 9.02
CA ALA B 242 -7.40 40.28 10.07
C ALA B 242 -6.45 40.10 11.27
N GLN B 243 -6.23 38.85 11.68
CA GLN B 243 -5.26 38.53 12.73
C GLN B 243 -3.84 38.49 12.19
N SER C 6 -10.82 4.45 46.80
CA SER C 6 -9.78 5.21 46.04
C SER C 6 -9.75 4.79 44.56
N LEU C 7 -9.90 5.77 43.68
CA LEU C 7 -9.94 5.53 42.23
C LEU C 7 -8.51 5.57 41.65
N PRO C 8 -8.23 4.70 40.66
CA PRO C 8 -6.87 4.63 40.10
C PRO C 8 -6.47 5.77 39.14
N LEU C 9 -7.45 6.56 38.70
CA LEU C 9 -7.22 7.69 37.79
C LEU C 9 -7.91 8.98 38.25
N ALA C 10 -7.17 10.08 38.22
CA ALA C 10 -7.75 11.40 38.44
C ALA C 10 -7.79 12.15 37.11
N ILE C 11 -8.92 12.79 36.80
CA ILE C 11 -9.02 13.65 35.62
C ILE C 11 -9.33 15.09 36.02
N GLU C 12 -8.45 16.02 35.63
CA GLU C 12 -8.71 17.45 35.81
C GLU C 12 -9.09 18.08 34.48
N ARG C 13 -10.22 18.77 34.43
CA ARG C 13 -10.70 19.42 33.22
C ARG C 13 -10.68 20.94 33.29
N ARG C 14 -9.87 21.53 32.44
CA ARG C 14 -9.83 22.97 32.23
CA ARG C 14 -9.92 23.01 32.28
C ARG C 14 -10.32 23.23 30.80
N PRO C 15 -10.54 24.48 30.45
CA PRO C 15 -11.08 24.77 29.13
C PRO C 15 -10.22 24.25 27.96
N ALA C 16 -8.92 24.39 28.01
CA ALA C 16 -8.11 23.98 26.88
C ALA C 16 -7.44 22.62 27.05
N ALA C 17 -7.50 22.07 28.25
CA ALA C 17 -6.80 20.82 28.57
C ALA C 17 -7.48 19.90 29.57
N TRP C 18 -7.31 18.61 29.38
CA TRP C 18 -7.63 17.65 30.42
C TRP C 18 -6.33 16.99 30.85
N THR C 19 -6.17 16.85 32.16
CA THR C 19 -5.00 16.19 32.70
C THR C 19 -5.40 14.86 33.30
N PHE C 20 -4.80 13.79 32.76
CA PHE C 20 -5.01 12.44 33.29
C PHE C 20 -3.84 12.13 34.21
N THR C 21 -4.11 12.09 35.50
CA THR C 21 -3.09 11.73 36.49
C THR C 21 -3.26 10.29 36.93
N LEU C 22 -2.29 9.44 36.56
CA LEU C 22 -2.29 8.06 37.02
C LEU C 22 -2.08 8.10 38.55
N SER C 23 -3.01 7.50 39.26
CA SER C 23 -3.10 7.66 40.71
C SER C 23 -3.12 6.32 41.43
N ARG C 24 -2.05 5.54 41.27
CA ARG C 24 -1.82 4.35 42.08
C ARG C 24 -0.39 4.42 42.58
N PRO C 25 -0.07 5.41 43.44
CA PRO C 25 1.34 5.66 43.79
C PRO C 25 1.99 4.56 44.64
N GLU C 26 1.19 3.71 45.28
CA GLU C 26 1.71 2.57 46.06
CA GLU C 26 1.76 2.60 46.04
C GLU C 26 1.98 1.37 45.17
N LYS C 27 1.42 1.40 43.96
CA LYS C 27 1.58 0.31 42.98
C LYS C 27 2.40 0.77 41.76
N ARG C 28 3.19 1.83 41.94
CA ARG C 28 4.06 2.39 40.90
C ARG C 28 3.28 2.77 39.63
N ASN C 29 2.03 3.18 39.82
CA ASN C 29 1.06 3.46 38.75
C ASN C 29 0.96 2.35 37.70
N ALA C 30 0.98 1.10 38.18
CA ALA C 30 0.88 -0.05 37.29
C ALA C 30 -0.50 -0.11 36.67
N LEU C 31 -0.55 -0.63 35.46
CA LEU C 31 -1.76 -0.64 34.68
C LEU C 31 -2.57 -1.88 34.95
N SER C 32 -3.46 -1.76 35.92
CA SER C 32 -4.51 -2.74 36.17
C SER C 32 -5.55 -2.64 35.07
N ALA C 33 -6.40 -3.66 34.94
CA ALA C 33 -7.49 -3.61 33.97
C ALA C 33 -8.41 -2.41 34.24
N GLU C 34 -8.64 -2.11 35.51
CA GLU C 34 -9.50 -0.99 35.90
C GLU C 34 -8.90 0.34 35.44
N LEU C 35 -7.58 0.51 35.65
CA LEU C 35 -6.92 1.76 35.26
C LEU C 35 -6.95 1.93 33.73
N VAL C 36 -6.68 0.86 32.99
CA VAL C 36 -6.74 0.88 31.53
C VAL C 36 -8.12 1.29 31.03
N GLU C 37 -9.17 0.66 31.55
CA GLU C 37 -10.54 1.06 31.18
C GLU C 37 -10.90 2.51 31.55
N ALA C 38 -10.48 2.94 32.74
CA ALA C 38 -10.63 4.34 33.16
C ALA C 38 -9.95 5.31 32.16
N LEU C 39 -8.74 4.95 31.74
CA LEU C 39 -7.98 5.73 30.75
C LEU C 39 -8.70 5.77 29.39
N ILE C 40 -9.14 4.60 28.91
CA ILE C 40 -9.91 4.51 27.67
C ILE C 40 -11.19 5.36 27.72
N ASP C 41 -11.97 5.23 28.80
CA ASP C 41 -13.22 5.98 28.96
C ASP C 41 -12.95 7.49 28.95
N GLY C 42 -11.93 7.91 29.70
CA GLY C 42 -11.50 9.31 29.78
C GLY C 42 -11.01 9.87 28.45
N VAL C 43 -10.21 9.09 27.73
CA VAL C 43 -9.68 9.50 26.44
C VAL C 43 -10.83 9.59 25.40
N ASP C 44 -11.74 8.64 25.45
CA ASP C 44 -12.91 8.67 24.55
C ASP C 44 -13.80 9.89 24.83
N ALA C 45 -13.98 10.23 26.11
CA ALA C 45 -14.81 11.38 26.52
C ALA C 45 -14.19 12.67 26.00
N ALA C 46 -12.87 12.81 26.20
CA ALA C 46 -12.10 13.92 25.69
C ALA C 46 -12.17 14.06 24.16
N HIS C 47 -12.18 12.92 23.46
CA HIS C 47 -12.29 12.96 22.01
CA HIS C 47 -12.32 12.89 21.99
C HIS C 47 -13.67 13.45 21.56
N ARG C 48 -14.73 12.99 22.22
CA ARG C 48 -16.09 13.48 21.96
C ARG C 48 -16.21 14.99 22.24
N GLU C 49 -15.55 15.45 23.30
CA GLU C 49 -15.53 16.88 23.64
C GLU C 49 -14.58 17.73 22.79
N GLN C 50 -13.71 17.07 22.01
CA GLN C 50 -12.66 17.74 21.21
C GLN C 50 -11.78 18.70 22.04
N VAL C 51 -11.34 18.19 23.21
CA VAL C 51 -10.38 18.89 24.07
C VAL C 51 -9.09 19.14 23.30
N PRO C 52 -8.62 20.40 23.23
CA PRO C 52 -7.39 20.69 22.49
C PRO C 52 -6.15 19.91 22.97
N LEU C 53 -5.99 19.80 24.29
CA LEU C 53 -4.80 19.21 24.88
C LEU C 53 -5.10 18.14 25.93
N LEU C 54 -4.43 17.01 25.80
CA LEU C 54 -4.47 15.94 26.80
C LEU C 54 -3.08 15.86 27.43
N VAL C 55 -3.06 15.92 28.76
CA VAL C 55 -1.81 15.85 29.52
C VAL C 55 -1.83 14.54 30.30
N PHE C 56 -0.72 13.81 30.28
CA PHE C 56 -0.61 12.56 31.02
C PHE C 56 0.53 12.67 32.01
N ALA C 57 0.25 12.31 33.24
CA ALA C 57 1.21 12.43 34.31
C ALA C 57 0.95 11.31 35.33
N GLY C 58 1.93 11.06 36.19
CA GLY C 58 1.77 10.07 37.25
C GLY C 58 2.02 10.65 38.63
N ALA C 59 1.11 10.35 39.56
CA ALA C 59 1.25 10.71 40.98
C ALA C 59 2.32 9.82 41.63
N GLY C 60 3.02 10.37 42.61
CA GLY C 60 3.98 9.60 43.38
C GLY C 60 5.35 9.58 42.75
N ARG C 61 5.99 8.41 42.77
CA ARG C 61 7.41 8.31 42.42
C ARG C 61 7.71 8.19 40.91
N ASN C 62 6.71 7.82 40.10
CA ASN C 62 6.98 7.63 38.66
C ASN C 62 5.80 7.99 37.76
N PHE C 63 5.99 7.80 36.45
CA PHE C 63 4.89 7.94 35.49
C PHE C 63 4.06 6.64 35.51
N SER C 64 4.68 5.51 35.13
CA SER C 64 4.02 4.19 35.18
C SER C 64 4.98 3.02 35.01
N ALA C 65 4.71 1.95 35.74
CA ALA C 65 5.47 0.71 35.65
C ALA C 65 4.85 -0.29 34.68
N GLY C 66 3.86 0.14 33.91
CA GLY C 66 3.25 -0.72 32.88
C GLY C 66 2.31 -1.77 33.45
N PHE C 67 2.13 -2.88 32.73
CA PHE C 67 1.15 -3.92 33.08
C PHE C 67 1.24 -4.33 34.55
N ASP C 68 0.10 -4.37 35.24
CA ASP C 68 0.06 -4.79 36.64
C ASP C 68 0.07 -6.32 36.75
N PHE C 69 1.22 -6.88 37.13
CA PHE C 69 1.39 -8.33 37.27
C PHE C 69 1.00 -8.88 38.65
N THR C 70 0.44 -8.04 39.51
CA THR C 70 -0.15 -8.48 40.80
C THR C 70 -1.24 -9.51 40.55
N ASP C 71 -1.13 -10.67 41.21
CA ASP C 71 -2.09 -11.76 41.07
C ASP C 71 -2.28 -12.26 39.63
N TYR C 72 -1.21 -12.22 38.83
CA TYR C 72 -1.27 -12.72 37.45
C TYR C 72 -1.50 -14.24 37.44
N GLU C 73 -1.12 -14.90 38.54
CA GLU C 73 -1.27 -16.35 38.64
CA GLU C 73 -1.27 -16.35 38.70
C GLU C 73 -2.74 -16.79 38.66
N THR C 74 -3.62 -15.89 39.09
CA THR C 74 -5.07 -16.14 39.10
C THR C 74 -5.74 -15.64 37.81
N GLN C 75 -4.94 -15.14 36.87
CA GLN C 75 -5.44 -14.70 35.57
C GLN C 75 -5.19 -15.83 34.58
N SER C 76 -6.18 -16.14 33.75
CA SER C 76 -5.95 -17.11 32.67
C SER C 76 -5.13 -16.46 31.56
N GLU C 77 -4.58 -17.28 30.65
CA GLU C 77 -3.85 -16.73 29.51
CA GLU C 77 -3.86 -16.74 29.51
C GLU C 77 -4.75 -15.81 28.68
N GLY C 78 -6.03 -16.16 28.58
CA GLY C 78 -7.02 -15.33 27.90
C GLY C 78 -7.22 -13.98 28.60
N ASP C 79 -7.30 -14.02 29.94
CA ASP C 79 -7.42 -12.81 30.76
C ASP C 79 -6.24 -11.88 30.48
N LEU C 80 -5.05 -12.44 30.42
CA LEU C 80 -3.84 -11.64 30.14
C LEU C 80 -3.86 -11.07 28.70
N LEU C 81 -4.28 -11.90 27.74
CA LEU C 81 -4.39 -11.44 26.34
C LEU C 81 -5.35 -10.24 26.25
N LEU C 82 -6.53 -10.39 26.83
CA LEU C 82 -7.55 -9.35 26.81
C LEU C 82 -7.00 -8.04 27.37
N ARG C 83 -6.31 -8.11 28.50
CA ARG C 83 -5.74 -6.92 29.12
C ARG C 83 -4.65 -6.27 28.24
N MET C 84 -3.82 -7.10 27.60
CA MET C 84 -2.82 -6.57 26.68
C MET C 84 -3.48 -5.92 25.46
N VAL C 85 -4.53 -6.56 24.93
CA VAL C 85 -5.28 -6.01 23.79
C VAL C 85 -5.91 -4.65 24.14
N ARG C 86 -6.49 -4.54 25.33
CA ARG C 86 -7.07 -3.28 25.79
C ARG C 86 -6.01 -2.18 25.96
N ILE C 87 -4.83 -2.57 26.42
CA ILE C 87 -3.68 -1.65 26.50
C ILE C 87 -3.32 -1.13 25.10
N GLU C 88 -3.26 -2.03 24.11
CA GLU C 88 -2.91 -1.59 22.77
C GLU C 88 -4.00 -0.69 22.18
N MET C 89 -5.26 -1.01 22.44
CA MET C 89 -6.37 -0.19 21.99
C MET C 89 -6.29 1.24 22.61
N LEU C 90 -5.93 1.33 23.88
CA LEU C 90 -5.70 2.62 24.56
C LEU C 90 -4.53 3.36 23.90
N LEU C 91 -3.41 2.66 23.69
CA LEU C 91 -2.22 3.25 23.08
C LEU C 91 -2.54 3.82 21.68
N GLN C 92 -3.36 3.12 20.91
CA GLN C 92 -3.68 3.55 19.56
C GLN C 92 -4.63 4.74 19.57
N ARG C 93 -5.55 4.76 20.53
CA ARG C 93 -6.45 5.91 20.74
C ARG C 93 -5.65 7.18 21.12
N VAL C 94 -4.68 7.03 22.01
CA VAL C 94 -3.80 8.15 22.38
C VAL C 94 -2.92 8.60 21.19
N ALA C 95 -2.26 7.63 20.54
CA ALA C 95 -1.34 7.92 19.45
C ALA C 95 -2.02 8.59 18.26
N GLY C 96 -3.27 8.20 17.99
CA GLY C 96 -4.08 8.76 16.92
C GLY C 96 -5.01 9.89 17.31
N SER C 97 -4.82 10.44 18.52
CA SER C 97 -5.68 11.52 19.03
C SER C 97 -5.69 12.77 18.13
N PRO C 98 -6.88 13.33 17.86
CA PRO C 98 -7.02 14.67 17.29
C PRO C 98 -6.55 15.78 18.25
N SER C 99 -6.51 15.48 19.54
CA SER C 99 -5.94 16.40 20.53
C SER C 99 -4.41 16.40 20.44
N LEU C 100 -3.79 17.53 20.76
CA LEU C 100 -2.36 17.50 21.06
C LEU C 100 -2.22 16.68 22.34
N THR C 101 -1.13 15.93 22.45
CA THR C 101 -0.93 15.08 23.62
C THR C 101 0.44 15.37 24.21
N LEU C 102 0.44 15.43 25.53
CA LEU C 102 1.64 15.77 26.27
C LEU C 102 1.85 14.81 27.43
N ALA C 103 3.08 14.30 27.58
CA ALA C 103 3.37 13.41 28.68
C ALA C 103 4.60 13.88 29.46
N LEU C 104 4.52 13.72 30.79
CA LEU C 104 5.53 14.28 31.69
C LEU C 104 5.93 13.15 32.63
N ALA C 105 7.15 12.66 32.44
CA ALA C 105 7.59 11.48 33.16
C ALA C 105 8.65 11.81 34.19
N HIS C 106 8.66 11.02 35.26
CA HIS C 106 9.71 11.07 36.26
C HIS C 106 9.88 9.66 36.82
N GLY C 107 10.89 9.46 37.66
CA GLY C 107 11.18 8.13 38.22
C GLY C 107 11.44 7.06 37.18
N ARG C 108 11.28 5.80 37.59
CA ARG C 108 11.61 4.67 36.72
C ARG C 108 10.35 4.06 36.13
N ASN C 109 10.35 3.94 34.81
CA ASN C 109 9.16 3.62 34.06
C ASN C 109 9.37 2.38 33.20
N PHE C 110 8.33 1.56 33.07
CA PHE C 110 8.48 0.23 32.47
C PHE C 110 7.37 -0.16 31.52
N GLY C 111 7.73 -0.94 30.50
CA GLY C 111 6.77 -1.60 29.61
C GLY C 111 5.71 -0.70 29.00
N ALA C 112 4.45 -1.13 29.14
CA ALA C 112 3.30 -0.35 28.68
C ALA C 112 3.27 1.09 29.25
N GLY C 113 3.92 1.30 30.40
CA GLY C 113 4.10 2.65 30.95
C GLY C 113 4.90 3.54 30.01
N VAL C 114 5.99 2.99 29.48
CA VAL C 114 6.84 3.69 28.51
C VAL C 114 6.09 3.85 27.18
N ASP C 115 5.27 2.86 26.84
CA ASP C 115 4.47 2.90 25.61
C ASP C 115 3.38 3.99 25.66
N LEU C 116 2.76 4.16 26.82
CA LEU C 116 1.79 5.24 27.02
C LEU C 116 2.47 6.61 26.84
N PHE C 117 3.62 6.78 27.49
CA PHE C 117 4.47 7.94 27.32
C PHE C 117 4.82 8.17 25.85
N ALA C 118 5.21 7.10 25.14
CA ALA C 118 5.64 7.18 23.73
C ALA C 118 4.51 7.58 22.80
N ALA C 119 3.28 7.22 23.17
CA ALA C 119 2.08 7.49 22.37
C ALA C 119 1.74 8.98 22.30
N CYS C 120 2.24 9.73 23.26
CA CYS C 120 2.02 11.16 23.29
C CYS C 120 3.03 11.88 22.39
N LYS C 121 2.59 12.98 21.79
CA LYS C 121 3.39 13.71 20.81
C LYS C 121 4.50 14.56 21.44
N TRP C 122 4.16 15.29 22.50
CA TRP C 122 5.16 16.10 23.20
C TRP C 122 5.52 15.34 24.47
N ARG C 123 6.79 14.98 24.60
CA ARG C 123 7.25 14.11 25.68
CA ARG C 123 7.27 14.10 25.66
C ARG C 123 8.41 14.74 26.42
N TYR C 124 8.24 14.89 27.73
CA TYR C 124 9.32 15.45 28.58
C TYR C 124 9.55 14.55 29.77
N CYS C 125 10.77 14.56 30.30
CA CYS C 125 11.07 13.82 31.53
C CYS C 125 12.03 14.61 32.42
N THR C 126 12.04 14.26 33.70
CA THR C 126 13.01 14.79 34.67
C THR C 126 14.41 14.26 34.39
N PRO C 127 15.45 14.98 34.86
CA PRO C 127 16.83 14.49 34.66
C PRO C 127 17.14 13.08 35.18
N GLU C 128 16.46 12.64 36.24
CA GLU C 128 16.72 11.31 36.82
C GLU C 128 15.74 10.23 36.34
N ALA C 129 14.89 10.55 35.37
CA ALA C 129 13.93 9.57 34.85
C ALA C 129 14.62 8.45 34.06
N GLY C 130 14.07 7.25 34.18
CA GLY C 130 14.54 6.09 33.40
C GLY C 130 13.41 5.37 32.70
N PHE C 131 13.77 4.60 31.67
CA PHE C 131 12.80 3.89 30.83
C PHE C 131 13.30 2.49 30.51
N ARG C 132 12.40 1.52 30.48
CA ARG C 132 12.75 0.17 30.02
C ARG C 132 11.54 -0.56 29.45
N MET C 133 11.71 -1.13 28.27
CA MET C 133 10.65 -1.95 27.66
C MET C 133 11.19 -3.38 27.57
N PRO C 134 10.88 -4.22 28.59
CA PRO C 134 11.49 -5.55 28.64
C PRO C 134 10.64 -6.69 28.06
N GLY C 135 9.48 -6.36 27.48
CA GLY C 135 8.49 -7.38 27.16
C GLY C 135 8.94 -8.44 26.17
N LEU C 136 9.86 -8.09 25.28
CA LEU C 136 10.39 -9.05 24.31
C LEU C 136 11.10 -10.25 24.96
N LYS C 137 11.60 -10.05 26.19
CA LYS C 137 12.21 -11.14 26.97
CA LYS C 137 12.20 -11.13 26.99
C LYS C 137 11.22 -12.27 27.25
N PHE C 138 9.92 -11.94 27.29
CA PHE C 138 8.90 -12.97 27.41
C PHE C 138 8.01 -13.11 26.16
N GLY C 139 8.52 -12.60 25.03
CA GLY C 139 7.89 -12.79 23.72
C GLY C 139 6.80 -11.77 23.39
N LEU C 140 6.68 -10.72 24.20
CA LEU C 140 5.65 -9.70 23.97
C LEU C 140 6.07 -8.70 22.91
N VAL C 141 5.18 -8.41 21.96
CA VAL C 141 5.44 -7.41 20.91
C VAL C 141 4.45 -6.25 21.06
N LEU C 142 4.84 -5.26 21.86
CA LEU C 142 3.92 -4.15 22.19
C LEU C 142 4.66 -2.82 22.02
N GLY C 143 4.08 -1.90 21.24
CA GLY C 143 4.65 -0.57 21.00
C GLY C 143 5.89 -0.52 20.12
N THR C 144 6.27 -1.67 19.55
CA THR C 144 7.50 -1.81 18.78
C THR C 144 7.63 -0.83 17.62
N ARG C 145 6.63 -0.79 16.73
CA ARG C 145 6.71 0.10 15.56
C ARG C 145 6.59 1.57 15.94
N ARG C 146 5.74 1.88 16.92
CA ARG C 146 5.62 3.26 17.40
C ARG C 146 6.96 3.73 17.96
N PHE C 147 7.65 2.87 18.71
CA PHE C 147 8.97 3.23 19.24
C PHE C 147 10.00 3.42 18.13
N ARG C 148 10.00 2.50 17.16
CA ARG C 148 10.81 2.62 15.94
C ARG C 148 10.58 3.95 15.19
N ASP C 149 9.32 4.33 14.99
CA ASP C 149 8.97 5.57 14.29
C ASP C 149 9.54 6.82 14.97
N ILE C 150 9.66 6.78 16.31
CA ILE C 150 10.26 7.87 17.08
C ILE C 150 11.79 7.88 16.96
N VAL C 151 12.43 6.78 17.36
CA VAL C 151 13.90 6.76 17.49
C VAL C 151 14.70 6.22 16.29
N GLY C 152 14.03 5.65 15.30
CA GLY C 152 14.71 5.03 14.14
C GLY C 152 14.93 3.54 14.33
N ALA C 153 15.06 2.79 13.23
CA ALA C 153 15.18 1.33 13.31
C ALA C 153 16.48 0.91 14.03
N ASP C 154 17.53 1.68 13.82
CA ASP C 154 18.82 1.43 14.46
C ASP C 154 18.76 1.51 15.99
N GLN C 155 18.30 2.64 16.55
CA GLN C 155 18.20 2.77 18.00
C GLN C 155 17.17 1.85 18.61
N ALA C 156 16.06 1.63 17.88
CA ALA C 156 15.01 0.71 18.34
C ALA C 156 15.53 -0.71 18.46
N LEU C 157 16.32 -1.16 17.49
CA LEU C 157 16.95 -2.48 17.58
C LEU C 157 17.93 -2.58 18.77
N SER C 158 18.78 -1.56 18.92
CA SER C 158 19.71 -1.50 20.06
CA SER C 158 19.71 -1.47 20.05
C SER C 158 18.96 -1.65 21.38
N ILE C 159 17.92 -0.84 21.58
CA ILE C 159 17.20 -0.83 22.85
C ILE C 159 16.27 -2.02 23.08
N LEU C 160 15.45 -2.34 22.09
CA LEU C 160 14.45 -3.39 22.22
C LEU C 160 15.08 -4.78 22.09
N GLY C 161 16.10 -4.88 21.23
CA GLY C 161 16.80 -6.14 20.95
C GLY C 161 17.54 -6.74 22.13
N SER C 162 17.93 -5.87 23.07
CA SER C 162 18.59 -6.31 24.28
CA SER C 162 18.61 -6.26 24.29
C SER C 162 17.70 -5.98 25.48
N ALA C 163 16.47 -5.55 25.19
CA ALA C 163 15.44 -5.18 26.17
C ALA C 163 15.99 -4.38 27.35
N ARG C 164 16.82 -3.38 27.01
CA ARG C 164 17.63 -2.67 28.00
C ARG C 164 17.01 -1.34 28.49
N ALA C 165 17.45 -0.93 29.68
CA ALA C 165 17.14 0.38 30.22
C ALA C 165 17.80 1.50 29.42
N PHE C 166 17.23 2.70 29.53
CA PHE C 166 17.86 3.93 29.04
C PHE C 166 17.45 5.11 29.91
N ASP C 167 18.38 6.02 30.14
CA ASP C 167 18.12 7.15 31.04
C ASP C 167 17.60 8.37 30.27
N ALA C 168 17.43 9.48 30.99
CA ALA C 168 16.97 10.76 30.43
C ALA C 168 17.89 11.32 29.37
N ASP C 169 19.21 11.21 29.61
CA ASP C 169 20.21 11.71 28.66
C ASP C 169 20.13 10.99 27.32
N GLU C 170 20.04 9.66 27.38
CA GLU C 170 19.91 8.87 26.16
C GLU C 170 18.57 9.11 25.47
N ALA C 171 17.50 9.22 26.27
CA ALA C 171 16.17 9.55 25.73
C ALA C 171 16.20 10.87 24.93
N ARG C 172 16.87 11.89 25.48
CA ARG C 172 17.01 13.16 24.75
C ARG C 172 17.84 13.03 23.48
N ARG C 173 19.01 12.36 23.58
CA ARG C 173 19.88 12.13 22.43
CA ARG C 173 19.89 12.12 22.43
C ARG C 173 19.17 11.46 21.25
N ILE C 174 18.34 10.45 21.54
CA ILE C 174 17.68 9.65 20.50
C ILE C 174 16.32 10.21 20.06
N GLY C 175 15.89 11.30 20.69
CA GLY C 175 14.66 11.98 20.28
C GLY C 175 13.42 11.39 20.91
N PHE C 176 13.62 10.60 21.96
CA PHE C 176 12.50 10.00 22.67
C PHE C 176 11.82 11.03 23.58
N VAL C 177 12.57 12.00 24.10
CA VAL C 177 11.97 13.18 24.74
C VAL C 177 12.37 14.47 24.02
N ARG C 178 11.47 15.46 24.02
CA ARG C 178 11.74 16.82 23.53
C ARG C 178 12.89 17.46 24.28
N ASP C 179 12.86 17.32 25.60
CA ASP C 179 13.89 17.85 26.48
C ASP C 179 13.76 17.18 27.82
N CYS C 180 14.82 17.27 28.61
CA CYS C 180 14.74 17.01 30.03
C CYS C 180 14.32 18.32 30.67
N ALA C 181 13.39 18.23 31.59
CA ALA C 181 12.89 19.39 32.31
C ALA C 181 12.54 18.95 33.72
N ALA C 182 13.08 19.67 34.70
CA ALA C 182 12.65 19.51 36.09
C ALA C 182 11.16 19.82 36.23
N GLN C 183 10.52 19.23 37.23
CA GLN C 183 9.08 19.42 37.43
C GLN C 183 8.71 20.91 37.62
N ALA C 184 9.64 21.71 38.15
CA ALA C 184 9.43 23.16 38.34
C ALA C 184 9.07 23.87 37.03
N GLN C 185 9.59 23.34 35.92
CA GLN C 185 9.37 23.88 34.58
C GLN C 185 8.09 23.33 33.91
N TRP C 186 7.46 22.31 34.50
CA TRP C 186 6.29 21.65 33.90
C TRP C 186 5.04 22.53 33.69
N PRO C 187 4.67 23.38 34.69
CA PRO C 187 3.54 24.29 34.40
C PRO C 187 3.70 25.16 33.16
N ALA C 188 4.89 25.72 32.93
CA ALA C 188 5.17 26.50 31.72
C ALA C 188 5.07 25.64 30.44
N LEU C 189 5.52 24.39 30.51
CA LEU C 189 5.42 23.47 29.35
C LEU C 189 3.96 23.14 29.00
N ILE C 190 3.13 22.92 30.03
CA ILE C 190 1.69 22.68 29.83
C ILE C 190 1.05 23.91 29.18
N ASP C 191 1.40 25.10 29.67
CA ASP C 191 0.84 26.34 29.12
C ASP C 191 1.19 26.47 27.65
N ALA C 192 2.47 26.20 27.32
CA ALA C 192 2.93 26.26 25.94
C ALA C 192 2.22 25.25 25.04
N ALA C 193 2.04 24.03 25.55
CA ALA C 193 1.30 22.99 24.83
C ALA C 193 -0.16 23.39 24.58
N ALA C 194 -0.79 24.02 25.58
CA ALA C 194 -2.18 24.48 25.47
C ALA C 194 -2.32 25.57 24.41
N GLU C 195 -1.35 26.50 24.37
CA GLU C 195 -1.27 27.54 23.34
CA GLU C 195 -1.35 27.52 23.33
C GLU C 195 -1.10 26.93 21.94
N ALA C 196 -0.19 25.96 21.84
CA ALA C 196 0.06 25.26 20.58
C ALA C 196 -1.16 24.47 20.11
N ALA C 197 -1.84 23.80 21.05
CA ALA C 197 -3.00 22.99 20.71
C ALA C 197 -4.15 23.82 20.16
N THR C 198 -4.32 25.02 20.73
CA THR C 198 -5.44 25.90 20.35
C THR C 198 -5.07 26.86 19.22
N ALA C 199 -3.86 26.75 18.68
CA ALA C 199 -3.45 27.61 17.56
C ALA C 199 -4.26 27.33 16.28
N LEU C 200 -4.80 26.11 16.18
CA LEU C 200 -5.65 25.72 15.04
C LEU C 200 -7.05 25.37 15.49
N ASP C 201 -8.03 25.52 14.60
CA ASP C 201 -9.40 25.10 14.91
C ASP C 201 -9.47 23.55 15.03
N PRO C 202 -10.43 23.04 15.83
CA PRO C 202 -10.53 21.59 16.07
C PRO C 202 -10.50 20.67 14.84
N ALA C 203 -11.25 21.01 13.79
CA ALA C 203 -11.28 20.17 12.59
C ALA C 203 -9.92 20.15 11.87
N THR C 204 -9.26 21.31 11.85
CA THR C 204 -7.97 21.43 11.17
C THR C 204 -6.85 20.72 11.95
N ARG C 205 -6.81 20.93 13.27
CA ARG C 205 -5.90 20.18 14.15
C ARG C 205 -6.08 18.66 13.93
N ALA C 206 -7.31 18.20 13.85
CA ALA C 206 -7.59 16.77 13.59
C ALA C 206 -7.01 16.34 12.25
N THR C 207 -7.23 17.14 11.21
CA THR C 207 -6.75 16.78 9.88
C THR C 207 -5.22 16.76 9.84
N LEU C 208 -4.59 17.78 10.45
CA LEU C 208 -3.14 17.81 10.55
C LEU C 208 -2.55 16.55 11.20
N HIS C 209 -3.10 16.15 12.35
CA HIS C 209 -2.62 14.97 13.07
C HIS C 209 -2.75 13.70 12.22
N ARG C 210 -3.88 13.59 11.53
CA ARG C 210 -4.15 12.47 10.64
CA ARG C 210 -4.17 12.48 10.62
C ARG C 210 -3.14 12.41 9.49
N VAL C 211 -2.91 13.56 8.84
CA VAL C 211 -1.97 13.68 7.73
C VAL C 211 -0.52 13.35 8.12
N LEU C 212 -0.07 13.82 9.28
CA LEU C 212 1.31 13.58 9.72
C LEU C 212 1.64 12.16 10.21
N ARG C 213 0.64 11.44 10.72
CA ARG C 213 0.88 10.16 11.39
CA ARG C 213 0.88 10.16 11.39
C ARG C 213 1.14 9.01 10.42
N ASP C 214 2.10 8.15 10.78
CA ASP C 214 2.34 6.91 10.07
C ASP C 214 1.42 5.86 10.72
N ASP C 215 0.30 5.56 10.07
CA ASP C 215 -0.71 4.67 10.66
C ASP C 215 -0.41 3.20 10.30
N HIS C 216 0.02 2.43 11.30
CA HIS C 216 0.14 0.98 11.15
C HIS C 216 -0.55 0.29 12.33
N ASP C 217 -1.71 0.84 12.72
CA ASP C 217 -2.50 0.35 13.85
C ASP C 217 -2.86 -1.13 13.71
N ASP C 218 -3.31 -1.55 12.52
CA ASP C 218 -3.71 -2.95 12.32
C ASP C 218 -2.54 -3.91 12.42
N ALA C 219 -1.41 -3.61 11.78
CA ALA C 219 -0.20 -4.41 11.91
C ALA C 219 0.25 -4.47 13.39
N ASP C 220 0.13 -3.34 14.10
CA ASP C 220 0.52 -3.29 15.52
C ASP C 220 -0.38 -4.15 16.41
N LEU C 221 -1.69 -4.04 16.23
CA LEU C 221 -2.62 -4.86 17.02
C LEU C 221 -2.49 -6.36 16.67
N ALA C 222 -2.31 -6.66 15.38
CA ALA C 222 -2.11 -8.05 14.96
C ALA C 222 -0.85 -8.65 15.60
N ALA C 223 0.27 -7.94 15.52
CA ALA C 223 1.55 -8.39 16.13
C ALA C 223 1.41 -8.61 17.64
N LEU C 224 0.72 -7.68 18.30
CA LEU C 224 0.46 -7.78 19.73
CA LEU C 224 0.48 -7.79 19.73
C LEU C 224 -0.35 -9.04 20.05
N ALA C 225 -1.46 -9.22 19.34
CA ALA C 225 -2.34 -10.36 19.58
C ALA C 225 -1.64 -11.70 19.35
N ARG C 226 -0.93 -11.84 18.23
CA ARG C 226 -0.15 -13.07 17.98
C ARG C 226 0.87 -13.34 19.09
N SER C 227 1.56 -12.29 19.52
CA SER C 227 2.59 -12.47 20.56
C SER C 227 1.99 -12.99 21.90
N ALA C 228 0.84 -12.45 22.28
CA ALA C 228 0.26 -12.75 23.58
C ALA C 228 -0.73 -13.90 23.52
N ALA C 229 -0.95 -14.45 22.33
CA ALA C 229 -1.84 -15.62 22.21
C ALA C 229 -1.06 -16.94 22.00
N GLN C 230 0.26 -16.88 21.96
CA GLN C 230 1.06 -18.09 21.79
C GLN C 230 0.88 -18.99 23.00
N PRO C 231 0.60 -20.29 22.78
CA PRO C 231 0.61 -21.22 23.91
C PRO C 231 1.86 -21.05 24.78
N GLY C 232 1.66 -21.09 26.10
CA GLY C 232 2.78 -20.94 27.05
C GLY C 232 3.13 -19.53 27.44
N PHE C 233 2.39 -18.54 26.92
CA PHE C 233 2.68 -17.12 27.20
C PHE C 233 2.68 -16.80 28.71
N LYS C 234 1.69 -17.32 29.43
CA LYS C 234 1.62 -17.12 30.89
C LYS C 234 2.86 -17.72 31.60
N ALA C 235 3.26 -18.91 31.16
CA ALA C 235 4.49 -19.55 31.64
C ALA C 235 5.74 -18.71 31.40
N ARG C 236 5.82 -18.05 30.24
CA ARG C 236 6.95 -17.14 29.93
C ARG C 236 6.99 -15.93 30.87
N ILE C 237 5.81 -15.39 31.18
CA ILE C 237 5.67 -14.34 32.17
C ILE C 237 6.16 -14.86 33.53
N ARG C 238 5.67 -16.05 33.92
CA ARG C 238 6.04 -16.69 35.19
CA ARG C 238 6.04 -16.70 35.19
C ARG C 238 7.54 -16.82 35.34
N ASP C 239 8.20 -17.28 34.28
CA ASP C 239 9.66 -17.40 34.26
C ASP C 239 10.36 -16.05 34.37
N TYR C 240 9.80 -15.04 33.72
CA TYR C 240 10.41 -13.70 33.73
C TYR C 240 10.23 -13.02 35.10
N LEU C 241 9.08 -13.24 35.74
CA LEU C 241 8.74 -12.61 37.02
C LEU C 241 9.19 -13.34 38.28
N ALA C 242 9.62 -14.60 38.13
CA ALA C 242 9.95 -15.46 39.28
C ALA C 242 11.02 -14.86 40.21
N GLN C 243 10.70 -14.85 41.50
CA GLN C 243 11.64 -14.43 42.53
C GLN C 243 12.28 -15.66 43.18
N PRO C 244 13.63 -15.68 43.25
CA PRO C 244 14.37 -16.82 43.78
C PRO C 244 14.50 -16.74 45.29
N SER D 4 -34.10 30.66 -1.65
N SER D 4 -33.86 30.14 -1.89
CA SER D 4 -34.05 29.82 -0.41
CA SER D 4 -34.03 29.76 -0.45
C SER D 4 -35.44 29.28 -0.02
C SER D 4 -35.34 28.97 -0.24
N ALA D 5 -36.39 29.38 -0.95
CA ALA D 5 -37.75 28.89 -0.70
C ALA D 5 -38.12 27.66 -1.55
N SER D 6 -37.18 27.20 -2.37
CA SER D 6 -37.40 26.01 -3.16
CA SER D 6 -37.39 26.00 -3.16
C SER D 6 -36.99 24.80 -2.34
N LEU D 7 -37.40 23.62 -2.79
CA LEU D 7 -37.02 22.39 -2.15
C LEU D 7 -36.50 21.47 -3.26
N PRO D 8 -35.23 21.68 -3.70
CA PRO D 8 -34.68 20.80 -4.75
C PRO D 8 -34.42 19.37 -4.25
N LEU D 9 -34.34 19.21 -2.94
CA LEU D 9 -34.20 17.90 -2.30
C LEU D 9 -35.28 17.69 -1.23
N ALA D 10 -36.13 16.69 -1.42
CA ALA D 10 -37.12 16.35 -0.39
C ALA D 10 -36.53 15.24 0.44
N ILE D 11 -36.67 15.36 1.77
CA ILE D 11 -36.20 14.29 2.66
C ILE D 11 -37.37 13.78 3.53
N GLU D 12 -37.69 12.50 3.39
CA GLU D 12 -38.64 11.82 4.25
C GLU D 12 -37.86 11.07 5.33
N ARG D 13 -38.15 11.37 6.59
CA ARG D 13 -37.47 10.74 7.69
C ARG D 13 -38.38 9.75 8.42
N ARG D 14 -37.93 8.51 8.50
CA ARG D 14 -38.57 7.45 9.30
C ARG D 14 -37.51 6.78 10.20
N PRO D 15 -37.93 6.01 11.23
CA PRO D 15 -36.93 5.43 12.16
C PRO D 15 -35.86 4.58 11.47
N ALA D 16 -36.25 3.73 10.51
CA ALA D 16 -35.30 2.82 9.85
C ALA D 16 -34.66 3.37 8.57
N ALA D 17 -35.20 4.49 8.05
CA ALA D 17 -34.83 4.94 6.70
C ALA D 17 -35.13 6.41 6.46
N TRP D 18 -34.20 7.10 5.80
CA TRP D 18 -34.46 8.41 5.23
C TRP D 18 -34.49 8.24 3.72
N THR D 19 -35.48 8.86 3.09
CA THR D 19 -35.57 8.84 1.64
C THR D 19 -35.25 10.23 1.09
N PHE D 20 -34.22 10.27 0.27
CA PHE D 20 -33.76 11.47 -0.40
C PHE D 20 -34.31 11.48 -1.82
N THR D 21 -35.32 12.32 -2.06
CA THR D 21 -35.89 12.42 -3.38
C THR D 21 -35.34 13.67 -4.08
N LEU D 22 -34.54 13.46 -5.12
CA LEU D 22 -34.08 14.55 -5.96
C LEU D 22 -35.32 15.12 -6.63
N SER D 23 -35.50 16.43 -6.49
CA SER D 23 -36.78 17.06 -6.78
C SER D 23 -36.63 18.28 -7.67
N ARG D 24 -35.99 18.08 -8.82
CA ARG D 24 -35.97 19.09 -9.86
C ARG D 24 -36.51 18.46 -11.16
N PRO D 25 -37.79 18.03 -11.15
CA PRO D 25 -38.26 17.22 -12.26
C PRO D 25 -38.42 17.95 -13.61
N GLU D 26 -38.39 19.29 -13.59
CA GLU D 26 -38.42 20.08 -14.83
C GLU D 26 -37.03 20.27 -15.42
N LYS D 27 -36.01 19.88 -14.65
CA LYS D 27 -34.60 19.99 -15.04
CA LYS D 27 -34.60 19.98 -15.07
C LYS D 27 -33.91 18.61 -15.05
N ARG D 28 -34.70 17.54 -15.17
CA ARG D 28 -34.22 16.14 -15.23
C ARG D 28 -33.38 15.76 -13.99
N ASN D 29 -33.73 16.38 -12.85
CA ASN D 29 -33.05 16.20 -11.58
C ASN D 29 -31.54 16.46 -11.67
N ALA D 30 -31.18 17.44 -12.49
CA ALA D 30 -29.79 17.79 -12.70
C ALA D 30 -29.21 18.42 -11.43
N LEU D 31 -27.93 18.19 -11.22
CA LEU D 31 -27.26 18.56 -10.00
C LEU D 31 -26.74 19.98 -10.08
N SER D 32 -27.57 20.92 -9.60
CA SER D 32 -27.13 22.28 -9.35
C SER D 32 -26.22 22.32 -8.11
N ALA D 33 -25.48 23.41 -7.93
CA ALA D 33 -24.69 23.57 -6.73
C ALA D 33 -25.60 23.43 -5.49
N GLU D 34 -26.77 24.07 -5.53
CA GLU D 34 -27.74 24.01 -4.44
C GLU D 34 -28.20 22.58 -4.09
N LEU D 35 -28.54 21.78 -5.10
CA LEU D 35 -28.93 20.40 -4.86
C LEU D 35 -27.81 19.55 -4.25
N VAL D 36 -26.58 19.67 -4.79
CA VAL D 36 -25.41 18.94 -4.23
C VAL D 36 -25.23 19.31 -2.77
N GLU D 37 -25.25 20.62 -2.46
CA GLU D 37 -25.09 21.03 -1.05
C GLU D 37 -26.19 20.51 -0.11
N ALA D 38 -27.43 20.47 -0.60
CA ALA D 38 -28.56 19.91 0.13
C ALA D 38 -28.37 18.40 0.40
N LEU D 39 -27.86 17.68 -0.60
CA LEU D 39 -27.57 16.27 -0.46
C LEU D 39 -26.46 16.02 0.56
N ILE D 40 -25.39 16.81 0.48
CA ILE D 40 -24.30 16.71 1.42
C ILE D 40 -24.78 16.94 2.87
N ASP D 41 -25.54 18.03 3.07
CA ASP D 41 -26.13 18.32 4.38
CA ASP D 41 -26.17 18.35 4.38
C ASP D 41 -27.01 17.18 4.90
N GLY D 42 -27.90 16.67 4.05
CA GLY D 42 -28.80 15.57 4.40
C GLY D 42 -28.07 14.29 4.76
N VAL D 43 -27.10 13.90 3.92
CA VAL D 43 -26.27 12.72 4.17
C VAL D 43 -25.47 12.85 5.49
N ASP D 44 -24.85 14.03 5.71
CA ASP D 44 -24.12 14.29 6.97
C ASP D 44 -25.02 14.18 8.19
N ALA D 45 -26.25 14.71 8.09
CA ALA D 45 -27.22 14.65 9.19
C ALA D 45 -27.63 13.21 9.47
N ALA D 46 -27.87 12.43 8.41
CA ALA D 46 -28.19 11.01 8.55
C ALA D 46 -27.06 10.19 9.22
N HIS D 47 -25.80 10.55 8.92
CA HIS D 47 -24.68 9.87 9.54
CA HIS D 47 -24.58 9.96 9.52
C HIS D 47 -24.58 10.24 11.03
N ARG D 48 -24.84 11.49 11.38
CA ARG D 48 -24.89 11.90 12.79
C ARG D 48 -25.98 11.15 13.54
N GLU D 49 -27.12 10.93 12.88
CA GLU D 49 -28.30 10.33 13.51
C GLU D 49 -28.30 8.80 13.36
N GLN D 50 -27.24 8.29 12.73
CA GLN D 50 -27.04 6.84 12.51
C GLN D 50 -28.25 6.14 11.88
N VAL D 51 -28.83 6.80 10.88
CA VAL D 51 -29.95 6.27 10.11
C VAL D 51 -29.54 4.95 9.44
N PRO D 52 -30.30 3.88 9.67
CA PRO D 52 -29.89 2.56 9.13
C PRO D 52 -29.85 2.48 7.61
N LEU D 53 -30.85 3.07 6.95
CA LEU D 53 -30.98 3.00 5.51
C LEU D 53 -31.18 4.38 4.88
N LEU D 54 -30.36 4.71 3.89
CA LEU D 54 -30.60 5.89 3.04
C LEU D 54 -31.11 5.43 1.70
N VAL D 55 -32.26 5.97 1.32
CA VAL D 55 -32.86 5.68 0.02
C VAL D 55 -32.73 6.90 -0.91
N PHE D 56 -32.26 6.67 -2.13
CA PHE D 56 -32.16 7.71 -3.15
C PHE D 56 -33.08 7.46 -4.35
N ALA D 57 -33.89 8.47 -4.67
CA ALA D 57 -34.84 8.36 -5.78
C ALA D 57 -34.97 9.71 -6.47
N GLY D 58 -35.57 9.72 -7.66
CA GLY D 58 -35.80 10.95 -8.37
C GLY D 58 -37.26 11.16 -8.67
N ALA D 59 -37.74 12.40 -8.45
CA ALA D 59 -39.10 12.81 -8.85
C ALA D 59 -39.19 12.96 -10.38
N GLY D 60 -40.39 12.83 -10.93
CA GLY D 60 -40.54 13.03 -12.38
C GLY D 60 -40.12 11.83 -13.20
N ARG D 61 -39.48 12.10 -14.34
CA ARG D 61 -39.19 11.09 -15.38
CA ARG D 61 -39.22 11.04 -15.33
C ARG D 61 -37.89 10.30 -15.20
N ASN D 62 -37.00 10.78 -14.33
CA ASN D 62 -35.71 10.09 -14.14
C ASN D 62 -35.16 10.15 -12.72
N PHE D 63 -34.00 9.53 -12.54
CA PHE D 63 -33.23 9.60 -11.28
C PHE D 63 -32.41 10.91 -11.26
N SER D 64 -31.46 11.06 -12.18
CA SER D 64 -30.69 12.30 -12.37
C SER D 64 -29.92 12.34 -13.70
N ALA D 65 -29.94 13.51 -14.33
CA ALA D 65 -29.12 13.81 -15.50
C ALA D 65 -27.72 14.32 -15.15
N GLY D 66 -27.35 14.28 -13.86
CA GLY D 66 -25.99 14.65 -13.47
C GLY D 66 -25.80 16.16 -13.42
N PHE D 67 -24.57 16.61 -13.64
CA PHE D 67 -24.20 18.03 -13.54
C PHE D 67 -25.16 18.94 -14.32
N ASP D 68 -25.69 19.95 -13.64
CA ASP D 68 -26.57 20.94 -14.29
C ASP D 68 -25.74 21.92 -15.11
N PHE D 69 -25.80 21.75 -16.44
CA PHE D 69 -25.05 22.61 -17.37
C PHE D 69 -25.74 23.95 -17.73
N THR D 70 -26.96 24.17 -17.23
CA THR D 70 -27.66 25.46 -17.38
C THR D 70 -26.78 26.61 -16.90
N ASP D 71 -26.55 27.59 -17.77
CA ASP D 71 -25.73 28.77 -17.41
C ASP D 71 -24.28 28.44 -16.96
N TYR D 72 -23.72 27.34 -17.46
CA TYR D 72 -22.30 27.05 -17.22
C TYR D 72 -21.42 28.14 -17.88
N GLU D 73 -21.93 28.73 -18.97
CA GLU D 73 -21.20 29.81 -19.66
C GLU D 73 -20.92 31.04 -18.79
N THR D 74 -21.82 31.31 -17.85
CA THR D 74 -21.66 32.46 -16.95
C THR D 74 -20.96 32.09 -15.64
N GLN D 75 -20.52 30.83 -15.51
CA GLN D 75 -19.75 30.44 -14.34
C GLN D 75 -18.28 30.32 -14.74
N SER D 76 -17.38 30.61 -13.80
CA SER D 76 -15.96 30.57 -14.12
C SER D 76 -15.44 29.14 -14.13
N GLU D 77 -14.23 28.95 -14.65
CA GLU D 77 -13.54 27.66 -14.60
CA GLU D 77 -13.54 27.66 -14.60
C GLU D 77 -13.47 27.14 -13.17
N GLY D 78 -13.18 28.07 -12.25
CA GLY D 78 -13.10 27.79 -10.80
C GLY D 78 -14.43 27.33 -10.22
N ASP D 79 -15.49 28.06 -10.56
CA ASP D 79 -16.85 27.72 -10.14
C ASP D 79 -17.19 26.29 -10.52
N LEU D 80 -16.86 25.90 -11.75
CA LEU D 80 -17.19 24.57 -12.28
C LEU D 80 -16.38 23.48 -11.58
N LEU D 81 -15.10 23.77 -11.35
CA LEU D 81 -14.22 22.87 -10.58
C LEU D 81 -14.77 22.61 -9.17
N LEU D 82 -15.13 23.68 -8.47
CA LEU D 82 -15.69 23.56 -7.12
C LEU D 82 -16.94 22.66 -7.13
N ARG D 83 -17.83 22.89 -8.09
CA ARG D 83 -19.04 22.09 -8.17
C ARG D 83 -18.76 20.59 -8.42
N MET D 84 -17.78 20.29 -9.27
CA MET D 84 -17.36 18.91 -9.50
C MET D 84 -16.69 18.28 -8.26
N VAL D 85 -15.84 19.04 -7.57
CA VAL D 85 -15.22 18.59 -6.32
C VAL D 85 -16.26 18.28 -5.26
N ARG D 86 -17.25 19.17 -5.10
CA ARG D 86 -18.32 18.93 -4.14
C ARG D 86 -19.16 17.70 -4.52
N ILE D 87 -19.42 17.49 -5.80
CA ILE D 87 -20.05 16.25 -6.28
C ILE D 87 -19.23 15.02 -5.85
N GLU D 88 -17.92 15.03 -6.12
CA GLU D 88 -17.10 13.87 -5.71
C GLU D 88 -17.07 13.69 -4.18
N MET D 89 -17.05 14.80 -3.43
CA MET D 89 -17.09 14.71 -1.98
C MET D 89 -18.42 14.05 -1.53
N LEU D 90 -19.52 14.44 -2.17
CA LEU D 90 -20.82 13.82 -1.93
C LEU D 90 -20.80 12.32 -2.25
N LEU D 91 -20.27 11.95 -3.42
CA LEU D 91 -20.24 10.54 -3.84
C LEU D 91 -19.44 9.69 -2.85
N GLN D 92 -18.34 10.23 -2.35
CA GLN D 92 -17.52 9.51 -1.39
C GLN D 92 -18.24 9.33 -0.04
N ARG D 93 -19.00 10.34 0.38
CA ARG D 93 -19.80 10.25 1.60
C ARG D 93 -20.87 9.17 1.48
N VAL D 94 -21.54 9.12 0.33
CA VAL D 94 -22.55 8.09 0.06
C VAL D 94 -21.90 6.69 -0.04
N ALA D 95 -20.83 6.60 -0.83
CA ALA D 95 -20.11 5.32 -1.02
C ALA D 95 -19.58 4.70 0.26
N GLY D 96 -19.03 5.54 1.13
CA GLY D 96 -18.45 5.10 2.41
C GLY D 96 -19.41 5.20 3.59
N SER D 97 -20.71 5.27 3.32
CA SER D 97 -21.71 5.49 4.37
C SER D 97 -21.75 4.30 5.36
N PRO D 98 -21.83 4.58 6.67
CA PRO D 98 -22.16 3.55 7.67
C PRO D 98 -23.60 3.05 7.52
N SER D 99 -24.46 3.83 6.87
CA SER D 99 -25.82 3.37 6.56
C SER D 99 -25.78 2.42 5.38
N LEU D 100 -26.70 1.46 5.33
CA LEU D 100 -26.98 0.77 4.06
C LEU D 100 -27.56 1.83 3.11
N THR D 101 -27.24 1.73 1.83
CA THR D 101 -27.75 2.70 0.84
C THR D 101 -28.45 1.97 -0.30
N LEU D 102 -29.57 2.53 -0.75
CA LEU D 102 -30.40 1.96 -1.78
C LEU D 102 -30.74 3.04 -2.81
N ALA D 103 -30.53 2.74 -4.08
CA ALA D 103 -30.88 3.67 -5.13
C ALA D 103 -31.89 3.03 -6.07
N LEU D 104 -32.83 3.83 -6.55
CA LEU D 104 -33.91 3.35 -7.39
C LEU D 104 -34.00 4.28 -8.60
N ALA D 105 -33.56 3.77 -9.75
CA ALA D 105 -33.44 4.59 -10.95
C ALA D 105 -34.53 4.26 -11.96
N HIS D 106 -34.92 5.28 -12.72
CA HIS D 106 -35.84 5.12 -13.82
C HIS D 106 -35.46 6.15 -14.86
N GLY D 107 -35.98 6.02 -16.08
CA GLY D 107 -35.73 7.00 -17.13
C GLY D 107 -34.27 7.06 -17.57
N ARG D 108 -33.91 8.17 -18.21
CA ARG D 108 -32.59 8.37 -18.78
CA ARG D 108 -32.59 8.36 -18.78
C ARG D 108 -31.68 9.12 -17.81
N ASN D 109 -30.59 8.48 -17.42
CA ASN D 109 -29.69 9.01 -16.41
C ASN D 109 -28.29 9.21 -16.92
N PHE D 110 -27.64 10.27 -16.46
CA PHE D 110 -26.39 10.74 -17.05
C PHE D 110 -25.36 11.15 -16.01
N GLY D 111 -24.09 10.88 -16.32
CA GLY D 111 -22.95 11.45 -15.59
C GLY D 111 -22.96 11.24 -14.09
N ALA D 112 -22.81 12.33 -13.34
CA ALA D 112 -22.82 12.29 -11.88
C ALA D 112 -24.11 11.67 -11.30
N GLY D 113 -25.20 11.76 -12.05
CA GLY D 113 -26.45 11.03 -11.73
C GLY D 113 -26.25 9.54 -11.66
N VAL D 114 -25.60 8.98 -12.68
CA VAL D 114 -25.24 7.57 -12.69
C VAL D 114 -24.23 7.28 -11.58
N ASP D 115 -23.30 8.19 -11.32
CA ASP D 115 -22.30 7.95 -10.26
C ASP D 115 -22.95 7.90 -8.84
N LEU D 116 -23.95 8.75 -8.64
CA LEU D 116 -24.67 8.77 -7.37
C LEU D 116 -25.37 7.43 -7.14
N PHE D 117 -26.03 6.95 -8.21
CA PHE D 117 -26.61 5.64 -8.26
C PHE D 117 -25.58 4.54 -7.93
N ALA D 118 -24.40 4.60 -8.59
CA ALA D 118 -23.29 3.64 -8.39
C ALA D 118 -22.76 3.61 -6.96
N ALA D 119 -22.75 4.77 -6.30
CA ALA D 119 -22.26 4.92 -4.92
C ALA D 119 -23.12 4.15 -3.90
N CYS D 120 -24.36 3.85 -4.28
CA CYS D 120 -25.29 3.12 -3.42
C CYS D 120 -25.08 1.61 -3.53
N LYS D 121 -25.26 0.90 -2.41
CA LYS D 121 -24.92 -0.52 -2.33
C LYS D 121 -25.97 -1.42 -2.97
N TRP D 122 -27.26 -1.14 -2.71
CA TRP D 122 -28.37 -1.87 -3.36
C TRP D 122 -28.87 -1.00 -4.50
N ARG D 123 -28.83 -1.52 -5.73
CA ARG D 123 -29.18 -0.72 -6.89
CA ARG D 123 -29.17 -0.73 -6.90
C ARG D 123 -30.20 -1.44 -7.75
N TYR D 124 -31.34 -0.77 -7.98
CA TYR D 124 -32.42 -1.32 -8.79
C TYR D 124 -32.83 -0.29 -9.83
N CYS D 125 -33.32 -0.75 -10.98
CA CYS D 125 -33.89 0.18 -11.94
C CYS D 125 -35.12 -0.41 -12.63
N THR D 126 -35.90 0.44 -13.28
CA THR D 126 -37.02 0.00 -14.11
C THR D 126 -36.46 -0.67 -15.38
N PRO D 127 -37.21 -1.64 -15.98
CA PRO D 127 -36.73 -2.30 -17.20
C PRO D 127 -36.45 -1.35 -18.38
N GLU D 128 -37.06 -0.16 -18.36
CA GLU D 128 -36.90 0.84 -19.41
C GLU D 128 -35.79 1.87 -19.12
N ALA D 129 -35.11 1.75 -17.97
CA ALA D 129 -34.10 2.74 -17.57
C ALA D 129 -32.83 2.67 -18.42
N GLY D 130 -32.13 3.81 -18.53
CA GLY D 130 -30.92 3.91 -19.32
C GLY D 130 -29.87 4.72 -18.59
N PHE D 131 -28.60 4.48 -18.89
CA PHE D 131 -27.50 5.07 -18.17
C PHE D 131 -26.41 5.45 -19.17
N ARG D 132 -25.79 6.60 -18.96
CA ARG D 132 -24.60 6.99 -19.72
C ARG D 132 -23.68 7.86 -18.87
N MET D 133 -22.37 7.59 -18.87
CA MET D 133 -21.38 8.45 -18.23
C MET D 133 -20.43 8.96 -19.33
N PRO D 134 -20.76 10.11 -19.94
CA PRO D 134 -20.03 10.64 -21.11
C PRO D 134 -18.91 11.63 -20.83
N GLY D 135 -18.61 11.89 -19.55
CA GLY D 135 -17.71 12.98 -19.14
C GLY D 135 -16.28 12.93 -19.65
N LEU D 136 -15.77 11.72 -19.90
CA LEU D 136 -14.47 11.56 -20.51
C LEU D 136 -14.36 12.23 -21.89
N LYS D 137 -15.49 12.38 -22.58
CA LYS D 137 -15.55 13.14 -23.84
C LYS D 137 -15.13 14.60 -23.66
N PHE D 138 -15.25 15.14 -22.46
CA PHE D 138 -14.70 16.45 -22.19
C PHE D 138 -13.61 16.41 -21.13
N GLY D 139 -13.03 15.21 -20.96
CA GLY D 139 -11.83 15.04 -20.14
C GLY D 139 -12.11 14.81 -18.66
N LEU D 140 -13.38 14.76 -18.26
CA LEU D 140 -13.76 14.58 -16.86
C LEU D 140 -13.51 13.15 -16.35
N VAL D 141 -12.82 13.02 -15.21
CA VAL D 141 -12.57 11.70 -14.64
C VAL D 141 -13.32 11.59 -13.31
N LEU D 142 -14.58 11.12 -13.39
CA LEU D 142 -15.50 11.12 -12.24
C LEU D 142 -16.15 9.74 -12.08
N GLY D 143 -16.00 9.16 -10.89
CA GLY D 143 -16.64 7.86 -10.56
C GLY D 143 -15.97 6.67 -11.20
N THR D 144 -14.84 6.89 -11.84
CA THR D 144 -14.22 5.90 -12.73
C THR D 144 -13.85 4.60 -12.01
N ARG D 145 -13.09 4.70 -10.93
CA ARG D 145 -12.64 3.53 -10.19
C ARG D 145 -13.79 2.82 -9.48
N ARG D 146 -14.75 3.59 -8.96
CA ARG D 146 -15.93 2.99 -8.34
C ARG D 146 -16.74 2.20 -9.34
N PHE D 147 -16.90 2.73 -10.54
CA PHE D 147 -17.59 1.98 -11.58
C PHE D 147 -16.82 0.71 -11.94
N ARG D 148 -15.49 0.83 -12.07
CA ARG D 148 -14.61 -0.31 -12.27
C ARG D 148 -14.78 -1.42 -11.22
N ASP D 149 -14.82 -1.03 -9.94
CA ASP D 149 -14.95 -1.95 -8.80
C ASP D 149 -16.22 -2.78 -8.87
N ILE D 150 -17.27 -2.20 -9.44
CA ILE D 150 -18.55 -2.86 -9.59
C ILE D 150 -18.55 -3.85 -10.77
N VAL D 151 -18.21 -3.36 -11.97
CA VAL D 151 -18.40 -4.11 -13.21
C VAL D 151 -17.13 -4.80 -13.75
N GLY D 152 -15.97 -4.53 -13.14
CA GLY D 152 -14.72 -5.08 -13.62
C GLY D 152 -14.06 -4.14 -14.62
N ALA D 153 -12.73 -4.14 -14.67
CA ALA D 153 -11.95 -3.23 -15.53
C ALA D 153 -12.25 -3.37 -17.02
N ASP D 154 -12.50 -4.60 -17.48
CA ASP D 154 -12.88 -4.87 -18.87
C ASP D 154 -14.17 -4.15 -19.27
N GLN D 155 -15.25 -4.39 -18.51
CA GLN D 155 -16.53 -3.74 -18.79
C GLN D 155 -16.50 -2.22 -18.60
N ALA D 156 -15.72 -1.76 -17.62
CA ALA D 156 -15.57 -0.32 -17.38
C ALA D 156 -14.87 0.37 -18.56
N LEU D 157 -13.83 -0.26 -19.09
CA LEU D 157 -13.13 0.27 -20.27
C LEU D 157 -14.07 0.31 -21.48
N SER D 158 -14.81 -0.78 -21.69
CA SER D 158 -15.80 -0.85 -22.78
CA SER D 158 -15.79 -0.84 -22.79
C SER D 158 -16.79 0.31 -22.71
N ILE D 159 -17.37 0.52 -21.54
CA ILE D 159 -18.39 1.55 -21.39
C ILE D 159 -17.84 2.97 -21.29
N LEU D 160 -16.85 3.18 -20.42
CA LEU D 160 -16.33 4.53 -20.23
C LEU D 160 -15.46 4.99 -21.39
N GLY D 161 -14.65 4.07 -21.92
CA GLY D 161 -13.72 4.33 -23.04
C GLY D 161 -14.33 4.90 -24.31
N SER D 162 -15.58 4.53 -24.57
CA SER D 162 -16.34 5.01 -25.72
CA SER D 162 -16.30 5.07 -25.73
C SER D 162 -17.46 5.93 -25.26
N ALA D 163 -17.47 6.24 -23.96
CA ALA D 163 -18.46 7.09 -23.29
C ALA D 163 -19.86 6.81 -23.76
N ARG D 164 -20.24 5.53 -23.76
CA ARG D 164 -21.46 5.06 -24.39
C ARG D 164 -22.61 4.76 -23.41
N ALA D 165 -23.84 4.81 -23.92
CA ALA D 165 -24.99 4.44 -23.13
C ALA D 165 -25.10 2.91 -22.91
N PHE D 166 -25.75 2.52 -21.81
CA PHE D 166 -26.18 1.13 -21.58
C PHE D 166 -27.54 1.07 -20.91
N ASP D 167 -28.31 0.03 -21.26
CA ASP D 167 -29.68 -0.12 -20.79
C ASP D 167 -29.79 -1.02 -19.57
N ALA D 168 -31.02 -1.17 -19.07
CA ALA D 168 -31.33 -1.99 -17.90
C ALA D 168 -30.85 -3.44 -18.00
N ASP D 169 -31.04 -4.07 -19.17
CA ASP D 169 -30.60 -5.45 -19.40
C ASP D 169 -29.09 -5.60 -19.28
N GLU D 170 -28.37 -4.70 -19.95
CA GLU D 170 -26.90 -4.66 -19.85
C GLU D 170 -26.45 -4.37 -18.42
N ALA D 171 -27.07 -3.36 -17.80
CA ALA D 171 -26.78 -3.03 -16.39
C ALA D 171 -26.92 -4.24 -15.46
N ARG D 172 -27.97 -5.05 -15.67
CA ARG D 172 -28.17 -6.28 -14.91
C ARG D 172 -27.09 -7.34 -15.17
N ARG D 173 -26.79 -7.59 -16.45
CA ARG D 173 -25.77 -8.55 -16.85
CA ARG D 173 -25.74 -8.51 -16.91
C ARG D 173 -24.40 -8.27 -16.22
N ILE D 174 -23.97 -7.02 -16.25
CA ILE D 174 -22.66 -6.63 -15.74
C ILE D 174 -22.61 -6.43 -14.21
N GLY D 175 -23.76 -6.60 -13.55
CA GLY D 175 -23.84 -6.48 -12.09
C GLY D 175 -23.94 -5.04 -11.58
N PHE D 176 -24.27 -4.12 -12.49
CA PHE D 176 -24.49 -2.72 -12.12
C PHE D 176 -25.81 -2.54 -11.35
N VAL D 177 -26.82 -3.37 -11.65
CA VAL D 177 -28.05 -3.40 -10.85
C VAL D 177 -28.28 -4.80 -10.28
N ARG D 178 -28.90 -4.87 -9.10
CA ARG D 178 -29.26 -6.14 -8.47
C ARG D 178 -30.30 -6.83 -9.33
N ASP D 179 -31.27 -6.04 -9.77
CA ASP D 179 -32.36 -6.52 -10.58
C ASP D 179 -33.11 -5.34 -11.16
N CYS D 180 -33.95 -5.66 -12.13
CA CYS D 180 -34.90 -4.71 -12.66
C CYS D 180 -36.19 -4.85 -11.88
N ALA D 181 -36.86 -3.72 -11.65
CA ALA D 181 -38.08 -3.71 -10.86
C ALA D 181 -38.92 -2.50 -11.22
N ALA D 182 -40.19 -2.75 -11.52
CA ALA D 182 -41.16 -1.70 -11.79
C ALA D 182 -41.32 -0.85 -10.53
N GLN D 183 -41.69 0.41 -10.71
CA GLN D 183 -41.89 1.34 -9.57
C GLN D 183 -42.87 0.85 -8.52
N ALA D 184 -43.87 0.05 -8.94
CA ALA D 184 -44.84 -0.56 -8.03
C ALA D 184 -44.22 -1.52 -6.99
N GLN D 185 -43.08 -2.11 -7.34
CA GLN D 185 -42.33 -3.02 -6.45
C GLN D 185 -41.34 -2.30 -5.53
N TRP D 186 -41.14 -1.01 -5.77
CA TRP D 186 -40.16 -0.23 -4.99
C TRP D 186 -40.46 -0.13 -3.47
N PRO D 187 -41.74 0.15 -3.06
CA PRO D 187 -41.99 0.10 -1.61
C PRO D 187 -41.57 -1.19 -0.89
N ALA D 188 -41.84 -2.35 -1.50
CA ALA D 188 -41.43 -3.64 -0.93
C ALA D 188 -39.89 -3.79 -0.85
N LEU D 189 -39.19 -3.29 -1.87
CA LEU D 189 -37.72 -3.29 -1.88
C LEU D 189 -37.16 -2.43 -0.75
N ILE D 190 -37.82 -1.30 -0.50
CA ILE D 190 -37.40 -0.40 0.58
C ILE D 190 -37.57 -1.08 1.93
N ASP D 191 -38.73 -1.72 2.13
CA ASP D 191 -38.99 -2.47 3.35
C ASP D 191 -37.95 -3.57 3.56
N ALA D 192 -37.60 -4.30 2.49
CA ALA D 192 -36.59 -5.36 2.58
C ALA D 192 -35.21 -4.79 2.94
N ALA D 193 -34.86 -3.68 2.30
CA ALA D 193 -33.62 -2.95 2.60
C ALA D 193 -33.59 -2.45 4.03
N ALA D 194 -34.72 -1.92 4.51
CA ALA D 194 -34.83 -1.46 5.90
C ALA D 194 -34.60 -2.59 6.92
N GLU D 195 -35.18 -3.76 6.65
CA GLU D 195 -34.99 -4.96 7.46
C GLU D 195 -33.52 -5.42 7.48
N ALA D 196 -32.89 -5.45 6.31
CA ALA D 196 -31.46 -5.83 6.19
C ALA D 196 -30.56 -4.82 6.93
N ALA D 197 -30.86 -3.53 6.78
CA ALA D 197 -30.06 -2.46 7.40
C ALA D 197 -30.07 -2.57 8.92
N THR D 198 -31.25 -2.83 9.47
CA THR D 198 -31.43 -2.91 10.92
C THR D 198 -31.11 -4.27 11.52
N ALA D 199 -30.66 -5.23 10.70
CA ALA D 199 -30.33 -6.55 11.19
C ALA D 199 -29.10 -6.52 12.12
N LEU D 200 -28.28 -5.48 12.01
CA LEU D 200 -27.11 -5.31 12.86
C LEU D 200 -27.18 -3.98 13.61
N ASP D 201 -26.46 -3.88 14.72
CA ASP D 201 -26.41 -2.62 15.47
C ASP D 201 -25.58 -1.57 14.70
N PRO D 202 -25.79 -0.25 14.99
CA PRO D 202 -25.08 0.81 14.24
C PRO D 202 -23.55 0.67 14.20
N ALA D 203 -22.94 0.33 15.32
CA ALA D 203 -21.47 0.22 15.35
C ALA D 203 -20.98 -0.96 14.50
N THR D 204 -21.69 -2.08 14.55
CA THR D 204 -21.30 -3.28 13.81
C THR D 204 -21.55 -3.09 12.33
N ARG D 205 -22.67 -2.45 12.00
CA ARG D 205 -22.98 -2.13 10.60
C ARG D 205 -21.89 -1.24 9.98
N ALA D 206 -21.48 -0.21 10.71
CA ALA D 206 -20.44 0.71 10.25
C ALA D 206 -19.12 -0.03 10.03
N THR D 207 -18.76 -0.88 10.98
CA THR D 207 -17.52 -1.67 10.88
C THR D 207 -17.56 -2.61 9.67
N LEU D 208 -18.67 -3.32 9.49
CA LEU D 208 -18.84 -4.19 8.34
C LEU D 208 -18.65 -3.44 7.02
N HIS D 209 -19.31 -2.28 6.89
CA HIS D 209 -19.17 -1.47 5.66
C HIS D 209 -17.74 -1.04 5.41
N ARG D 210 -17.08 -0.60 6.49
CA ARG D 210 -15.70 -0.16 6.41
CA ARG D 210 -15.69 -0.16 6.47
C ARG D 210 -14.78 -1.31 5.98
N VAL D 211 -14.99 -2.50 6.55
CA VAL D 211 -14.19 -3.69 6.21
C VAL D 211 -14.42 -4.18 4.76
N LEU D 212 -15.66 -4.13 4.29
CA LEU D 212 -15.96 -4.57 2.93
C LEU D 212 -15.45 -3.66 1.79
N ARG D 213 -15.38 -2.36 2.04
CA ARG D 213 -15.15 -1.37 0.99
CA ARG D 213 -15.16 -1.38 0.96
C ARG D 213 -13.69 -1.27 0.53
N ASP D 214 -13.49 -1.17 -0.79
CA ASP D 214 -12.19 -0.84 -1.40
C ASP D 214 -12.05 0.68 -1.36
N ASP D 215 -11.30 1.20 -0.40
CA ASP D 215 -11.17 2.64 -0.25
C ASP D 215 -10.02 3.17 -1.14
N HIS D 216 -10.39 3.85 -2.23
CA HIS D 216 -9.44 4.65 -3.02
C HIS D 216 -9.92 6.10 -3.16
N ASP D 217 -10.44 6.65 -2.05
CA ASP D 217 -11.03 8.00 -2.02
C ASP D 217 -10.04 9.10 -2.46
N ASP D 218 -8.82 9.05 -1.92
CA ASP D 218 -7.82 10.08 -2.25
C ASP D 218 -7.42 10.02 -3.72
N ALA D 219 -7.16 8.82 -4.22
CA ALA D 219 -6.88 8.64 -5.65
C ALA D 219 -8.03 9.16 -6.52
N ASP D 220 -9.27 8.83 -6.13
CA ASP D 220 -10.47 9.30 -6.85
C ASP D 220 -10.63 10.84 -6.86
N LEU D 221 -10.47 11.46 -5.71
CA LEU D 221 -10.58 12.91 -5.63
C LEU D 221 -9.43 13.60 -6.39
N ALA D 222 -8.20 13.08 -6.26
CA ALA D 222 -7.07 13.62 -7.02
C ALA D 222 -7.32 13.57 -8.53
N ALA D 223 -7.75 12.41 -9.03
CA ALA D 223 -8.04 12.21 -10.45
C ALA D 223 -9.13 13.16 -10.94
N LEU D 224 -10.19 13.31 -10.15
CA LEU D 224 -11.26 14.29 -10.47
CA LEU D 224 -11.24 14.28 -10.50
C LEU D 224 -10.71 15.72 -10.57
N ALA D 225 -10.00 16.13 -9.51
CA ALA D 225 -9.47 17.48 -9.39
C ALA D 225 -8.57 17.81 -10.57
N ARG D 226 -7.64 16.94 -10.89
CA ARG D 226 -6.72 17.12 -12.03
C ARG D 226 -7.47 17.28 -13.33
N SER D 227 -8.46 16.40 -13.57
CA SER D 227 -9.23 16.40 -14.82
C SER D 227 -10.02 17.69 -15.05
N ALA D 228 -10.68 18.18 -14.00
CA ALA D 228 -11.50 19.38 -14.10
C ALA D 228 -10.69 20.69 -13.99
N ALA D 229 -9.45 20.60 -13.51
CA ALA D 229 -8.57 21.78 -13.39
C ALA D 229 -7.65 22.04 -14.59
N GLN D 230 -7.59 21.09 -15.55
CA GLN D 230 -6.81 21.31 -16.78
C GLN D 230 -7.35 22.58 -17.47
N PRO D 231 -6.47 23.53 -17.81
CA PRO D 231 -6.91 24.69 -18.60
C PRO D 231 -7.76 24.29 -19.81
N GLY D 232 -8.81 25.08 -20.08
CA GLY D 232 -9.70 24.82 -21.22
C GLY D 232 -10.88 23.90 -20.92
N PHE D 233 -11.17 23.68 -19.62
CA PHE D 233 -12.30 22.83 -19.15
C PHE D 233 -13.63 23.25 -19.77
N LYS D 234 -13.92 24.55 -19.65
CA LYS D 234 -15.14 25.14 -20.16
C LYS D 234 -15.30 24.96 -21.67
N ALA D 235 -14.20 25.16 -22.40
CA ALA D 235 -14.19 24.95 -23.86
C ALA D 235 -14.45 23.49 -24.23
N ARG D 236 -13.89 22.56 -23.45
CA ARG D 236 -14.10 21.11 -23.66
C ARG D 236 -15.58 20.76 -23.46
N ILE D 237 -16.18 21.33 -22.42
CA ILE D 237 -17.62 21.19 -22.18
C ILE D 237 -18.45 21.72 -23.38
N ARG D 238 -18.12 22.93 -23.82
CA ARG D 238 -18.77 23.58 -24.97
C ARG D 238 -18.74 22.69 -26.21
N ASP D 239 -17.55 22.16 -26.52
CA ASP D 239 -17.34 21.27 -27.67
C ASP D 239 -18.20 20.01 -27.57
N TYR D 240 -18.27 19.43 -26.37
CA TYR D 240 -19.05 18.23 -26.13
C TYR D 240 -20.56 18.50 -26.26
N LEU D 241 -21.02 19.61 -25.70
CA LEU D 241 -22.45 19.96 -25.71
C LEU D 241 -22.97 20.31 -27.11
N ALA D 242 -22.05 20.66 -28.00
CA ALA D 242 -22.36 20.97 -29.40
C ALA D 242 -22.44 19.72 -30.28
N GLN D 243 -21.92 18.61 -29.79
CA GLN D 243 -22.00 17.27 -30.40
C GLN D 243 -23.38 16.58 -30.43
N PRO D 244 -23.63 15.84 -31.51
CA PRO D 244 -24.98 15.59 -32.00
C PRO D 244 -25.81 14.54 -31.27
N ALA D 245 -25.18 13.67 -30.51
CA ALA D 245 -25.91 12.58 -29.89
C ALA D 245 -26.02 12.74 -28.38
N SER E 6 42.17 -23.10 -3.68
CA SER E 6 41.93 -22.02 -2.68
C SER E 6 40.55 -21.38 -2.88
N LEU E 7 39.63 -21.68 -1.97
CA LEU E 7 38.24 -21.20 -2.02
C LEU E 7 38.13 -19.69 -1.75
N PRO E 8 37.17 -19.01 -2.41
CA PRO E 8 37.04 -17.56 -2.25
C PRO E 8 36.35 -17.11 -0.96
N LEU E 9 35.73 -18.04 -0.23
CA LEU E 9 35.09 -17.70 1.04
C LEU E 9 35.49 -18.66 2.17
N ALA E 10 35.78 -18.08 3.33
CA ALA E 10 36.03 -18.83 4.56
C ALA E 10 34.88 -18.60 5.55
N ILE E 11 34.33 -19.70 6.06
CA ILE E 11 33.26 -19.64 7.07
C ILE E 11 33.72 -20.30 8.39
N GLU E 12 33.76 -19.50 9.45
CA GLU E 12 34.02 -20.00 10.80
C GLU E 12 32.70 -20.14 11.55
N ARG E 13 32.41 -21.33 12.04
CA ARG E 13 31.14 -21.63 12.71
C ARG E 13 31.30 -21.80 14.23
N ARG E 14 30.77 -20.87 15.00
CA ARG E 14 30.73 -21.02 16.47
CA ARG E 14 30.69 -20.91 16.45
C ARG E 14 29.25 -21.13 16.81
N PRO E 15 28.90 -21.53 18.04
CA PRO E 15 27.47 -21.66 18.39
C PRO E 15 26.59 -20.39 18.27
N ALA E 16 27.11 -19.24 18.68
CA ALA E 16 26.33 -17.99 18.64
C ALA E 16 26.53 -17.19 17.34
N ALA E 17 27.59 -17.49 16.59
CA ALA E 17 27.99 -16.69 15.43
C ALA E 17 28.68 -17.44 14.29
N TRP E 18 28.33 -17.09 13.05
CA TRP E 18 29.09 -17.53 11.87
C TRP E 18 29.78 -16.31 11.29
N THR E 19 31.06 -16.47 10.95
CA THR E 19 31.86 -15.39 10.38
C THR E 19 32.18 -15.75 8.94
N PHE E 20 31.72 -14.90 8.02
CA PHE E 20 31.96 -15.05 6.59
C PHE E 20 33.13 -14.15 6.24
N THR E 21 34.27 -14.74 5.92
CA THR E 21 35.44 -13.96 5.55
C THR E 21 35.65 -14.05 4.05
N LEU E 22 35.40 -12.93 3.37
CA LEU E 22 35.70 -12.83 1.95
C LEU E 22 37.21 -13.05 1.77
N SER E 23 37.55 -14.08 1.00
CA SER E 23 38.94 -14.56 0.93
C SER E 23 39.51 -14.54 -0.49
N ARG E 24 39.55 -13.36 -1.07
CA ARG E 24 40.22 -13.12 -2.34
C ARG E 24 41.12 -11.90 -2.21
N PRO E 25 42.15 -11.97 -1.33
CA PRO E 25 42.87 -10.76 -0.98
C PRO E 25 43.80 -10.22 -2.09
N GLU E 26 44.12 -11.04 -3.09
CA GLU E 26 44.88 -10.57 -4.25
C GLU E 26 43.98 -9.98 -5.35
N LYS E 27 42.66 -10.09 -5.15
CA LYS E 27 41.67 -9.56 -6.09
C LYS E 27 40.73 -8.57 -5.43
N ARG E 28 41.21 -7.91 -4.36
CA ARG E 28 40.44 -6.89 -3.59
C ARG E 28 39.08 -7.38 -3.06
N ASN E 29 38.98 -8.69 -2.85
CA ASN E 29 37.77 -9.38 -2.41
C ASN E 29 36.58 -9.10 -3.31
N ALA E 30 36.86 -9.06 -4.61
CA ALA E 30 35.85 -8.73 -5.61
C ALA E 30 34.89 -9.89 -5.76
N LEU E 31 33.63 -9.56 -6.03
CA LEU E 31 32.57 -10.52 -6.07
C LEU E 31 32.49 -11.16 -7.44
N SER E 32 33.21 -12.27 -7.59
CA SER E 32 33.02 -13.20 -8.68
C SER E 32 31.67 -13.90 -8.49
N ALA E 33 31.15 -14.53 -9.55
CA ALA E 33 29.94 -15.35 -9.44
C ALA E 33 30.13 -16.46 -8.41
N GLU E 34 31.32 -17.08 -8.40
CA GLU E 34 31.65 -18.10 -7.40
C GLU E 34 31.54 -17.60 -5.95
N LEU E 35 32.12 -16.44 -5.66
CA LEU E 35 32.06 -15.85 -4.32
C LEU E 35 30.61 -15.53 -3.90
N VAL E 36 29.85 -14.94 -4.83
CA VAL E 36 28.44 -14.60 -4.55
C VAL E 36 27.60 -15.86 -4.23
N GLU E 37 27.78 -16.92 -5.01
CA GLU E 37 27.08 -18.19 -4.73
C GLU E 37 27.52 -18.83 -3.41
N ALA E 38 28.81 -18.76 -3.10
CA ALA E 38 29.35 -19.25 -1.83
C ALA E 38 28.69 -18.51 -0.66
N LEU E 39 28.60 -17.19 -0.77
CA LEU E 39 27.94 -16.35 0.22
C LEU E 39 26.46 -16.68 0.39
N ILE E 40 25.73 -16.78 -0.72
CA ILE E 40 24.31 -17.20 -0.69
C ILE E 40 24.11 -18.53 0.02
N ASP E 41 24.93 -19.51 -0.36
CA ASP E 41 24.87 -20.86 0.21
C ASP E 41 25.13 -20.82 1.71
N GLY E 42 26.16 -20.07 2.11
CA GLY E 42 26.54 -19.89 3.51
C GLY E 42 25.49 -19.21 4.35
N VAL E 43 24.88 -18.16 3.79
CA VAL E 43 23.86 -17.38 4.49
C VAL E 43 22.58 -18.22 4.60
N ASP E 44 22.22 -18.92 3.52
CA ASP E 44 21.09 -19.85 3.54
C ASP E 44 21.25 -20.97 4.59
N ALA E 45 22.46 -21.53 4.68
CA ALA E 45 22.78 -22.54 5.69
C ALA E 45 22.60 -22.00 7.11
N ALA E 46 23.17 -20.81 7.37
CA ALA E 46 23.04 -20.13 8.65
C ALA E 46 21.58 -19.89 9.01
N HIS E 47 20.78 -19.49 8.01
CA HIS E 47 19.36 -19.24 8.26
CA HIS E 47 19.33 -19.26 8.19
C HIS E 47 18.62 -20.53 8.65
N ARG E 48 18.91 -21.64 7.98
CA ARG E 48 18.30 -22.95 8.35
C ARG E 48 18.67 -23.35 9.79
N GLU E 49 19.90 -23.04 10.19
CA GLU E 49 20.39 -23.29 11.56
C GLU E 49 19.96 -22.29 12.62
N GLN E 50 19.37 -21.17 12.19
CA GLN E 50 18.95 -20.05 13.06
C GLN E 50 20.09 -19.49 13.92
N VAL E 51 21.25 -19.32 13.28
CA VAL E 51 22.45 -18.75 13.90
C VAL E 51 22.08 -17.34 14.36
N PRO E 52 22.35 -17.01 15.64
CA PRO E 52 22.00 -15.67 16.17
C PRO E 52 22.69 -14.49 15.47
N LEU E 53 23.98 -14.65 15.14
CA LEU E 53 24.76 -13.57 14.56
C LEU E 53 25.53 -14.00 13.32
N LEU E 54 25.44 -13.19 12.25
CA LEU E 54 26.26 -13.38 11.05
C LEU E 54 27.25 -12.23 11.01
N VAL E 55 28.53 -12.57 10.82
CA VAL E 55 29.58 -11.57 10.75
C VAL E 55 30.23 -11.58 9.35
N PHE E 56 30.42 -10.39 8.79
CA PHE E 56 31.02 -10.26 7.47
C PHE E 56 32.30 -9.43 7.55
N ALA E 57 33.36 -9.97 6.96
CA ALA E 57 34.69 -9.37 6.97
C ALA E 57 35.44 -9.76 5.70
N GLY E 58 36.53 -9.05 5.42
CA GLY E 58 37.36 -9.40 4.27
C GLY E 58 38.81 -9.62 4.67
N ALA E 59 39.41 -10.69 4.16
CA ALA E 59 40.85 -10.92 4.31
C ALA E 59 41.64 -9.92 3.47
N GLY E 60 42.85 -9.58 3.93
CA GLY E 60 43.71 -8.68 3.17
C GLY E 60 43.48 -7.22 3.48
N ARG E 61 43.56 -6.38 2.46
CA ARG E 61 43.53 -4.93 2.64
C ARG E 61 42.15 -4.29 2.73
N ASN E 62 41.10 -5.01 2.31
CA ASN E 62 39.75 -4.42 2.34
C ASN E 62 38.60 -5.36 2.71
N PHE E 63 37.41 -4.78 2.84
CA PHE E 63 36.16 -5.55 2.95
C PHE E 63 35.84 -6.13 1.55
N SER E 64 35.44 -5.28 0.58
CA SER E 64 35.22 -5.73 -0.81
C SER E 64 35.22 -4.60 -1.86
N ALA E 65 35.73 -4.93 -3.04
CA ALA E 65 35.71 -4.01 -4.18
C ALA E 65 34.46 -4.19 -5.05
N GLY E 66 33.51 -5.00 -4.58
CA GLY E 66 32.25 -5.21 -5.30
C GLY E 66 32.43 -6.11 -6.50
N PHE E 67 31.56 -5.94 -7.50
CA PHE E 67 31.52 -6.77 -8.70
C PHE E 67 32.90 -6.95 -9.33
N ASP E 68 33.26 -8.20 -9.60
CA ASP E 68 34.54 -8.51 -10.24
C ASP E 68 34.42 -8.30 -11.75
N PHE E 69 35.09 -7.25 -12.24
CA PHE E 69 35.05 -6.91 -13.66
C PHE E 69 36.12 -7.63 -14.49
N THR E 70 36.93 -8.46 -13.83
CA THR E 70 37.92 -9.31 -14.51
C THR E 70 37.21 -10.13 -15.57
N ASP E 71 37.67 -9.97 -16.81
CA ASP E 71 37.12 -10.68 -17.99
C ASP E 71 35.63 -10.44 -18.26
N TYR E 72 35.10 -9.27 -17.89
CA TYR E 72 33.68 -8.96 -18.15
C TYR E 72 33.41 -8.91 -19.67
N GLU E 73 34.43 -8.49 -20.43
CA GLU E 73 34.33 -8.40 -21.89
CA GLU E 73 34.41 -8.41 -21.90
C GLU E 73 34.02 -9.74 -22.55
N THR E 74 34.42 -10.84 -21.91
CA THR E 74 34.19 -12.18 -22.44
C THR E 74 32.89 -12.81 -21.92
N GLN E 75 32.17 -12.06 -21.08
CA GLN E 75 30.88 -12.52 -20.59
C GLN E 75 29.75 -11.82 -21.34
N SER E 76 28.62 -12.50 -21.52
CA SER E 76 27.52 -11.93 -22.30
C SER E 76 26.78 -10.90 -21.45
N GLU E 77 25.90 -10.12 -22.09
CA GLU E 77 25.10 -9.11 -21.39
C GLU E 77 24.23 -9.83 -20.35
N GLY E 78 23.75 -11.02 -20.73
CA GLY E 78 22.95 -11.88 -19.86
C GLY E 78 23.70 -12.43 -18.65
N ASP E 79 24.92 -12.90 -18.88
CA ASP E 79 25.81 -13.38 -17.79
C ASP E 79 25.97 -12.29 -16.74
N LEU E 80 26.19 -11.07 -17.19
CA LEU E 80 26.41 -9.93 -16.29
C LEU E 80 25.14 -9.57 -15.53
N LEU E 81 24.00 -9.58 -16.22
CA LEU E 81 22.70 -9.36 -15.57
C LEU E 81 22.50 -10.39 -14.47
N LEU E 82 22.74 -11.67 -14.81
CA LEU E 82 22.54 -12.75 -13.85
C LEU E 82 23.38 -12.52 -12.59
N ARG E 83 24.65 -12.17 -12.77
CA ARG E 83 25.54 -11.92 -11.62
C ARG E 83 25.06 -10.76 -10.75
N MET E 84 24.57 -9.70 -11.38
CA MET E 84 23.98 -8.57 -10.65
C MET E 84 22.69 -8.95 -9.89
N VAL E 85 21.81 -9.70 -10.55
CA VAL E 85 20.59 -10.22 -9.91
C VAL E 85 20.90 -11.08 -8.66
N ARG E 86 21.87 -11.98 -8.80
CA ARG E 86 22.28 -12.84 -7.69
C ARG E 86 22.92 -12.03 -6.54
N ILE E 87 23.69 -11.00 -6.89
CA ILE E 87 24.16 -10.02 -5.89
C ILE E 87 22.99 -9.40 -5.11
N GLU E 88 21.99 -8.90 -5.84
CA GLU E 88 20.85 -8.31 -5.16
C GLU E 88 20.08 -9.32 -4.31
N MET E 89 19.92 -10.56 -4.81
CA MET E 89 19.26 -11.62 -4.02
C MET E 89 20.05 -11.90 -2.71
N LEU E 90 21.38 -11.91 -2.81
CA LEU E 90 22.25 -12.02 -1.64
C LEU E 90 22.02 -10.85 -0.67
N LEU E 91 22.02 -9.62 -1.18
CA LEU E 91 21.86 -8.44 -0.33
C LEU E 91 20.53 -8.45 0.38
N GLN E 92 19.47 -8.88 -0.31
CA GLN E 92 18.15 -8.95 0.31
C GLN E 92 18.05 -10.03 1.42
N ARG E 93 18.72 -11.16 1.20
CA ARG E 93 18.81 -12.21 2.24
C ARG E 93 19.51 -11.70 3.51
N VAL E 94 20.56 -10.90 3.32
CA VAL E 94 21.33 -10.37 4.45
C VAL E 94 20.52 -9.26 5.14
N ALA E 95 19.96 -8.34 4.36
CA ALA E 95 19.20 -7.21 4.90
C ALA E 95 17.97 -7.66 5.69
N GLY E 96 17.31 -8.71 5.20
CA GLY E 96 16.10 -9.28 5.82
C GLY E 96 16.36 -10.42 6.80
N SER E 97 17.63 -10.67 7.13
CA SER E 97 18.01 -11.77 8.02
C SER E 97 17.29 -11.73 9.38
N PRO E 98 16.76 -12.89 9.82
CA PRO E 98 16.34 -13.07 11.23
C PRO E 98 17.54 -13.04 12.18
N SER E 99 18.73 -13.35 11.68
CA SER E 99 19.96 -13.16 12.47
C SER E 99 20.30 -11.70 12.62
N LEU E 100 20.99 -11.37 13.71
CA LEU E 100 21.66 -10.07 13.78
C LEU E 100 22.82 -10.14 12.80
N THR E 101 23.14 -9.02 12.18
CA THR E 101 24.21 -8.99 11.20
C THR E 101 25.20 -7.87 11.53
N LEU E 102 26.48 -8.21 11.40
CA LEU E 102 27.57 -7.30 11.68
C LEU E 102 28.56 -7.29 10.53
N ALA E 103 28.95 -6.11 10.08
CA ALA E 103 29.96 -5.99 9.04
C ALA E 103 31.12 -5.11 9.53
N LEU E 104 32.33 -5.52 9.18
CA LEU E 104 33.55 -4.86 9.62
C LEU E 104 34.40 -4.49 8.40
N ALA E 105 34.45 -3.20 8.08
CA ALA E 105 35.10 -2.77 6.86
C ALA E 105 36.46 -2.12 7.13
N HIS E 106 37.40 -2.34 6.23
CA HIS E 106 38.66 -1.61 6.22
C HIS E 106 39.09 -1.39 4.77
N GLY E 107 40.12 -0.58 4.57
CA GLY E 107 40.63 -0.30 3.22
C GLY E 107 39.64 0.41 2.31
N ARG E 108 39.84 0.23 1.00
CA ARG E 108 39.00 0.90 0.01
C ARG E 108 37.92 -0.04 -0.52
N ASN E 109 36.68 0.39 -0.41
CA ASN E 109 35.54 -0.45 -0.74
C ASN E 109 34.62 0.18 -1.76
N PHE E 110 34.08 -0.66 -2.63
CA PHE E 110 33.41 -0.19 -3.85
C PHE E 110 32.12 -0.96 -4.11
N GLY E 111 31.13 -0.22 -4.60
CA GLY E 111 29.92 -0.79 -5.22
C GLY E 111 29.16 -1.82 -4.40
N ALA E 112 29.00 -3.00 -5.02
CA ALA E 112 28.35 -4.14 -4.36
C ALA E 112 29.00 -4.52 -3.01
N GLY E 113 30.31 -4.27 -2.89
CA GLY E 113 31.01 -4.43 -1.60
C GLY E 113 30.49 -3.52 -0.51
N VAL E 114 30.31 -2.25 -0.85
CA VAL E 114 29.68 -1.28 0.04
C VAL E 114 28.21 -1.68 0.32
N ASP E 115 27.50 -2.20 -0.68
CA ASP E 115 26.11 -2.59 -0.46
C ASP E 115 25.97 -3.78 0.49
N LEU E 116 26.93 -4.70 0.43
CA LEU E 116 26.95 -5.86 1.34
C LEU E 116 27.13 -5.37 2.77
N PHE E 117 28.08 -4.46 2.95
CA PHE E 117 28.29 -3.77 4.21
C PHE E 117 27.00 -3.05 4.67
N ALA E 118 26.35 -2.35 3.75
CA ALA E 118 25.14 -1.58 4.04
C ALA E 118 23.97 -2.44 4.52
N ALA E 119 23.91 -3.67 3.99
CA ALA E 119 22.84 -4.62 4.31
C ALA E 119 22.90 -5.13 5.77
N CYS E 120 24.06 -4.98 6.40
CA CYS E 120 24.24 -5.41 7.78
C CYS E 120 23.73 -4.36 8.76
N LYS E 121 23.23 -4.79 9.92
CA LYS E 121 22.63 -3.88 10.89
C LYS E 121 23.67 -3.15 11.72
N TRP E 122 24.64 -3.89 12.25
CA TRP E 122 25.80 -3.28 12.92
C TRP E 122 26.88 -3.09 11.89
N ARG E 123 27.31 -1.83 11.74
CA ARG E 123 28.31 -1.47 10.75
CA ARG E 123 28.30 -1.46 10.74
C ARG E 123 29.45 -0.68 11.37
N TYR E 124 30.64 -1.23 11.31
CA TYR E 124 31.83 -0.57 11.84
C TYR E 124 32.93 -0.58 10.80
N CYS E 125 33.76 0.45 10.78
CA CYS E 125 34.91 0.45 9.89
C CYS E 125 36.15 1.00 10.62
N THR E 126 37.33 0.79 10.05
CA THR E 126 38.57 1.41 10.56
C THR E 126 38.56 2.91 10.26
N PRO E 127 39.26 3.73 11.07
CA PRO E 127 39.26 5.20 10.83
C PRO E 127 39.75 5.62 9.44
N GLU E 128 40.49 4.73 8.77
CA GLU E 128 41.13 4.97 7.49
CA GLU E 128 41.05 5.08 7.47
C GLU E 128 40.34 4.38 6.30
N ALA E 129 39.24 3.67 6.59
CA ALA E 129 38.43 3.03 5.55
C ALA E 129 37.73 4.03 4.63
N GLY E 130 37.52 3.60 3.38
CA GLY E 130 36.83 4.41 2.38
C GLY E 130 35.74 3.63 1.65
N PHE E 131 34.76 4.37 1.13
CA PHE E 131 33.57 3.79 0.49
C PHE E 131 33.23 4.57 -0.79
N ARG E 132 32.85 3.86 -1.85
CA ARG E 132 32.34 4.51 -3.06
C ARG E 132 31.35 3.60 -3.75
N MET E 133 30.19 4.15 -4.09
CA MET E 133 29.15 3.45 -4.86
C MET E 133 28.97 4.17 -6.22
N PRO E 134 29.77 3.79 -7.23
CA PRO E 134 29.78 4.50 -8.51
C PRO E 134 28.83 3.94 -9.58
N GLY E 135 28.05 2.91 -9.26
CA GLY E 135 27.27 2.15 -10.26
C GLY E 135 26.36 2.98 -11.14
N LEU E 136 25.81 4.06 -10.57
CA LEU E 136 24.92 4.95 -11.37
C LEU E 136 25.64 5.53 -12.60
N LYS E 137 26.98 5.67 -12.53
CA LYS E 137 27.78 6.11 -13.69
C LYS E 137 27.66 5.21 -14.92
N PHE E 138 27.34 3.92 -14.70
CA PHE E 138 27.02 3.05 -15.83
C PHE E 138 25.56 2.58 -15.86
N GLY E 139 24.69 3.36 -15.20
CA GLY E 139 23.23 3.13 -15.21
C GLY E 139 22.72 2.06 -14.25
N LEU E 140 23.60 1.53 -13.38
CA LEU E 140 23.23 0.45 -12.46
C LEU E 140 22.46 1.02 -11.25
N VAL E 141 21.33 0.40 -10.92
CA VAL E 141 20.55 0.83 -9.75
C VAL E 141 20.59 -0.30 -8.72
N LEU E 142 21.59 -0.27 -7.85
CA LEU E 142 21.84 -1.35 -6.88
C LEU E 142 22.02 -0.81 -5.47
N GLY E 143 21.20 -1.28 -4.52
CA GLY E 143 21.33 -0.85 -3.12
C GLY E 143 20.82 0.56 -2.84
N THR E 144 20.21 1.19 -3.84
CA THR E 144 19.85 2.60 -3.80
C THR E 144 18.91 2.95 -2.64
N ARG E 145 17.78 2.27 -2.57
CA ARG E 145 16.77 2.52 -1.52
C ARG E 145 17.25 2.13 -0.13
N ARG E 146 17.97 1.02 -0.02
CA ARG E 146 18.53 0.63 1.28
C ARG E 146 19.54 1.69 1.79
N PHE E 147 20.37 2.21 0.88
CA PHE E 147 21.28 3.31 1.25
C PHE E 147 20.50 4.55 1.71
N ARG E 148 19.44 4.92 0.99
CA ARG E 148 18.51 6.01 1.34
C ARG E 148 17.91 5.86 2.74
N ASP E 149 17.47 4.65 3.06
CA ASP E 149 16.90 4.35 4.38
C ASP E 149 17.87 4.59 5.54
N ILE E 150 19.16 4.37 5.30
CA ILE E 150 20.20 4.60 6.30
C ILE E 150 20.49 6.09 6.45
N VAL E 151 20.84 6.75 5.34
CA VAL E 151 21.36 8.13 5.39
C VAL E 151 20.33 9.22 5.09
N GLY E 152 19.15 8.83 4.59
CA GLY E 152 18.13 9.82 4.20
C GLY E 152 18.26 10.24 2.74
N ALA E 153 17.12 10.60 2.13
CA ALA E 153 17.05 10.92 0.70
C ALA E 153 17.98 12.05 0.25
N ASP E 154 18.12 13.07 1.10
CA ASP E 154 19.03 14.19 0.82
C ASP E 154 20.49 13.72 0.65
N GLN E 155 21.00 13.00 1.65
CA GLN E 155 22.38 12.53 1.63
C GLN E 155 22.65 11.47 0.55
N ALA E 156 21.64 10.63 0.31
CA ALA E 156 21.73 9.58 -0.71
C ALA E 156 21.80 10.20 -2.11
N LEU E 157 20.98 11.22 -2.36
CA LEU E 157 21.02 11.94 -3.63
C LEU E 157 22.41 12.55 -3.90
N SER E 158 23.00 13.17 -2.87
CA SER E 158 24.33 13.79 -2.99
CA SER E 158 24.33 13.79 -2.99
C SER E 158 25.44 12.78 -3.24
N ILE E 159 25.46 11.70 -2.45
CA ILE E 159 26.51 10.68 -2.57
C ILE E 159 26.38 9.82 -3.82
N LEU E 160 25.17 9.34 -4.11
CA LEU E 160 24.95 8.45 -5.25
C LEU E 160 24.94 9.20 -6.58
N GLY E 161 24.28 10.36 -6.59
CA GLY E 161 24.10 11.16 -7.80
C GLY E 161 25.32 11.87 -8.37
N SER E 162 26.44 11.73 -7.67
CA SER E 162 27.73 12.26 -8.12
CA SER E 162 27.73 12.27 -8.11
C SER E 162 28.82 11.20 -8.02
N ALA E 163 28.45 10.02 -7.51
CA ALA E 163 29.33 8.84 -7.37
C ALA E 163 30.63 9.11 -6.59
N ARG E 164 30.54 9.94 -5.57
CA ARG E 164 31.74 10.33 -4.84
C ARG E 164 32.16 9.30 -3.78
N ALA E 165 33.47 9.21 -3.59
CA ALA E 165 34.04 8.44 -2.51
C ALA E 165 33.85 9.18 -1.20
N PHE E 166 33.45 8.45 -0.15
CA PHE E 166 33.37 9.03 1.18
C PHE E 166 34.23 8.27 2.20
N ASP E 167 34.78 9.00 3.17
CA ASP E 167 35.66 8.40 4.19
C ASP E 167 34.91 7.96 5.44
N ALA E 168 35.65 7.35 6.36
CA ALA E 168 35.13 6.86 7.64
C ALA E 168 34.45 7.94 8.50
N ASP E 169 35.04 9.13 8.49
CA ASP E 169 34.52 10.28 9.24
C ASP E 169 33.16 10.72 8.71
N GLU E 170 33.06 10.84 7.38
CA GLU E 170 31.79 11.15 6.73
C GLU E 170 30.77 10.02 6.94
N ALA E 171 31.23 8.78 6.78
CA ALA E 171 30.39 7.59 7.06
C ALA E 171 29.75 7.63 8.45
N ARG E 172 30.55 7.95 9.48
CA ARG E 172 30.03 8.08 10.85
C ARG E 172 29.06 9.25 11.02
N ARG E 173 29.40 10.39 10.42
CA ARG E 173 28.58 11.60 10.48
CA ARG E 173 28.56 11.59 10.51
C ARG E 173 27.15 11.35 9.97
N ILE E 174 27.06 10.63 8.83
CA ILE E 174 25.77 10.41 8.16
C ILE E 174 25.00 9.17 8.64
N GLY E 175 25.61 8.42 9.56
CA GLY E 175 24.94 7.28 10.17
C GLY E 175 25.15 5.97 9.43
N PHE E 176 26.05 6.00 8.44
CA PHE E 176 26.41 4.81 7.67
C PHE E 176 27.22 3.79 8.49
N VAL E 177 28.05 4.28 9.42
CA VAL E 177 28.65 3.39 10.42
C VAL E 177 28.23 3.82 11.83
N ARG E 178 28.12 2.85 12.74
CA ARG E 178 27.86 3.15 14.15
C ARG E 178 29.01 3.93 14.75
N ASP E 179 30.23 3.48 14.44
CA ASP E 179 31.44 4.10 14.91
C ASP E 179 32.63 3.61 14.11
N CYS E 180 33.75 4.33 14.23
CA CYS E 180 35.02 3.87 13.69
C CYS E 180 35.74 3.08 14.78
N ALA E 181 36.33 1.95 14.40
CA ALA E 181 37.04 1.10 15.33
C ALA E 181 38.20 0.42 14.63
N ALA E 182 39.37 0.49 15.24
CA ALA E 182 40.56 -0.21 14.74
C ALA E 182 40.33 -1.72 14.81
N GLN E 183 41.05 -2.47 13.98
CA GLN E 183 40.89 -3.93 13.90
C GLN E 183 41.13 -4.69 15.22
N ALA E 184 41.88 -4.07 16.14
CA ALA E 184 42.12 -4.63 17.46
C ALA E 184 40.87 -4.59 18.36
N GLN E 185 39.97 -3.65 18.09
CA GLN E 185 38.70 -3.54 18.84
C GLN E 185 37.59 -4.43 18.29
N TRP E 186 37.85 -5.05 17.13
CA TRP E 186 36.85 -5.85 16.40
C TRP E 186 36.40 -7.13 17.13
N PRO E 187 37.33 -7.96 17.66
CA PRO E 187 36.85 -9.14 18.39
C PRO E 187 35.87 -8.83 19.54
N ALA E 188 36.10 -7.73 20.25
CA ALA E 188 35.18 -7.27 21.32
C ALA E 188 33.83 -6.82 20.77
N LEU E 189 33.84 -6.17 19.60
CA LEU E 189 32.60 -5.80 18.89
C LEU E 189 31.76 -7.02 18.50
N ILE E 190 32.44 -8.03 17.97
CA ILE E 190 31.82 -9.33 17.67
C ILE E 190 31.18 -9.96 18.91
N ASP E 191 31.92 -9.95 20.03
CA ASP E 191 31.42 -10.48 21.30
C ASP E 191 30.17 -9.75 21.75
N ALA E 192 30.22 -8.41 21.67
CA ALA E 192 29.11 -7.56 22.04
C ALA E 192 27.89 -7.84 21.14
N ALA E 193 28.14 -8.06 19.85
CA ALA E 193 27.07 -8.40 18.88
C ALA E 193 26.45 -9.76 19.14
N ALA E 194 27.30 -10.75 19.48
CA ALA E 194 26.85 -12.09 19.83
C ALA E 194 25.96 -12.07 21.06
N GLU E 195 26.33 -11.25 22.04
CA GLU E 195 25.50 -11.04 23.23
C GLU E 195 24.14 -10.38 22.91
N ALA E 196 24.16 -9.30 22.11
CA ALA E 196 22.94 -8.62 21.70
C ALA E 196 22.03 -9.57 20.90
N ALA E 197 22.64 -10.36 20.01
CA ALA E 197 21.90 -11.30 19.14
C ALA E 197 21.16 -12.38 19.94
N THR E 198 21.79 -12.85 21.02
CA THR E 198 21.23 -13.90 21.86
C THR E 198 20.43 -13.40 23.06
N ALA E 199 20.30 -12.09 23.19
CA ALA E 199 19.46 -11.49 24.25
C ALA E 199 17.98 -11.87 24.16
N LEU E 200 17.50 -12.18 22.95
CA LEU E 200 16.14 -12.68 22.77
C LEU E 200 16.14 -14.10 22.21
N ASP E 201 15.03 -14.82 22.40
CA ASP E 201 14.85 -16.15 21.81
C ASP E 201 14.75 -16.04 20.28
N PRO E 202 15.16 -17.10 19.54
CA PRO E 202 15.14 -17.07 18.06
C PRO E 202 13.84 -16.60 17.39
N ALA E 203 12.69 -17.09 17.85
CA ALA E 203 11.40 -16.68 17.26
C ALA E 203 11.09 -15.20 17.50
N THR E 204 11.35 -14.72 18.70
CA THR E 204 11.13 -13.31 19.03
C THR E 204 12.10 -12.36 18.30
N ARG E 205 13.38 -12.76 18.23
CA ARG E 205 14.38 -12.04 17.44
C ARG E 205 13.95 -11.91 15.97
N ALA E 206 13.52 -13.02 15.39
CA ALA E 206 13.02 -13.02 14.01
C ALA E 206 11.83 -12.08 13.87
N THR E 207 10.89 -12.13 14.81
CA THR E 207 9.72 -11.24 14.80
C THR E 207 10.09 -9.76 14.90
N LEU E 208 10.99 -9.44 15.83
CA LEU E 208 11.46 -8.06 15.97
C LEU E 208 12.08 -7.53 14.69
N HIS E 209 12.93 -8.34 14.04
CA HIS E 209 13.62 -7.92 12.83
C HIS E 209 12.62 -7.64 11.70
N ARG E 210 11.60 -8.50 11.62
CA ARG E 210 10.53 -8.39 10.63
CA ARG E 210 10.50 -8.42 10.66
C ARG E 210 9.69 -7.12 10.86
N VAL E 211 9.26 -6.92 12.10
CA VAL E 211 8.47 -5.76 12.52
C VAL E 211 9.21 -4.42 12.30
N LEU E 212 10.52 -4.38 12.56
CA LEU E 212 11.30 -3.14 12.37
C LEU E 212 11.64 -2.74 10.92
N ARG E 213 11.72 -3.71 10.02
CA ARG E 213 12.29 -3.49 8.68
CA ARG E 213 12.30 -3.48 8.68
C ARG E 213 11.33 -2.79 7.71
N ASP E 214 11.86 -1.82 6.93
CA ASP E 214 11.13 -1.23 5.81
C ASP E 214 11.38 -2.10 4.57
N ASP E 215 10.41 -2.95 4.24
CA ASP E 215 10.59 -3.93 3.15
C ASP E 215 10.18 -3.39 1.77
N HIS E 216 11.14 -3.16 0.90
CA HIS E 216 10.86 -2.79 -0.51
C HIS E 216 11.71 -3.66 -1.42
N ASP E 217 11.76 -4.95 -1.07
CA ASP E 217 12.60 -5.92 -1.75
C ASP E 217 12.17 -6.03 -3.23
N ASP E 218 10.86 -6.11 -3.49
CA ASP E 218 10.41 -6.25 -4.89
C ASP E 218 10.74 -5.02 -5.76
N ALA E 219 10.50 -3.83 -5.20
CA ALA E 219 10.84 -2.58 -5.88
C ALA E 219 12.34 -2.52 -6.17
N ASP E 220 13.16 -2.95 -5.20
CA ASP E 220 14.63 -2.94 -5.39
C ASP E 220 15.13 -3.94 -6.44
N LEU E 221 14.60 -5.15 -6.43
CA LEU E 221 15.01 -6.14 -7.41
C LEU E 221 14.52 -5.73 -8.82
N ALA E 222 13.30 -5.19 -8.92
CA ALA E 222 12.79 -4.72 -10.22
C ALA E 222 13.66 -3.62 -10.80
N ALA E 223 14.04 -2.65 -9.96
CA ALA E 223 14.86 -1.52 -10.40
C ALA E 223 16.25 -1.97 -10.84
N LEU E 224 16.81 -2.91 -10.09
CA LEU E 224 18.10 -3.50 -10.43
CA LEU E 224 18.11 -3.47 -10.45
C LEU E 224 18.02 -4.18 -11.80
N ALA E 225 17.02 -5.06 -11.94
CA ALA E 225 16.86 -5.86 -13.16
C ALA E 225 16.68 -4.95 -14.39
N ARG E 226 15.78 -3.98 -14.29
CA ARG E 226 15.58 -2.99 -15.36
C ARG E 226 16.87 -2.29 -15.71
N SER E 227 17.60 -1.84 -14.69
CA SER E 227 18.82 -1.05 -14.90
C SER E 227 19.93 -1.82 -15.63
N ALA E 228 20.08 -3.11 -15.30
CA ALA E 228 21.14 -3.92 -15.87
C ALA E 228 20.72 -4.61 -17.17
N ALA E 229 19.42 -4.67 -17.45
CA ALA E 229 18.94 -5.36 -18.64
C ALA E 229 18.76 -4.43 -19.83
N GLN E 230 18.90 -3.12 -19.62
CA GLN E 230 18.81 -2.15 -20.72
C GLN E 230 19.91 -2.49 -21.72
N PRO E 231 19.56 -2.62 -23.01
CA PRO E 231 20.58 -2.91 -24.03
C PRO E 231 21.80 -1.97 -23.96
N GLY E 232 22.98 -2.53 -24.18
CA GLY E 232 24.24 -1.78 -24.11
C GLY E 232 24.85 -1.69 -22.72
N PHE E 233 24.52 -2.66 -21.86
CA PHE E 233 25.07 -2.75 -20.48
C PHE E 233 26.61 -2.83 -20.47
N LYS E 234 27.16 -3.78 -21.22
CA LYS E 234 28.63 -3.97 -21.31
C LYS E 234 29.34 -2.73 -21.79
N ALA E 235 28.73 -2.03 -22.76
CA ALA E 235 29.26 -0.78 -23.28
C ALA E 235 29.28 0.35 -22.24
N ARG E 236 28.23 0.43 -21.41
CA ARG E 236 28.19 1.42 -20.33
C ARG E 236 29.29 1.15 -19.29
N ILE E 237 29.51 -0.14 -18.99
CA ILE E 237 30.57 -0.56 -18.09
C ILE E 237 31.94 -0.15 -18.66
N ARG E 238 32.15 -0.42 -19.95
CA ARG E 238 33.39 -0.05 -20.63
CA ARG E 238 33.39 -0.05 -20.64
C ARG E 238 33.72 1.44 -20.50
N ASP E 239 32.74 2.29 -20.78
CA ASP E 239 32.94 3.74 -20.72
C ASP E 239 33.24 4.21 -19.31
N TYR E 240 32.59 3.59 -18.33
CA TYR E 240 32.88 3.85 -16.94
C TYR E 240 34.32 3.43 -16.60
N LEU E 241 34.70 2.22 -16.97
CA LEU E 241 36.02 1.68 -16.60
C LEU E 241 37.21 2.43 -17.26
N ALA E 242 36.90 3.33 -18.18
CA ALA E 242 37.89 4.20 -18.82
C ALA E 242 38.13 5.52 -18.06
N GLN E 243 37.15 5.94 -17.28
CA GLN E 243 37.12 7.31 -16.76
C GLN E 243 38.31 7.59 -15.87
N PRO E 244 38.72 8.86 -15.80
CA PRO E 244 39.43 9.39 -14.64
C PRO E 244 39.54 8.36 -13.52
N LEU F 3 19.50 -12.48 -37.99
CA LEU F 3 19.59 -12.21 -39.45
C LEU F 3 18.93 -10.87 -39.83
N SER F 4 19.74 -9.92 -40.29
CA SER F 4 19.30 -8.55 -40.60
C SER F 4 18.36 -8.41 -41.78
N ALA F 5 18.42 -9.37 -42.70
CA ALA F 5 17.56 -9.38 -43.88
C ALA F 5 16.14 -9.92 -43.59
N SER F 6 15.99 -10.56 -42.44
CA SER F 6 14.72 -11.13 -42.02
CA SER F 6 14.71 -11.12 -42.05
C SER F 6 13.79 -10.05 -41.46
N LEU F 7 12.50 -10.35 -41.48
CA LEU F 7 11.49 -9.49 -40.89
C LEU F 7 10.64 -10.38 -39.97
N PRO F 8 11.14 -10.63 -38.74
CA PRO F 8 10.36 -11.45 -37.80
C PRO F 8 9.12 -10.71 -37.26
N LEU F 9 9.12 -9.39 -37.38
CA LEU F 9 7.98 -8.56 -36.99
C LEU F 9 7.59 -7.61 -38.11
N ALA F 10 6.39 -7.77 -38.64
CA ALA F 10 5.85 -6.82 -39.63
C ALA F 10 5.03 -5.76 -38.89
N ILE F 11 5.23 -4.50 -39.27
CA ILE F 11 4.46 -3.40 -38.66
C ILE F 11 3.69 -2.63 -39.75
N GLU F 12 2.37 -2.61 -39.63
CA GLU F 12 1.52 -1.82 -40.52
C GLU F 12 1.12 -0.54 -39.80
N ARG F 13 1.41 0.59 -40.40
CA ARG F 13 1.13 1.88 -39.78
C ARG F 13 0.02 2.64 -40.47
N ARG F 14 -1.04 2.95 -39.70
CA ARG F 14 -2.16 3.77 -40.13
C ARG F 14 -2.42 4.87 -39.08
N PRO F 15 -3.12 5.96 -39.46
CA PRO F 15 -3.32 7.05 -38.49
C PRO F 15 -3.94 6.63 -37.15
N ALA F 16 -4.94 5.74 -37.17
CA ALA F 16 -5.61 5.37 -35.93
C ALA F 16 -5.03 4.10 -35.28
N ALA F 17 -4.23 3.35 -36.04
CA ALA F 17 -3.80 2.00 -35.59
C ALA F 17 -2.50 1.52 -36.21
N TRP F 18 -1.64 0.94 -35.37
CA TRP F 18 -0.52 0.14 -35.86
C TRP F 18 -0.82 -1.32 -35.60
N THR F 19 -0.59 -2.15 -36.61
CA THR F 19 -0.72 -3.59 -36.47
C THR F 19 0.67 -4.24 -36.44
N PHE F 20 0.93 -4.94 -35.33
CA PHE F 20 2.15 -5.70 -35.11
C PHE F 20 1.86 -7.15 -35.43
N THR F 21 2.40 -7.64 -36.55
CA THR F 21 2.19 -9.04 -36.91
C THR F 21 3.46 -9.85 -36.67
N LEU F 22 3.42 -10.73 -35.67
CA LEU F 22 4.47 -11.69 -35.42
C LEU F 22 4.58 -12.61 -36.65
N SER F 23 5.79 -12.69 -37.19
CA SER F 23 5.95 -13.20 -38.55
C SER F 23 7.08 -14.22 -38.57
N ARG F 24 6.96 -15.21 -37.70
CA ARG F 24 7.82 -16.39 -37.70
C ARG F 24 6.94 -17.65 -37.81
N PRO F 25 6.19 -17.78 -38.94
CA PRO F 25 5.19 -18.85 -39.01
C PRO F 25 5.77 -20.26 -39.08
N GLU F 26 7.05 -20.40 -39.46
CA GLU F 26 7.72 -21.72 -39.45
C GLU F 26 8.22 -22.09 -38.04
N LYS F 27 8.21 -21.12 -37.14
CA LYS F 27 8.64 -21.31 -35.75
C LYS F 27 7.50 -21.05 -34.75
N ARG F 28 6.25 -21.17 -35.21
CA ARG F 28 5.05 -21.00 -34.37
C ARG F 28 5.05 -19.63 -33.67
N ASN F 29 5.59 -18.63 -34.37
CA ASN F 29 5.80 -17.28 -33.85
C ASN F 29 6.44 -17.21 -32.46
N ALA F 30 7.40 -18.09 -32.22
CA ALA F 30 8.09 -18.13 -30.95
C ALA F 30 8.95 -16.87 -30.80
N LEU F 31 9.11 -16.44 -29.55
CA LEU F 31 9.77 -15.20 -29.22
C LEU F 31 11.27 -15.43 -29.04
N SER F 32 12.00 -15.23 -30.14
CA SER F 32 13.46 -15.13 -30.09
C SER F 32 13.82 -13.79 -29.44
N ALA F 33 15.08 -13.65 -29.02
CA ALA F 33 15.55 -12.35 -28.51
C ALA F 33 15.30 -11.22 -29.51
N GLU F 34 15.57 -11.49 -30.79
CA GLU F 34 15.40 -10.51 -31.87
C GLU F 34 13.93 -10.04 -31.99
N LEU F 35 13.00 -10.99 -31.99
CA LEU F 35 11.57 -10.66 -32.08
C LEU F 35 11.12 -9.82 -30.87
N VAL F 36 11.57 -10.19 -29.66
CA VAL F 36 11.23 -9.43 -28.45
C VAL F 36 11.75 -8.01 -28.56
N GLU F 37 13.01 -7.86 -28.98
CA GLU F 37 13.59 -6.51 -29.16
C GLU F 37 12.86 -5.68 -30.24
N ALA F 38 12.45 -6.32 -31.34
CA ALA F 38 11.65 -5.66 -32.38
C ALA F 38 10.28 -5.17 -31.86
N LEU F 39 9.65 -5.98 -31.03
CA LEU F 39 8.38 -5.64 -30.40
C LEU F 39 8.52 -4.45 -29.44
N ILE F 40 9.56 -4.47 -28.60
CA ILE F 40 9.84 -3.39 -27.68
C ILE F 40 10.10 -2.08 -28.43
N ASP F 41 10.90 -2.14 -29.49
CA ASP F 41 11.21 -0.96 -30.31
C ASP F 41 9.93 -0.38 -30.93
N GLY F 42 9.08 -1.28 -31.42
CA GLY F 42 7.85 -0.90 -32.11
C GLY F 42 6.82 -0.29 -31.19
N VAL F 43 6.64 -0.91 -30.04
CA VAL F 43 5.72 -0.42 -29.01
C VAL F 43 6.20 0.93 -28.48
N ASP F 44 7.52 1.06 -28.26
CA ASP F 44 8.10 2.35 -27.85
C ASP F 44 7.86 3.47 -28.86
N ALA F 45 8.08 3.18 -30.15
CA ALA F 45 7.82 4.14 -31.24
C ALA F 45 6.35 4.56 -31.29
N ALA F 46 5.44 3.59 -31.20
CA ALA F 46 4.01 3.87 -31.14
C ALA F 46 3.64 4.78 -29.95
N HIS F 47 4.26 4.54 -28.80
CA HIS F 47 4.02 5.35 -27.63
CA HIS F 47 4.07 5.36 -27.58
C HIS F 47 4.50 6.79 -27.89
N ARG F 48 5.66 6.95 -28.50
CA ARG F 48 6.15 8.27 -28.86
C ARG F 48 5.21 8.99 -29.83
N GLU F 49 4.60 8.25 -30.74
CA GLU F 49 3.76 8.84 -31.79
C GLU F 49 2.28 8.91 -31.37
N GLN F 50 2.01 8.44 -30.16
CA GLN F 50 0.67 8.42 -29.56
C GLN F 50 -0.38 7.74 -30.44
N VAL F 51 -0.02 6.59 -31.00
CA VAL F 51 -0.92 5.78 -31.84
C VAL F 51 -2.12 5.38 -30.98
N PRO F 52 -3.35 5.67 -31.44
CA PRO F 52 -4.55 5.35 -30.61
C PRO F 52 -4.74 3.85 -30.31
N LEU F 53 -4.52 3.01 -31.32
CA LEU F 53 -4.75 1.58 -31.18
C LEU F 53 -3.53 0.75 -31.59
N LEU F 54 -3.14 -0.21 -30.76
CA LEU F 54 -2.17 -1.23 -31.19
C LEU F 54 -2.85 -2.58 -31.37
N VAL F 55 -2.65 -3.20 -32.53
CA VAL F 55 -3.23 -4.51 -32.82
C VAL F 55 -2.08 -5.53 -32.82
N PHE F 56 -2.26 -6.64 -32.10
CA PHE F 56 -1.27 -7.71 -32.12
C PHE F 56 -1.85 -8.99 -32.77
N ALA F 57 -1.09 -9.56 -33.68
CA ALA F 57 -1.58 -10.71 -34.44
C ALA F 57 -0.39 -11.59 -34.78
N GLY F 58 -0.68 -12.82 -35.19
CA GLY F 58 0.41 -13.72 -35.61
C GLY F 58 0.15 -14.29 -36.99
N ALA F 59 1.17 -14.32 -37.85
CA ALA F 59 1.05 -14.98 -39.17
C ALA F 59 1.07 -16.51 -39.04
N GLY F 60 0.47 -17.20 -40.01
CA GLY F 60 0.51 -18.65 -40.00
C GLY F 60 -0.58 -19.25 -39.13
N ARG F 61 -0.23 -20.33 -38.43
CA ARG F 61 -1.22 -21.13 -37.73
C ARG F 61 -1.55 -20.65 -36.32
N ASN F 62 -0.75 -19.74 -35.75
CA ASN F 62 -1.01 -19.31 -34.37
C ASN F 62 -0.70 -17.85 -34.09
N PHE F 63 -0.94 -17.43 -32.85
CA PHE F 63 -0.58 -16.11 -32.39
C PHE F 63 0.90 -16.14 -31.96
N SER F 64 1.20 -16.94 -30.92
CA SER F 64 2.58 -17.15 -30.48
C SER F 64 2.76 -18.35 -29.53
N ALA F 65 3.81 -19.12 -29.76
CA ALA F 65 4.20 -20.22 -28.87
C ALA F 65 5.11 -19.79 -27.71
N GLY F 66 5.24 -18.47 -27.47
CA GLY F 66 6.10 -17.98 -26.38
C GLY F 66 7.60 -18.16 -26.59
N PHE F 67 8.34 -18.24 -25.49
CA PHE F 67 9.81 -18.29 -25.53
C PHE F 67 10.34 -19.31 -26.57
N ASP F 68 11.19 -18.85 -27.47
CA ASP F 68 11.81 -19.73 -28.45
C ASP F 68 12.93 -20.55 -27.78
N PHE F 69 12.67 -21.85 -27.61
CA PHE F 69 13.67 -22.74 -26.97
C PHE F 69 14.69 -23.33 -27.95
N THR F 70 14.56 -22.98 -29.23
CA THR F 70 15.40 -23.53 -30.32
C THR F 70 16.87 -23.68 -29.95
N ASP F 71 17.54 -22.62 -29.55
CA ASP F 71 18.95 -22.86 -29.23
C ASP F 71 19.31 -22.65 -27.77
N TYR F 72 18.43 -23.13 -26.86
CA TYR F 72 18.58 -22.82 -25.43
C TYR F 72 19.81 -23.52 -24.83
N GLU F 73 20.16 -24.71 -25.36
CA GLU F 73 21.35 -25.43 -24.87
C GLU F 73 22.64 -24.65 -25.09
N THR F 74 22.70 -23.90 -26.19
CA THR F 74 23.89 -23.11 -26.52
C THR F 74 23.91 -21.77 -25.77
N GLN F 75 22.84 -21.47 -25.06
CA GLN F 75 22.75 -20.21 -24.33
C GLN F 75 23.02 -20.45 -22.85
N SER F 76 23.68 -19.48 -22.20
CA SER F 76 23.98 -19.59 -20.79
C SER F 76 22.75 -19.27 -19.95
N GLU F 77 22.81 -19.59 -18.66
CA GLU F 77 21.75 -19.28 -17.69
CA GLU F 77 21.68 -19.31 -17.79
C GLU F 77 21.43 -17.80 -17.71
N GLY F 78 22.49 -16.99 -17.80
CA GLY F 78 22.38 -15.55 -17.88
C GLY F 78 21.68 -15.08 -19.15
N ASP F 79 21.99 -15.70 -20.29
CA ASP F 79 21.35 -15.35 -21.55
C ASP F 79 19.83 -15.60 -21.46
N LEU F 80 19.46 -16.73 -20.87
CA LEU F 80 18.06 -17.09 -20.72
C LEU F 80 17.35 -16.16 -19.75
N LEU F 81 17.99 -15.82 -18.62
CA LEU F 81 17.44 -14.81 -17.68
C LEU F 81 17.17 -13.48 -18.39
N LEU F 82 18.18 -12.98 -19.11
CA LEU F 82 18.04 -11.72 -19.83
C LEU F 82 16.84 -11.74 -20.81
N ARG F 83 16.71 -12.81 -21.59
CA ARG F 83 15.62 -12.92 -22.55
C ARG F 83 14.27 -12.90 -21.83
N MET F 84 14.19 -13.60 -20.71
CA MET F 84 12.95 -13.62 -19.91
C MET F 84 12.62 -12.25 -19.30
N VAL F 85 13.65 -11.55 -18.81
CA VAL F 85 13.48 -10.19 -18.28
C VAL F 85 13.00 -9.22 -19.36
N ARG F 86 13.59 -9.29 -20.56
CA ARG F 86 13.18 -8.44 -21.67
C ARG F 86 11.72 -8.73 -22.11
N ILE F 87 11.34 -10.00 -22.06
CA ILE F 87 9.95 -10.39 -22.27
C ILE F 87 9.03 -9.72 -21.24
N GLU F 88 9.37 -9.81 -19.96
CA GLU F 88 8.52 -9.16 -18.95
C GLU F 88 8.45 -7.63 -19.14
N MET F 89 9.57 -7.01 -19.48
CA MET F 89 9.59 -5.58 -19.82
C MET F 89 8.65 -5.26 -20.99
N LEU F 90 8.70 -6.07 -22.04
CA LEU F 90 7.74 -5.94 -23.16
C LEU F 90 6.29 -6.05 -22.67
N LEU F 91 6.01 -7.08 -21.88
CA LEU F 91 4.63 -7.33 -21.41
C LEU F 91 4.11 -6.14 -20.61
N GLN F 92 4.97 -5.61 -19.75
CA GLN F 92 4.62 -4.44 -18.94
C GLN F 92 4.37 -3.15 -19.75
N ARG F 93 5.16 -2.95 -20.82
CA ARG F 93 4.94 -1.84 -21.77
C ARG F 93 3.57 -1.97 -22.47
N VAL F 94 3.24 -3.18 -22.92
CA VAL F 94 1.95 -3.40 -23.58
C VAL F 94 0.78 -3.24 -22.57
N ALA F 95 0.88 -3.95 -21.43
CA ALA F 95 -0.18 -3.89 -20.39
C ALA F 95 -0.46 -2.46 -19.90
N GLY F 96 0.59 -1.65 -19.79
CA GLY F 96 0.48 -0.27 -19.33
C GLY F 96 0.40 0.79 -20.42
N SER F 97 0.10 0.36 -21.65
CA SER F 97 0.11 1.24 -22.81
C SER F 97 -0.98 2.33 -22.70
N PRO F 98 -0.65 3.58 -23.03
CA PRO F 98 -1.69 4.60 -23.20
C PRO F 98 -2.56 4.37 -24.44
N SER F 99 -2.11 3.56 -25.38
CA SER F 99 -2.95 3.18 -26.52
C SER F 99 -3.96 2.15 -26.04
N LEU F 100 -5.11 2.11 -26.71
CA LEU F 100 -5.94 0.93 -26.62
C LEU F 100 -5.17 -0.23 -27.29
N THR F 101 -5.36 -1.44 -26.78
CA THR F 101 -4.62 -2.59 -27.30
C THR F 101 -5.61 -3.72 -27.59
N LEU F 102 -5.39 -4.37 -28.73
CA LEU F 102 -6.24 -5.46 -29.21
C LEU F 102 -5.37 -6.64 -29.67
N ALA F 103 -5.70 -7.84 -29.22
CA ALA F 103 -4.98 -9.03 -29.64
C ALA F 103 -5.97 -10.02 -30.25
N LEU F 104 -5.53 -10.71 -31.31
CA LEU F 104 -6.37 -11.66 -32.05
C LEU F 104 -5.67 -13.01 -32.14
N ALA F 105 -6.16 -13.97 -31.35
CA ALA F 105 -5.48 -15.26 -31.17
C ALA F 105 -6.12 -16.35 -32.03
N HIS F 106 -5.28 -17.21 -32.58
CA HIS F 106 -5.72 -18.42 -33.24
C HIS F 106 -4.68 -19.52 -32.99
N GLY F 107 -5.04 -20.76 -33.32
CA GLY F 107 -4.12 -21.87 -33.12
C GLY F 107 -3.79 -22.15 -31.66
N ARG F 108 -2.72 -22.91 -31.44
CA ARG F 108 -2.26 -23.31 -30.11
CA ARG F 108 -2.33 -23.26 -30.10
C ARG F 108 -1.23 -22.31 -29.63
N ASN F 109 -1.48 -21.68 -28.48
CA ASN F 109 -0.59 -20.66 -27.95
C ASN F 109 0.00 -21.01 -26.59
N PHE F 110 1.23 -20.58 -26.34
CA PHE F 110 1.94 -21.03 -25.12
C PHE F 110 2.69 -19.91 -24.42
N GLY F 111 2.73 -19.99 -23.09
CA GLY F 111 3.66 -19.22 -22.27
C GLY F 111 3.60 -17.72 -22.50
N ALA F 112 4.76 -17.14 -22.79
CA ALA F 112 4.86 -15.71 -23.03
C ALA F 112 3.95 -15.23 -24.17
N GLY F 113 3.63 -16.13 -25.12
CA GLY F 113 2.63 -15.84 -26.17
C GLY F 113 1.23 -15.58 -25.62
N VAL F 114 0.81 -16.43 -24.69
CA VAL F 114 -0.46 -16.24 -23.96
C VAL F 114 -0.35 -14.98 -23.07
N ASP F 115 0.80 -14.73 -22.49
CA ASP F 115 0.93 -13.49 -21.67
C ASP F 115 0.88 -12.21 -22.51
N LEU F 116 1.45 -12.24 -23.72
CA LEU F 116 1.36 -11.08 -24.63
C LEU F 116 -0.09 -10.78 -25.01
N PHE F 117 -0.83 -11.83 -25.33
CA PHE F 117 -2.28 -11.79 -25.54
C PHE F 117 -2.99 -11.17 -24.30
N ALA F 118 -2.66 -11.70 -23.12
CA ALA F 118 -3.26 -11.26 -21.84
C ALA F 118 -3.01 -9.78 -21.55
N ALA F 119 -1.86 -9.28 -21.99
CA ALA F 119 -1.44 -7.90 -21.75
C ALA F 119 -2.31 -6.90 -22.50
N CYS F 120 -2.98 -7.37 -23.55
CA CYS F 120 -3.89 -6.53 -24.33
C CYS F 120 -5.27 -6.39 -23.70
N LYS F 121 -5.94 -5.27 -23.93
CA LYS F 121 -7.20 -4.94 -23.26
C LYS F 121 -8.39 -5.58 -23.95
N TRP F 122 -8.44 -5.49 -25.28
CA TRP F 122 -9.48 -6.18 -26.07
C TRP F 122 -8.83 -7.48 -26.51
N ARG F 123 -9.42 -8.62 -26.14
CA ARG F 123 -8.86 -9.92 -26.45
CA ARG F 123 -8.87 -9.93 -26.43
C ARG F 123 -9.90 -10.82 -27.11
N TYR F 124 -9.61 -11.25 -28.33
CA TYR F 124 -10.51 -12.13 -29.09
C TYR F 124 -9.75 -13.35 -29.59
N CYS F 125 -10.42 -14.49 -29.70
CA CYS F 125 -9.77 -15.66 -30.27
C CYS F 125 -10.75 -16.43 -31.15
N THR F 126 -10.22 -17.24 -32.05
CA THR F 126 -11.07 -18.13 -32.85
C THR F 126 -11.69 -19.18 -31.94
N PRO F 127 -12.85 -19.75 -32.34
CA PRO F 127 -13.39 -20.88 -31.58
C PRO F 127 -12.48 -22.09 -31.40
N GLU F 128 -11.43 -22.20 -32.22
CA GLU F 128 -10.49 -23.31 -32.13
C GLU F 128 -9.21 -22.99 -31.35
N ALA F 129 -9.08 -21.74 -30.88
CA ALA F 129 -7.81 -21.34 -30.22
C ALA F 129 -7.61 -22.10 -28.91
N GLY F 130 -6.35 -22.37 -28.59
CA GLY F 130 -5.97 -23.01 -27.34
C GLY F 130 -4.90 -22.19 -26.64
N PHE F 131 -4.86 -22.27 -25.32
CA PHE F 131 -3.90 -21.51 -24.50
C PHE F 131 -3.29 -22.41 -23.42
N ARG F 132 -1.97 -22.32 -23.24
CA ARG F 132 -1.32 -22.97 -22.10
C ARG F 132 -0.15 -22.15 -21.57
N MET F 133 -0.08 -21.94 -20.25
CA MET F 133 1.07 -21.29 -19.59
C MET F 133 1.68 -22.38 -18.73
N PRO F 134 2.65 -23.15 -19.30
CA PRO F 134 3.22 -24.31 -18.61
C PRO F 134 4.47 -24.01 -17.78
N GLY F 135 4.93 -22.75 -17.81
CA GLY F 135 6.21 -22.38 -17.23
C GLY F 135 6.44 -22.72 -15.77
N LEU F 136 5.35 -22.81 -14.99
CA LEU F 136 5.48 -23.18 -13.58
C LEU F 136 6.07 -24.59 -13.39
N LYS F 137 5.87 -25.47 -14.38
CA LYS F 137 6.50 -26.81 -14.43
C LYS F 137 8.02 -26.76 -14.35
N PHE F 138 8.62 -25.67 -14.85
CA PHE F 138 10.06 -25.46 -14.66
C PHE F 138 10.39 -24.26 -13.76
N GLY F 139 9.42 -23.87 -12.94
CA GLY F 139 9.67 -22.86 -11.93
C GLY F 139 9.50 -21.42 -12.37
N LEU F 140 9.16 -21.20 -13.65
CA LEU F 140 8.99 -19.84 -14.18
C LEU F 140 7.72 -19.17 -13.64
N VAL F 141 7.87 -17.95 -13.13
CA VAL F 141 6.75 -17.15 -12.64
C VAL F 141 6.58 -15.92 -13.54
N LEU F 142 5.78 -16.08 -14.59
CA LEU F 142 5.68 -15.07 -15.63
C LEU F 142 4.21 -14.81 -15.95
N GLY F 143 3.76 -13.55 -15.87
CA GLY F 143 2.37 -13.18 -16.22
C GLY F 143 1.33 -13.56 -15.17
N THR F 144 1.78 -14.15 -14.07
CA THR F 144 0.91 -14.76 -13.05
C THR F 144 -0.15 -13.81 -12.49
N ARG F 145 0.31 -12.66 -11.98
CA ARG F 145 -0.61 -11.69 -11.42
C ARG F 145 -1.53 -11.02 -12.43
N ARG F 146 -1.05 -10.75 -13.64
CA ARG F 146 -1.90 -10.17 -14.67
C ARG F 146 -3.01 -11.15 -15.06
N PHE F 147 -2.67 -12.44 -15.12
CA PHE F 147 -3.68 -13.47 -15.43
C PHE F 147 -4.76 -13.54 -14.34
N ARG F 148 -4.31 -13.61 -13.08
CA ARG F 148 -5.17 -13.55 -11.90
C ARG F 148 -6.15 -12.36 -11.97
N ASP F 149 -5.62 -11.17 -12.27
CA ASP F 149 -6.42 -9.94 -12.37
C ASP F 149 -7.54 -10.05 -13.40
N ILE F 150 -7.29 -10.75 -14.50
CA ILE F 150 -8.29 -10.94 -15.53
C ILE F 150 -9.34 -11.98 -15.11
N VAL F 151 -8.88 -13.18 -14.76
CA VAL F 151 -9.80 -14.33 -14.56
C VAL F 151 -10.23 -14.58 -13.09
N GLY F 152 -9.57 -13.91 -12.14
CA GLY F 152 -9.88 -14.08 -10.71
C GLY F 152 -8.94 -15.13 -10.11
N ALA F 153 -8.67 -15.02 -8.81
CA ALA F 153 -7.74 -15.94 -8.13
C ALA F 153 -8.16 -17.41 -8.21
N ASP F 154 -9.48 -17.65 -8.16
CA ASP F 154 -10.03 -19.00 -8.21
C ASP F 154 -9.70 -19.67 -9.55
N GLN F 155 -10.12 -19.06 -10.67
CA GLN F 155 -9.81 -19.62 -11.99
C GLN F 155 -8.31 -19.66 -12.31
N ALA F 156 -7.57 -18.66 -11.83
CA ALA F 156 -6.12 -18.63 -12.04
C ALA F 156 -5.48 -19.81 -11.36
N LEU F 157 -5.90 -20.11 -10.13
CA LEU F 157 -5.37 -21.28 -9.44
C LEU F 157 -5.72 -22.60 -10.18
N SER F 158 -6.95 -22.72 -10.64
CA SER F 158 -7.38 -23.91 -11.38
CA SER F 158 -7.36 -23.92 -11.35
C SER F 158 -6.50 -24.16 -12.60
N ILE F 159 -6.18 -23.11 -13.35
CA ILE F 159 -5.33 -23.22 -14.55
C ILE F 159 -3.84 -23.29 -14.25
N LEU F 160 -3.31 -22.32 -13.52
CA LEU F 160 -1.86 -22.25 -13.30
C LEU F 160 -1.37 -23.32 -12.32
N GLY F 161 -2.20 -23.68 -11.34
CA GLY F 161 -1.81 -24.69 -10.34
C GLY F 161 -1.52 -26.05 -10.95
N SER F 162 -2.22 -26.36 -12.05
CA SER F 162 -2.01 -27.59 -12.81
C SER F 162 -1.13 -27.35 -14.04
N ALA F 163 -0.73 -26.09 -14.27
CA ALA F 163 -0.02 -25.67 -15.50
C ALA F 163 -0.68 -26.25 -16.75
N ARG F 164 -2.01 -26.13 -16.81
CA ARG F 164 -2.79 -26.84 -17.81
C ARG F 164 -3.28 -25.95 -18.95
N ALA F 165 -3.57 -26.61 -20.08
CA ALA F 165 -4.20 -25.97 -21.22
C ALA F 165 -5.64 -25.57 -20.93
N PHE F 166 -6.14 -24.58 -21.66
CA PHE F 166 -7.56 -24.25 -21.69
C PHE F 166 -7.98 -23.81 -23.09
N ASP F 167 -9.20 -24.18 -23.49
CA ASP F 167 -9.65 -23.91 -24.84
C ASP F 167 -10.41 -22.60 -24.93
N ALA F 168 -10.93 -22.30 -26.12
CA ALA F 168 -11.63 -21.02 -26.35
C ALA F 168 -12.91 -20.89 -25.53
N ASP F 169 -13.65 -21.99 -25.35
CA ASP F 169 -14.89 -21.96 -24.58
C ASP F 169 -14.61 -21.59 -23.14
N GLU F 170 -13.59 -22.21 -22.57
CA GLU F 170 -13.19 -21.95 -21.20
C GLU F 170 -12.69 -20.50 -21.11
N ALA F 171 -11.85 -20.09 -22.06
CA ALA F 171 -11.35 -18.71 -22.13
C ALA F 171 -12.46 -17.66 -22.11
N ARG F 172 -13.51 -17.88 -22.91
CA ARG F 172 -14.69 -17.02 -22.90
C ARG F 172 -15.41 -17.01 -21.56
N ARG F 173 -15.66 -18.20 -21.03
CA ARG F 173 -16.36 -18.43 -19.76
CA ARG F 173 -16.39 -18.38 -19.76
C ARG F 173 -15.72 -17.64 -18.59
N ILE F 174 -14.40 -17.72 -18.51
CA ILE F 174 -13.63 -17.10 -17.40
C ILE F 174 -13.26 -15.61 -17.62
N GLY F 175 -13.66 -15.06 -18.76
CA GLY F 175 -13.40 -13.65 -19.08
C GLY F 175 -12.00 -13.38 -19.64
N PHE F 176 -11.28 -14.44 -19.96
CA PHE F 176 -10.00 -14.29 -20.64
C PHE F 176 -10.12 -13.69 -22.06
N VAL F 177 -11.19 -14.04 -22.78
CA VAL F 177 -11.46 -13.35 -24.05
C VAL F 177 -12.81 -12.67 -23.96
N ARG F 178 -12.94 -11.53 -24.67
CA ARG F 178 -14.20 -10.80 -24.80
C ARG F 178 -15.25 -11.71 -25.45
N ASP F 179 -14.85 -12.35 -26.54
CA ASP F 179 -15.71 -13.26 -27.26
C ASP F 179 -14.83 -14.11 -28.16
N CYS F 180 -15.42 -15.19 -28.67
CA CYS F 180 -14.82 -15.95 -29.75
C CYS F 180 -15.29 -15.32 -31.05
N ALA F 181 -14.36 -15.12 -31.97
CA ALA F 181 -14.68 -14.58 -33.27
C ALA F 181 -13.76 -15.26 -34.28
N ALA F 182 -14.35 -15.85 -35.33
CA ALA F 182 -13.56 -16.36 -36.45
C ALA F 182 -12.82 -15.23 -37.19
N GLN F 183 -11.80 -15.58 -37.98
CA GLN F 183 -10.96 -14.58 -38.64
C GLN F 183 -11.73 -13.66 -39.61
N ALA F 184 -12.84 -14.14 -40.19
CA ALA F 184 -13.64 -13.29 -41.08
C ALA F 184 -14.19 -12.02 -40.38
N GLN F 185 -14.38 -12.10 -39.07
CA GLN F 185 -14.94 -11.00 -38.29
CA GLN F 185 -14.94 -11.02 -38.25
C GLN F 185 -13.88 -10.01 -37.78
N TRP F 186 -12.61 -10.38 -37.91
CA TRP F 186 -11.47 -9.58 -37.40
C TRP F 186 -11.28 -8.16 -38.00
N PRO F 187 -11.43 -7.99 -39.34
CA PRO F 187 -11.37 -6.60 -39.82
C PRO F 187 -12.40 -5.65 -39.18
N ALA F 188 -13.62 -6.11 -39.01
CA ALA F 188 -14.67 -5.32 -38.35
C ALA F 188 -14.37 -5.03 -36.87
N LEU F 189 -13.80 -6.02 -36.16
CA LEU F 189 -13.34 -5.83 -34.79
C LEU F 189 -12.25 -4.76 -34.68
N ILE F 190 -11.29 -4.79 -35.61
CA ILE F 190 -10.21 -3.80 -35.63
C ILE F 190 -10.79 -2.39 -35.89
N ASP F 191 -11.71 -2.29 -36.84
CA ASP F 191 -12.39 -1.02 -37.10
C ASP F 191 -13.12 -0.51 -35.85
N ALA F 192 -13.85 -1.39 -35.18
CA ALA F 192 -14.57 -1.04 -33.92
C ALA F 192 -13.58 -0.59 -32.83
N ALA F 193 -12.44 -1.28 -32.74
CA ALA F 193 -11.40 -0.95 -31.77
C ALA F 193 -10.78 0.41 -32.05
N ALA F 194 -10.52 0.69 -33.33
CA ALA F 194 -9.94 2.00 -33.78
C ALA F 194 -10.89 3.15 -33.44
N GLU F 195 -12.19 2.93 -33.66
CA GLU F 195 -13.23 3.89 -33.29
C GLU F 195 -13.31 4.11 -31.76
N ALA F 196 -13.25 3.04 -30.99
CA ALA F 196 -13.27 3.11 -29.52
C ALA F 196 -12.02 3.86 -29.05
N ALA F 197 -10.88 3.60 -29.68
CA ALA F 197 -9.61 4.17 -29.26
C ALA F 197 -9.58 5.67 -29.48
N THR F 198 -10.19 6.11 -30.58
CA THR F 198 -10.21 7.51 -30.97
C THR F 198 -11.43 8.27 -30.41
N ALA F 199 -12.28 7.59 -29.63
CA ALA F 199 -13.45 8.24 -29.01
C ALA F 199 -13.04 9.35 -28.00
N LEU F 200 -11.82 9.25 -27.46
CA LEU F 200 -11.32 10.21 -26.48
C LEU F 200 -10.02 10.81 -26.97
N ASP F 201 -9.66 11.97 -26.43
CA ASP F 201 -8.40 12.56 -26.86
C ASP F 201 -7.20 11.83 -26.20
N PRO F 202 -6.00 11.92 -26.79
CA PRO F 202 -4.85 11.14 -26.30
C PRO F 202 -4.61 11.24 -24.80
N ALA F 203 -4.66 12.45 -24.24
CA ALA F 203 -4.37 12.64 -22.82
C ALA F 203 -5.42 11.95 -21.94
N THR F 204 -6.69 12.06 -22.33
CA THR F 204 -7.77 11.46 -21.55
C THR F 204 -7.78 9.95 -21.68
N ARG F 205 -7.48 9.44 -22.88
CA ARG F 205 -7.32 8.00 -23.08
C ARG F 205 -6.23 7.44 -22.14
N ALA F 206 -5.10 8.11 -22.08
CA ALA F 206 -3.97 7.69 -21.25
C ALA F 206 -4.34 7.68 -19.77
N THR F 207 -5.03 8.73 -19.33
CA THR F 207 -5.50 8.85 -17.96
C THR F 207 -6.50 7.73 -17.59
N LEU F 208 -7.49 7.49 -18.44
CA LEU F 208 -8.43 6.39 -18.23
C LEU F 208 -7.72 5.04 -18.01
N HIS F 209 -6.77 4.73 -18.88
CA HIS F 209 -6.01 3.47 -18.76
C HIS F 209 -5.24 3.36 -17.45
N ARG F 210 -4.55 4.45 -17.12
CA ARG F 210 -3.80 4.59 -15.86
CA ARG F 210 -3.79 4.58 -15.87
C ARG F 210 -4.70 4.36 -14.65
N VAL F 211 -5.82 5.06 -14.62
CA VAL F 211 -6.78 4.99 -13.53
C VAL F 211 -7.39 3.58 -13.42
N LEU F 212 -7.68 2.95 -14.55
CA LEU F 212 -8.29 1.60 -14.50
C LEU F 212 -7.37 0.47 -14.08
N ARG F 213 -6.08 0.55 -14.44
CA ARG F 213 -5.11 -0.52 -14.26
CA ARG F 213 -5.15 -0.56 -14.25
C ARG F 213 -4.71 -0.78 -12.80
N ASP F 214 -4.53 -2.05 -12.46
CA ASP F 214 -3.93 -2.49 -11.18
C ASP F 214 -2.43 -2.68 -11.42
N ASP F 215 -1.63 -1.69 -11.00
CA ASP F 215 -0.20 -1.71 -11.29
C ASP F 215 0.57 -2.46 -10.21
N HIS F 216 1.05 -3.65 -10.57
CA HIS F 216 1.99 -4.39 -9.72
C HIS F 216 3.24 -4.77 -10.52
N ASP F 217 3.70 -3.84 -11.38
CA ASP F 217 4.85 -4.06 -12.28
C ASP F 217 6.12 -4.47 -11.55
N ASP F 218 6.47 -3.76 -10.47
CA ASP F 218 7.67 -4.13 -9.69
C ASP F 218 7.58 -5.53 -9.07
N ALA F 219 6.47 -5.84 -8.40
CA ALA F 219 6.26 -7.20 -7.86
C ALA F 219 6.37 -8.27 -8.96
N ASP F 220 5.79 -7.99 -10.13
CA ASP F 220 5.81 -8.90 -11.28
C ASP F 220 7.22 -9.13 -11.82
N LEU F 221 7.98 -8.05 -11.96
CA LEU F 221 9.32 -8.19 -12.50
C LEU F 221 10.24 -8.89 -11.48
N ALA F 222 10.12 -8.52 -10.19
CA ALA F 222 10.86 -9.21 -9.11
C ALA F 222 10.60 -10.71 -9.10
N ALA F 223 9.33 -11.09 -9.14
CA ALA F 223 8.95 -12.52 -9.15
C ALA F 223 9.52 -13.25 -10.35
N LEU F 224 9.46 -12.62 -11.52
CA LEU F 224 10.04 -13.20 -12.72
CA LEU F 224 10.05 -13.24 -12.72
C LEU F 224 11.56 -13.39 -12.59
N ALA F 225 12.26 -12.32 -12.21
CA ALA F 225 13.72 -12.36 -12.06
C ALA F 225 14.19 -13.43 -11.06
N ARG F 226 13.55 -13.49 -9.89
CA ARG F 226 13.84 -14.56 -8.93
C ARG F 226 13.66 -15.94 -9.51
N SER F 227 12.52 -16.17 -10.16
CA SER F 227 12.20 -17.50 -10.68
C SER F 227 13.19 -17.97 -11.75
N ALA F 228 13.61 -17.07 -12.63
CA ALA F 228 14.49 -17.43 -13.73
C ALA F 228 15.98 -17.34 -13.33
N ALA F 229 16.26 -16.71 -12.18
CA ALA F 229 17.64 -16.63 -11.68
C ALA F 229 18.04 -17.76 -10.69
N GLN F 230 17.09 -18.60 -10.31
CA GLN F 230 17.38 -19.75 -9.44
C GLN F 230 18.39 -20.65 -10.15
N PRO F 231 19.52 -21.00 -9.48
CA PRO F 231 20.47 -21.95 -10.06
C PRO F 231 19.77 -23.22 -10.55
N GLY F 232 20.17 -23.72 -11.72
CA GLY F 232 19.53 -24.92 -12.26
C GLY F 232 18.36 -24.70 -13.20
N PHE F 233 18.17 -23.45 -13.63
CA PHE F 233 17.06 -23.06 -14.54
C PHE F 233 17.03 -23.84 -15.86
N LYS F 234 18.18 -23.88 -16.51
CA LYS F 234 18.37 -24.61 -17.74
C LYS F 234 18.05 -26.11 -17.58
N ALA F 235 18.51 -26.72 -16.48
CA ALA F 235 18.20 -28.12 -16.18
C ALA F 235 16.72 -28.35 -15.99
N ARG F 236 16.03 -27.40 -15.32
CA ARG F 236 14.58 -27.46 -15.14
CA ARG F 236 14.59 -27.53 -15.16
C ARG F 236 13.85 -27.41 -16.49
N ILE F 237 14.36 -26.56 -17.38
CA ILE F 237 13.83 -26.41 -18.74
C ILE F 237 14.03 -27.72 -19.51
N ARG F 238 15.25 -28.25 -19.44
CA ARG F 238 15.59 -29.54 -20.07
C ARG F 238 14.65 -30.66 -19.67
N ASP F 239 14.38 -30.77 -18.37
CA ASP F 239 13.49 -31.80 -17.84
CA ASP F 239 13.49 -31.80 -17.81
C ASP F 239 12.06 -31.63 -18.31
N TYR F 240 11.58 -30.38 -18.33
CA TYR F 240 10.24 -30.07 -18.84
C TYR F 240 10.10 -30.43 -20.32
N LEU F 241 11.11 -30.09 -21.13
CA LEU F 241 11.05 -30.35 -22.57
C LEU F 241 11.16 -31.82 -22.92
N ALA F 242 11.71 -32.61 -22.00
CA ALA F 242 11.80 -34.06 -22.14
C ALA F 242 10.48 -34.77 -21.79
N GLN F 243 9.57 -34.09 -21.09
CA GLN F 243 8.27 -34.65 -20.71
C GLN F 243 7.38 -34.97 -21.92
N PRO F 244 6.87 -36.21 -22.01
CA PRO F 244 6.08 -36.64 -23.17
C PRO F 244 4.58 -36.33 -22.99
CL CL G . -19.69 -15.64 12.28
CL CL H . -18.33 -19.25 15.28
CL CL I . -11.40 -2.94 13.06
CL CL J . 9.07 -13.79 -5.66
CL CL K . -18.56 -35.96 19.86
CL CL L . -13.06 -24.94 25.08
CL CL M . -3.12 -6.44 6.45
C1 GOL N . -22.70 -25.53 20.95
O1 GOL N . -22.18 -24.25 20.64
C2 GOL N . -22.08 -26.56 20.01
O2 GOL N . -22.34 -26.20 18.65
C3 GOL N . -22.54 -27.98 20.33
O3 GOL N . -23.60 -28.37 19.49
CL CL O . -26.19 -32.79 3.57
C1 GOL P . -25.30 -22.24 15.61
O1 GOL P . -26.13 -22.88 16.55
C2 GOL P . -24.35 -21.27 16.29
O2 GOL P . -24.63 -19.92 15.96
C3 GOL P . -24.39 -21.45 17.80
O3 GOL P . -23.51 -22.49 18.14
CL CL Q . -0.16 30.43 0.34
CL CL R . 0.42 27.44 4.20
CL CL S . 12.85 0.98 -12.07
CL CL T . 4.32 43.42 -9.05
CL CL U . 17.71 38.10 3.31
CL CL V . -5.09 35.86 -9.82
CL CL W . 21.09 31.42 15.58
C1 GOL X . -0.92 40.00 -1.29
O1 GOL X . -1.02 38.64 -0.89
C2 GOL X . 0.55 40.40 -1.51
O2 GOL X . 1.37 39.35 -1.02
C3 GOL X . 0.82 41.68 -0.71
O3 GOL X . 1.89 42.42 -1.26
C1 GOL Y . 0.97 35.61 4.26
O1 GOL Y . -0.22 34.87 4.44
C2 GOL Y . 0.73 37.07 4.56
O2 GOL Y . 1.93 37.80 4.39
C3 GOL Y . -0.33 37.65 3.63
O3 GOL Y . -0.21 37.06 2.36
C1 GOL Z . 8.03 36.03 9.63
O1 GOL Z . 6.64 35.78 9.70
C2 GOL Z . 8.74 34.83 9.00
O2 GOL Z . 10.03 34.68 9.55
C3 GOL Z . 8.87 35.03 7.51
O3 GOL Z . 8.08 34.08 6.82
CL CL AA . 7.69 -3.98 27.05
CL CL BA . 4.08 -3.90 30.42
CL CL CA . -8.19 14.91 3.59
CL CL DA . 12.83 11.80 38.83
CL CL EA . -1.97 2.87 45.20
CL CL FA . -6.40 -6.35 36.76
C1 GOL GA . 3.10 -3.13 40.90
O1 GOL GA . 3.93 -2.80 41.99
C2 GOL GA . 3.91 -4.02 39.96
O2 GOL GA . 4.32 -3.28 38.83
C3 GOL GA . 3.09 -5.23 39.53
O3 GOL GA . 3.62 -5.69 38.31
C1 GOL HA . 8.92 -4.49 36.84
O1 GOL HA . 8.92 -3.11 37.10
C2 GOL HA . 7.78 -4.84 35.91
O2 GOL HA . 6.77 -5.49 36.65
C3 GOL HA . 8.28 -5.77 34.79
O3 GOL HA . 9.06 -5.03 33.86
CL CL IA . -19.50 11.17 -16.73
CL CL JA . -22.14 14.98 -14.79
CL CL KA . -38.38 4.15 -16.88
CL CL LA . -25.41 25.91 -9.90
CL CL MA . -4.87 11.57 -12.15
C1 GOL NA . -31.22 20.61 -17.53
O1 GOL NA . -31.96 19.62 -18.21
C2 GOL NA . -29.77 20.14 -17.35
O2 GOL NA . -29.67 18.74 -17.34
C3 GOL NA . -28.87 20.70 -18.43
O3 GOL NA . -27.55 20.29 -18.13
CL CL OA . -37.77 21.49 -11.53
CL CL PA . -13.35 31.42 -16.36
C1 GOL QA . -24.69 16.09 -20.73
O1 GOL QA . -24.37 14.75 -21.01
C2 GOL QA . -26.21 16.33 -20.69
O2 GOL QA . -26.54 17.16 -19.61
C3 GOL QA . -26.98 15.02 -20.58
O3 GOL QA . -28.06 15.11 -21.48
CL CL RA . -6.49 6.42 -2.43
CL CL SA . -14.20 29.22 -22.47
CL CL TA . 29.77 -3.26 -7.96
CL CL UA . 27.45 1.09 -6.95
CL CL VA . 42.06 0.73 6.79
CL CL WA . 8.46 -3.51 -2.87
CL CL XA . 3.11 -10.75 13.84
CL CL YA . 32.56 -14.62 -12.51
C1 GOL ZA . 39.94 -6.91 -9.13
O1 GOL ZA . 40.88 -6.25 -8.32
C2 GOL ZA . 38.90 -5.88 -9.55
O2 GOL ZA . 37.99 -5.70 -8.50
C3 GOL ZA . 38.19 -6.25 -10.83
O3 GOL ZA . 37.07 -5.41 -10.98
C1 GOL AB . 35.28 -0.08 -8.88
O1 GOL AB . 34.33 0.76 -9.49
C2 GOL AB . 36.21 -0.68 -9.94
O2 GOL AB . 36.27 -2.07 -9.77
C3 GOL AB . 37.61 -0.08 -9.79
O3 GOL AB . 38.05 -0.26 -8.46
CL CL BB . 43.05 -13.87 -4.19
CL CL CB . 29.82 -18.65 20.29
CL CL DB . 4.48 -19.90 -18.75
CL CL EB . 7.35 -18.81 -22.57
CL CL FB . 9.72 -18.58 -39.57
C1 GOL GB . 10.75 -23.73 -30.06
O1 GOL GB . 10.53 -23.42 -28.69
C2 GOL GB . 9.81 -22.89 -30.91
O2 GOL GB . 8.51 -22.93 -30.36
C3 GOL GB . 9.81 -23.35 -32.36
O3 GOL GB . 8.61 -24.04 -32.65
CL CL HB . 17.43 -15.84 -29.31
C1 GOL IB . 5.41 -25.45 -24.71
O1 GOL IB . 6.35 -25.23 -23.68
C2 GOL IB . 6.00 -25.01 -26.05
O2 GOL IB . 5.45 -25.79 -27.10
C3 GOL IB . 7.50 -25.23 -26.01
O3 GOL IB . 8.09 -24.33 -26.90
CL CL JB . 4.55 -3.62 -7.40
#